data_5QRZ
# 
_entry.id   5QRZ 
# 
_audit_conform.dict_name       mmcif_pdbx.dic 
_audit_conform.dict_version    5.387 
_audit_conform.dict_location   http://mmcif.pdb.org/dictionaries/ascii/mmcif_pdbx.dic 
# 
loop_
_database_2.database_id 
_database_2.database_code 
_database_2.pdbx_database_accession 
_database_2.pdbx_DOI 
PDB   5QRZ         pdb_00005qrz 10.2210/pdb5qrz/pdb 
WWPDB D_1001402332 ?            ?                   
# 
loop_
_pdbx_audit_revision_history.ordinal 
_pdbx_audit_revision_history.data_content_type 
_pdbx_audit_revision_history.major_revision 
_pdbx_audit_revision_history.minor_revision 
_pdbx_audit_revision_history.revision_date 
1 'Structure model' 1 0 2019-07-10 
2 'Structure model' 1 1 2019-08-07 
3 'Structure model' 1 2 2024-03-06 
# 
_pdbx_audit_revision_details.ordinal             1 
_pdbx_audit_revision_details.revision_ordinal    1 
_pdbx_audit_revision_details.data_content_type   'Structure model' 
_pdbx_audit_revision_details.provider            repository 
_pdbx_audit_revision_details.type                'Initial release' 
_pdbx_audit_revision_details.description         ? 
_pdbx_audit_revision_details.details             ? 
# 
loop_
_pdbx_audit_revision_group.ordinal 
_pdbx_audit_revision_group.revision_ordinal 
_pdbx_audit_revision_group.data_content_type 
_pdbx_audit_revision_group.group 
1 2 'Structure model' 'Author supporting evidence' 
2 2 'Structure model' 'Data collection'            
3 2 'Structure model' 'Structure summary'          
4 3 'Structure model' 'Data collection'            
5 3 'Structure model' 'Database references'        
6 3 'Structure model' 'Derived calculations'       
# 
loop_
_pdbx_audit_revision_category.ordinal 
_pdbx_audit_revision_category.revision_ordinal 
_pdbx_audit_revision_category.data_content_type 
_pdbx_audit_revision_category.category 
1 2 'Structure model' pdbx_entity_instance_feature 
2 2 'Structure model' pdbx_entry_details           
3 3 'Structure model' chem_comp_atom               
4 3 'Structure model' chem_comp_bond               
5 3 'Structure model' database_2                   
6 3 'Structure model' pdbx_struct_conn_angle       
7 3 'Structure model' struct_conn                  
# 
loop_
_pdbx_audit_revision_item.ordinal 
_pdbx_audit_revision_item.revision_ordinal 
_pdbx_audit_revision_item.data_content_type 
_pdbx_audit_revision_item.item 
1  3 'Structure model' '_database_2.pdbx_DOI'                        
2  3 'Structure model' '_database_2.pdbx_database_accession'         
3  3 'Structure model' '_pdbx_struct_conn_angle.ptnr1_auth_comp_id'  
4  3 'Structure model' '_pdbx_struct_conn_angle.ptnr1_auth_seq_id'   
5  3 'Structure model' '_pdbx_struct_conn_angle.ptnr1_label_alt_id'  
6  3 'Structure model' '_pdbx_struct_conn_angle.ptnr1_label_asym_id' 
7  3 'Structure model' '_pdbx_struct_conn_angle.ptnr1_label_atom_id' 
8  3 'Structure model' '_pdbx_struct_conn_angle.ptnr1_label_comp_id' 
9  3 'Structure model' '_pdbx_struct_conn_angle.ptnr1_label_seq_id'  
10 3 'Structure model' '_pdbx_struct_conn_angle.ptnr1_symmetry'      
11 3 'Structure model' '_pdbx_struct_conn_angle.ptnr2_auth_seq_id'   
12 3 'Structure model' '_pdbx_struct_conn_angle.ptnr2_label_asym_id' 
13 3 'Structure model' '_pdbx_struct_conn_angle.ptnr3_auth_comp_id'  
14 3 'Structure model' '_pdbx_struct_conn_angle.ptnr3_auth_seq_id'   
15 3 'Structure model' '_pdbx_struct_conn_angle.ptnr3_label_alt_id'  
16 3 'Structure model' '_pdbx_struct_conn_angle.ptnr3_label_asym_id' 
17 3 'Structure model' '_pdbx_struct_conn_angle.ptnr3_label_atom_id' 
18 3 'Structure model' '_pdbx_struct_conn_angle.ptnr3_label_comp_id' 
19 3 'Structure model' '_pdbx_struct_conn_angle.ptnr3_label_seq_id'  
20 3 'Structure model' '_pdbx_struct_conn_angle.ptnr3_symmetry'      
21 3 'Structure model' '_pdbx_struct_conn_angle.value'               
22 3 'Structure model' '_struct_conn.pdbx_dist_value'                
23 3 'Structure model' '_struct_conn.pdbx_ptnr1_label_alt_id'        
24 3 'Structure model' '_struct_conn.ptnr1_auth_comp_id'             
25 3 'Structure model' '_struct_conn.ptnr1_auth_seq_id'              
26 3 'Structure model' '_struct_conn.ptnr1_label_asym_id'            
27 3 'Structure model' '_struct_conn.ptnr1_label_atom_id'            
28 3 'Structure model' '_struct_conn.ptnr1_label_comp_id'            
29 3 'Structure model' '_struct_conn.ptnr1_label_seq_id'             
30 3 'Structure model' '_struct_conn.ptnr2_auth_comp_id'             
31 3 'Structure model' '_struct_conn.ptnr2_auth_seq_id'              
32 3 'Structure model' '_struct_conn.ptnr2_label_asym_id'            
33 3 'Structure model' '_struct_conn.ptnr2_label_atom_id'            
34 3 'Structure model' '_struct_conn.ptnr2_label_comp_id'            
35 3 'Structure model' '_struct_conn.ptnr2_symmetry'                 
# 
_pdbx_database_status.entry_id                        5QRZ 
_pdbx_database_status.status_code                     REL 
_pdbx_database_status.status_code_sf                  REL 
_pdbx_database_status.status_code_mr                  ? 
_pdbx_database_status.status_code_cs                  ? 
_pdbx_database_status.recvd_initial_deposition_date   2019-05-25 
_pdbx_database_status.deposit_site                    RCSB 
_pdbx_database_status.process_site                    RCSB 
_pdbx_database_status.SG_entry                        ? 
_pdbx_database_status.pdb_format_compatible           Y 
_pdbx_database_status.methods_development_category    ? 
_pdbx_database_status.status_code_nmr_data            ? 
# 
loop_
_audit_author.name 
_audit_author.pdbx_ordinal 
'Newman, J.A.'        1  
'Gavard, A.E.'        2  
'Fernandez-Cid, A.'   3  
'Sherestha, L.'       4  
'Burgess-Brown, N.A.' 5  
'von Delft, F.'       6  
'Arrowsmith, C.H.'    7  
'Edwards, A.'         8  
'Bountra, C.'         9  
'Gileadi, O.'         10 
# 
_citation.id                        primary 
_citation.title                     'PanDDA analysis group deposition' 
_citation.journal_abbrev            'To Be Published' 
_citation.journal_volume            ? 
_citation.page_first                ? 
_citation.page_last                 ? 
_citation.year                      ? 
_citation.journal_id_ASTM           ? 
_citation.country                   ? 
_citation.journal_id_ISSN           ? 
_citation.journal_id_CSD            0353 
_citation.book_publisher            ? 
_citation.pdbx_database_id_PubMed   ? 
_citation.pdbx_database_id_DOI      ? 
# 
loop_
_citation_author.citation_id 
_citation_author.name 
_citation_author.identifier_ORCID 
_citation_author.ordinal 
primary 'Newman, J.A.'        ? 1  
primary 'Gavard, A.E.'        ? 2  
primary 'Fernandez-Cid, A.'   ? 3  
primary 'Sherestha, L.'       ? 4  
primary 'Burgess-Brown, N.A.' ? 5  
primary 'von Delft, F.'       ? 6  
primary 'Arrowsmith, C.H.'    ? 7  
primary 'Edwards, A.'         ? 8  
primary 'Bountra, C.'         ? 9  
primary 'Gileadi, O.'         ? 10 
# 
loop_
_entity.id 
_entity.type 
_entity.src_method 
_entity.pdbx_description 
_entity.formula_weight 
_entity.pdbx_number_of_molecules 
_entity.pdbx_ec 
_entity.pdbx_mutation 
_entity.pdbx_fragment 
_entity.details 
1 polymer     man 'T-box transcription factor T'                                    19597.586 1  ? ? ? ? 
2 non-polymer syn 'CADMIUM ION'                                                     112.411   5  ? ? ? ? 
3 non-polymer syn '(5R)-N,N-dimethyl-2,9-dioxa-6-azaspiro[4.5]decane-6-carboxamide' 214.262   1  ? ? ? ? 
4 water       nat water                                                             18.015    71 ? ? ? ? 
# 
_entity_name_com.entity_id   1 
_entity_name_com.name        'Brachyury protein,Protein T' 
# 
_entity_poly.entity_id                      1 
_entity_poly.type                           'polypeptide(L)' 
_entity_poly.nstd_linkage                   no 
_entity_poly.nstd_monomer                   no 
_entity_poly.pdbx_seq_one_letter_code       
;GELRVGLEESELWLRFKELTNEMIVTKNGRRMFPVLKVNVSGLDPNAMYSFLLDFVAADNHRWKYVNGEWVPGGKPEPQA
PSCVYIHPDSPNFGAHWMKAPVSFSKVKLTNKLNGGGQIMLNSLHKYEPRIHIVRVGGPQRMITSHCFPETQFIAVTAYQ
NEEITALKIKYN
;
_entity_poly.pdbx_seq_one_letter_code_can   
;GELRVGLEESELWLRFKELTNEMIVTKNGRRMFPVLKVNVSGLDPNAMYSFLLDFVAADNHRWKYVNGEWVPGGKPEPQA
PSCVYIHPDSPNFGAHWMKAPVSFSKVKLTNKLNGGGQIMLNSLHKYEPRIHIVRVGGPQRMITSHCFPETQFIAVTAYQ
NEEITALKIKYN
;
_entity_poly.pdbx_strand_id                 A 
_entity_poly.pdbx_target_identifier         ? 
# 
loop_
_pdbx_entity_nonpoly.entity_id 
_pdbx_entity_nonpoly.name 
_pdbx_entity_nonpoly.comp_id 
2 'CADMIUM ION'                                                     CD  
3 '(5R)-N,N-dimethyl-2,9-dioxa-6-azaspiro[4.5]decane-6-carboxamide' NZ7 
4 water                                                             HOH 
# 
loop_
_entity_poly_seq.entity_id 
_entity_poly_seq.num 
_entity_poly_seq.mon_id 
_entity_poly_seq.hetero 
1 1   GLY n 
1 2   GLU n 
1 3   LEU n 
1 4   ARG n 
1 5   VAL n 
1 6   GLY n 
1 7   LEU n 
1 8   GLU n 
1 9   GLU n 
1 10  SER n 
1 11  GLU n 
1 12  LEU n 
1 13  TRP n 
1 14  LEU n 
1 15  ARG n 
1 16  PHE n 
1 17  LYS n 
1 18  GLU n 
1 19  LEU n 
1 20  THR n 
1 21  ASN n 
1 22  GLU n 
1 23  MET n 
1 24  ILE n 
1 25  VAL n 
1 26  THR n 
1 27  LYS n 
1 28  ASN n 
1 29  GLY n 
1 30  ARG n 
1 31  ARG n 
1 32  MET n 
1 33  PHE n 
1 34  PRO n 
1 35  VAL n 
1 36  LEU n 
1 37  LYS n 
1 38  VAL n 
1 39  ASN n 
1 40  VAL n 
1 41  SER n 
1 42  GLY n 
1 43  LEU n 
1 44  ASP n 
1 45  PRO n 
1 46  ASN n 
1 47  ALA n 
1 48  MET n 
1 49  TYR n 
1 50  SER n 
1 51  PHE n 
1 52  LEU n 
1 53  LEU n 
1 54  ASP n 
1 55  PHE n 
1 56  VAL n 
1 57  ALA n 
1 58  ALA n 
1 59  ASP n 
1 60  ASN n 
1 61  HIS n 
1 62  ARG n 
1 63  TRP n 
1 64  LYS n 
1 65  TYR n 
1 66  VAL n 
1 67  ASN n 
1 68  GLY n 
1 69  GLU n 
1 70  TRP n 
1 71  VAL n 
1 72  PRO n 
1 73  GLY n 
1 74  GLY n 
1 75  LYS n 
1 76  PRO n 
1 77  GLU n 
1 78  PRO n 
1 79  GLN n 
1 80  ALA n 
1 81  PRO n 
1 82  SER n 
1 83  CYS n 
1 84  VAL n 
1 85  TYR n 
1 86  ILE n 
1 87  HIS n 
1 88  PRO n 
1 89  ASP n 
1 90  SER n 
1 91  PRO n 
1 92  ASN n 
1 93  PHE n 
1 94  GLY n 
1 95  ALA n 
1 96  HIS n 
1 97  TRP n 
1 98  MET n 
1 99  LYS n 
1 100 ALA n 
1 101 PRO n 
1 102 VAL n 
1 103 SER n 
1 104 PHE n 
1 105 SER n 
1 106 LYS n 
1 107 VAL n 
1 108 LYS n 
1 109 LEU n 
1 110 THR n 
1 111 ASN n 
1 112 LYS n 
1 113 LEU n 
1 114 ASN n 
1 115 GLY n 
1 116 GLY n 
1 117 GLY n 
1 118 GLN n 
1 119 ILE n 
1 120 MET n 
1 121 LEU n 
1 122 ASN n 
1 123 SER n 
1 124 LEU n 
1 125 HIS n 
1 126 LYS n 
1 127 TYR n 
1 128 GLU n 
1 129 PRO n 
1 130 ARG n 
1 131 ILE n 
1 132 HIS n 
1 133 ILE n 
1 134 VAL n 
1 135 ARG n 
1 136 VAL n 
1 137 GLY n 
1 138 GLY n 
1 139 PRO n 
1 140 GLN n 
1 141 ARG n 
1 142 MET n 
1 143 ILE n 
1 144 THR n 
1 145 SER n 
1 146 HIS n 
1 147 CYS n 
1 148 PHE n 
1 149 PRO n 
1 150 GLU n 
1 151 THR n 
1 152 GLN n 
1 153 PHE n 
1 154 ILE n 
1 155 ALA n 
1 156 VAL n 
1 157 THR n 
1 158 ALA n 
1 159 TYR n 
1 160 GLN n 
1 161 ASN n 
1 162 GLU n 
1 163 GLU n 
1 164 ILE n 
1 165 THR n 
1 166 ALA n 
1 167 LEU n 
1 168 LYS n 
1 169 ILE n 
1 170 LYS n 
1 171 TYR n 
1 172 ASN n 
# 
_entity_src_gen.entity_id                          1 
_entity_src_gen.pdbx_src_id                        1 
_entity_src_gen.pdbx_alt_source_flag               sample 
_entity_src_gen.pdbx_seq_type                      'Biological sequence' 
_entity_src_gen.pdbx_beg_seq_num                   1 
_entity_src_gen.pdbx_end_seq_num                   172 
_entity_src_gen.gene_src_common_name               Human 
_entity_src_gen.gene_src_genus                     ? 
_entity_src_gen.pdbx_gene_src_gene                 'TBXT, T' 
_entity_src_gen.gene_src_species                   ? 
_entity_src_gen.gene_src_strain                    ? 
_entity_src_gen.gene_src_tissue                    ? 
_entity_src_gen.gene_src_tissue_fraction           ? 
_entity_src_gen.gene_src_details                   ? 
_entity_src_gen.pdbx_gene_src_fragment             ? 
_entity_src_gen.pdbx_gene_src_scientific_name      'Homo sapiens' 
_entity_src_gen.pdbx_gene_src_ncbi_taxonomy_id     9606 
_entity_src_gen.pdbx_gene_src_variant              ? 
_entity_src_gen.pdbx_gene_src_cell_line            ? 
_entity_src_gen.pdbx_gene_src_atcc                 ? 
_entity_src_gen.pdbx_gene_src_organ                ? 
_entity_src_gen.pdbx_gene_src_organelle            ? 
_entity_src_gen.pdbx_gene_src_cell                 ? 
_entity_src_gen.pdbx_gene_src_cellular_location    ? 
_entity_src_gen.host_org_common_name               ? 
_entity_src_gen.pdbx_host_org_scientific_name      'Escherichia coli' 
_entity_src_gen.pdbx_host_org_ncbi_taxonomy_id     562 
_entity_src_gen.host_org_genus                     ? 
_entity_src_gen.pdbx_host_org_gene                 ? 
_entity_src_gen.pdbx_host_org_organ                ? 
_entity_src_gen.host_org_species                   ? 
_entity_src_gen.pdbx_host_org_tissue               ? 
_entity_src_gen.pdbx_host_org_tissue_fraction      ? 
_entity_src_gen.pdbx_host_org_strain               ? 
_entity_src_gen.pdbx_host_org_variant              ? 
_entity_src_gen.pdbx_host_org_cell_line            ? 
_entity_src_gen.pdbx_host_org_atcc                 ? 
_entity_src_gen.pdbx_host_org_culture_collection   ? 
_entity_src_gen.pdbx_host_org_cell                 ? 
_entity_src_gen.pdbx_host_org_organelle            ? 
_entity_src_gen.pdbx_host_org_cellular_location    ? 
_entity_src_gen.pdbx_host_org_vector_type          ? 
_entity_src_gen.pdbx_host_org_vector               ? 
_entity_src_gen.host_org_details                   ? 
_entity_src_gen.expression_system_id               ? 
_entity_src_gen.plasmid_name                       ? 
_entity_src_gen.plasmid_details                    ? 
_entity_src_gen.pdbx_description                   ? 
# 
loop_
_chem_comp.id 
_chem_comp.type 
_chem_comp.mon_nstd_flag 
_chem_comp.name 
_chem_comp.pdbx_synonyms 
_chem_comp.formula 
_chem_comp.formula_weight 
ALA 'L-peptide linking' y ALANINE                                                           ? 'C3 H7 N O2'     89.093  
ARG 'L-peptide linking' y ARGININE                                                          ? 'C6 H15 N4 O2 1' 175.209 
ASN 'L-peptide linking' y ASPARAGINE                                                        ? 'C4 H8 N2 O3'    132.118 
ASP 'L-peptide linking' y 'ASPARTIC ACID'                                                   ? 'C4 H7 N O4'     133.103 
CD  non-polymer         . 'CADMIUM ION'                                                     ? 'Cd 2'           112.411 
CYS 'L-peptide linking' y CYSTEINE                                                          ? 'C3 H7 N O2 S'   121.158 
GLN 'L-peptide linking' y GLUTAMINE                                                         ? 'C5 H10 N2 O3'   146.144 
GLU 'L-peptide linking' y 'GLUTAMIC ACID'                                                   ? 'C5 H9 N O4'     147.129 
GLY 'peptide linking'   y GLYCINE                                                           ? 'C2 H5 N O2'     75.067  
HIS 'L-peptide linking' y HISTIDINE                                                         ? 'C6 H10 N3 O2 1' 156.162 
HOH non-polymer         . WATER                                                             ? 'H2 O'           18.015  
ILE 'L-peptide linking' y ISOLEUCINE                                                        ? 'C6 H13 N O2'    131.173 
LEU 'L-peptide linking' y LEUCINE                                                           ? 'C6 H13 N O2'    131.173 
LYS 'L-peptide linking' y LYSINE                                                            ? 'C6 H15 N2 O2 1' 147.195 
MET 'L-peptide linking' y METHIONINE                                                        ? 'C5 H11 N O2 S'  149.211 
NZ7 non-polymer         . '(5R)-N,N-dimethyl-2,9-dioxa-6-azaspiro[4.5]decane-6-carboxamide' ? 'C10 H18 N2 O3'  214.262 
PHE 'L-peptide linking' y PHENYLALANINE                                                     ? 'C9 H11 N O2'    165.189 
PRO 'L-peptide linking' y PROLINE                                                           ? 'C5 H9 N O2'     115.130 
SER 'L-peptide linking' y SERINE                                                            ? 'C3 H7 N O3'     105.093 
THR 'L-peptide linking' y THREONINE                                                         ? 'C4 H9 N O3'     119.119 
TRP 'L-peptide linking' y TRYPTOPHAN                                                        ? 'C11 H12 N2 O2'  204.225 
TYR 'L-peptide linking' y TYROSINE                                                          ? 'C9 H11 N O3'    181.189 
VAL 'L-peptide linking' y VALINE                                                            ? 'C5 H11 N O2'    117.146 
# 
loop_
_pdbx_poly_seq_scheme.asym_id 
_pdbx_poly_seq_scheme.entity_id 
_pdbx_poly_seq_scheme.seq_id 
_pdbx_poly_seq_scheme.mon_id 
_pdbx_poly_seq_scheme.ndb_seq_num 
_pdbx_poly_seq_scheme.pdb_seq_num 
_pdbx_poly_seq_scheme.auth_seq_num 
_pdbx_poly_seq_scheme.pdb_mon_id 
_pdbx_poly_seq_scheme.auth_mon_id 
_pdbx_poly_seq_scheme.pdb_strand_id 
_pdbx_poly_seq_scheme.pdb_ins_code 
_pdbx_poly_seq_scheme.hetero 
A 1 1   GLY 1   40  ?   ?   ?   A . n 
A 1 2   GLU 2   41  41  GLU GLU A . n 
A 1 3   LEU 3   42  42  LEU LEU A . n 
A 1 4   ARG 4   43  43  ARG ARG A . n 
A 1 5   VAL 5   44  44  VAL VAL A . n 
A 1 6   GLY 6   45  45  GLY GLY A . n 
A 1 7   LEU 7   46  46  LEU LEU A . n 
A 1 8   GLU 8   47  47  GLU GLU A . n 
A 1 9   GLU 9   48  48  GLU GLU A . n 
A 1 10  SER 10  49  49  SER SER A . n 
A 1 11  GLU 11  50  50  GLU GLU A . n 
A 1 12  LEU 12  51  51  LEU LEU A . n 
A 1 13  TRP 13  52  52  TRP TRP A . n 
A 1 14  LEU 14  53  53  LEU LEU A . n 
A 1 15  ARG 15  54  54  ARG ARG A . n 
A 1 16  PHE 16  55  55  PHE PHE A . n 
A 1 17  LYS 17  56  56  LYS LYS A . n 
A 1 18  GLU 18  57  57  GLU GLU A . n 
A 1 19  LEU 19  58  58  LEU LEU A . n 
A 1 20  THR 20  59  59  THR THR A . n 
A 1 21  ASN 21  60  60  ASN ASN A . n 
A 1 22  GLU 22  61  61  GLU GLU A . n 
A 1 23  MET 23  62  62  MET MET A . n 
A 1 24  ILE 24  63  63  ILE ILE A . n 
A 1 25  VAL 25  64  64  VAL VAL A . n 
A 1 26  THR 26  65  65  THR THR A . n 
A 1 27  LYS 27  66  66  LYS LYS A . n 
A 1 28  ASN 28  67  67  ASN ASN A . n 
A 1 29  GLY 29  68  68  GLY GLY A . n 
A 1 30  ARG 30  69  69  ARG ARG A . n 
A 1 31  ARG 31  70  70  ARG ARG A . n 
A 1 32  MET 32  71  71  MET MET A . n 
A 1 33  PHE 33  72  72  PHE PHE A . n 
A 1 34  PRO 34  73  73  PRO PRO A . n 
A 1 35  VAL 35  74  74  VAL VAL A . n 
A 1 36  LEU 36  75  75  LEU LEU A . n 
A 1 37  LYS 37  76  76  LYS LYS A . n 
A 1 38  VAL 38  77  77  VAL VAL A . n 
A 1 39  ASN 39  78  78  ASN ASN A . n 
A 1 40  VAL 40  79  79  VAL VAL A . n 
A 1 41  SER 41  80  80  SER SER A . n 
A 1 42  GLY 42  81  81  GLY GLY A . n 
A 1 43  LEU 43  82  82  LEU LEU A . n 
A 1 44  ASP 44  83  83  ASP ASP A . n 
A 1 45  PRO 45  84  84  PRO PRO A . n 
A 1 46  ASN 46  85  85  ASN ASN A . n 
A 1 47  ALA 47  86  86  ALA ALA A . n 
A 1 48  MET 48  87  87  MET MET A . n 
A 1 49  TYR 49  88  88  TYR TYR A . n 
A 1 50  SER 50  89  89  SER SER A . n 
A 1 51  PHE 51  90  90  PHE PHE A . n 
A 1 52  LEU 52  91  91  LEU LEU A . n 
A 1 53  LEU 53  92  92  LEU LEU A . n 
A 1 54  ASP 54  93  93  ASP ASP A . n 
A 1 55  PHE 55  94  94  PHE PHE A . n 
A 1 56  VAL 56  95  95  VAL VAL A . n 
A 1 57  ALA 57  96  96  ALA ALA A . n 
A 1 58  ALA 58  97  97  ALA ALA A . n 
A 1 59  ASP 59  98  98  ASP ASP A . n 
A 1 60  ASN 60  99  99  ASN ASN A . n 
A 1 61  HIS 61  100 100 HIS HIS A . n 
A 1 62  ARG 62  101 101 ARG ARG A . n 
A 1 63  TRP 63  102 102 TRP TRP A . n 
A 1 64  LYS 64  103 103 LYS LYS A . n 
A 1 65  TYR 65  104 104 TYR TYR A . n 
A 1 66  VAL 66  105 105 VAL VAL A . n 
A 1 67  ASN 67  106 106 ASN ASN A . n 
A 1 68  GLY 68  107 107 GLY GLY A . n 
A 1 69  GLU 69  108 108 GLU GLU A . n 
A 1 70  TRP 70  109 109 TRP TRP A . n 
A 1 71  VAL 71  110 110 VAL VAL A . n 
A 1 72  PRO 72  111 111 PRO PRO A . n 
A 1 73  GLY 73  112 112 GLY GLY A . n 
A 1 74  GLY 74  113 113 GLY GLY A . n 
A 1 75  LYS 75  114 114 LYS LYS A . n 
A 1 76  PRO 76  115 115 PRO PRO A . n 
A 1 77  GLU 77  116 116 GLU GLU A . n 
A 1 78  PRO 78  117 117 PRO PRO A . n 
A 1 79  GLN 79  118 118 GLN GLN A . n 
A 1 80  ALA 80  119 119 ALA ALA A . n 
A 1 81  PRO 81  120 120 PRO PRO A . n 
A 1 82  SER 82  121 121 SER SER A . n 
A 1 83  CYS 83  122 122 CYS CYS A . n 
A 1 84  VAL 84  123 123 VAL VAL A . n 
A 1 85  TYR 85  124 124 TYR TYR A . n 
A 1 86  ILE 86  125 125 ILE ILE A . n 
A 1 87  HIS 87  126 126 HIS HIS A . n 
A 1 88  PRO 88  127 127 PRO PRO A . n 
A 1 89  ASP 89  128 128 ASP ASP A . n 
A 1 90  SER 90  129 129 SER SER A . n 
A 1 91  PRO 91  130 130 PRO PRO A . n 
A 1 92  ASN 92  131 131 ASN ASN A . n 
A 1 93  PHE 93  132 132 PHE PHE A . n 
A 1 94  GLY 94  133 133 GLY GLY A . n 
A 1 95  ALA 95  134 134 ALA ALA A . n 
A 1 96  HIS 96  135 135 HIS HIS A . n 
A 1 97  TRP 97  136 136 TRP TRP A . n 
A 1 98  MET 98  137 137 MET MET A . n 
A 1 99  LYS 99  138 138 LYS LYS A . n 
A 1 100 ALA 100 139 139 ALA ALA A . n 
A 1 101 PRO 101 140 140 PRO PRO A . n 
A 1 102 VAL 102 141 141 VAL VAL A . n 
A 1 103 SER 103 142 142 SER SER A . n 
A 1 104 PHE 104 143 143 PHE PHE A . n 
A 1 105 SER 105 144 144 SER SER A . n 
A 1 106 LYS 106 145 145 LYS LYS A . n 
A 1 107 VAL 107 146 146 VAL VAL A . n 
A 1 108 LYS 108 147 147 LYS LYS A . n 
A 1 109 LEU 109 148 148 LEU LEU A . n 
A 1 110 THR 110 149 149 THR THR A . n 
A 1 111 ASN 111 150 150 ASN ASN A . n 
A 1 112 LYS 112 151 151 LYS LYS A . n 
A 1 113 LEU 113 152 152 LEU LEU A . n 
A 1 114 ASN 114 153 153 ASN ASN A . n 
A 1 115 GLY 115 154 154 GLY GLY A . n 
A 1 116 GLY 116 155 155 GLY GLY A . n 
A 1 117 GLY 117 156 156 GLY GLY A . n 
A 1 118 GLN 118 157 157 GLN GLN A . n 
A 1 119 ILE 119 158 158 ILE ILE A . n 
A 1 120 MET 120 159 159 MET MET A . n 
A 1 121 LEU 121 160 160 LEU LEU A . n 
A 1 122 ASN 122 161 161 ASN ASN A . n 
A 1 123 SER 123 162 162 SER SER A . n 
A 1 124 LEU 124 163 163 LEU LEU A . n 
A 1 125 HIS 125 164 164 HIS HIS A . n 
A 1 126 LYS 126 165 165 LYS LYS A . n 
A 1 127 TYR 127 166 166 TYR TYR A . n 
A 1 128 GLU 128 167 167 GLU GLU A . n 
A 1 129 PRO 129 168 168 PRO PRO A . n 
A 1 130 ARG 130 169 169 ARG ARG A . n 
A 1 131 ILE 131 170 170 ILE ILE A . n 
A 1 132 HIS 132 171 171 HIS HIS A . n 
A 1 133 ILE 133 172 172 ILE ILE A . n 
A 1 134 VAL 134 173 173 VAL VAL A . n 
A 1 135 ARG 135 174 174 ARG ARG A . n 
A 1 136 VAL 136 175 175 VAL VAL A . n 
A 1 137 GLY 137 176 176 GLY GLY A . n 
A 1 138 GLY 138 177 177 GLY GLY A . n 
A 1 139 PRO 139 178 178 PRO PRO A . n 
A 1 140 GLN 140 179 179 GLN GLN A . n 
A 1 141 ARG 141 180 180 ARG ARG A . n 
A 1 142 MET 142 181 181 MET MET A . n 
A 1 143 ILE 143 182 182 ILE ILE A . n 
A 1 144 THR 144 183 183 THR THR A . n 
A 1 145 SER 145 184 184 SER SER A . n 
A 1 146 HIS 146 185 185 HIS HIS A . n 
A 1 147 CYS 147 186 186 CYS CYS A . n 
A 1 148 PHE 148 187 187 PHE PHE A . n 
A 1 149 PRO 149 188 188 PRO PRO A . n 
A 1 150 GLU 150 189 189 GLU GLU A . n 
A 1 151 THR 151 190 190 THR THR A . n 
A 1 152 GLN 152 191 191 GLN GLN A . n 
A 1 153 PHE 153 192 192 PHE PHE A . n 
A 1 154 ILE 154 193 193 ILE ILE A . n 
A 1 155 ALA 155 194 194 ALA ALA A . n 
A 1 156 VAL 156 195 195 VAL VAL A . n 
A 1 157 THR 157 196 196 THR THR A . n 
A 1 158 ALA 158 197 197 ALA ALA A . n 
A 1 159 TYR 159 198 198 TYR TYR A . n 
A 1 160 GLN 160 199 199 GLN GLN A . n 
A 1 161 ASN 161 200 200 ASN ASN A . n 
A 1 162 GLU 162 201 201 GLU GLU A . n 
A 1 163 GLU 163 202 202 GLU GLU A . n 
A 1 164 ILE 164 203 203 ILE ILE A . n 
A 1 165 THR 165 204 204 THR THR A . n 
A 1 166 ALA 166 205 205 ALA ALA A . n 
A 1 167 LEU 167 206 206 LEU LEU A . n 
A 1 168 LYS 168 207 207 LYS LYS A . n 
A 1 169 ILE 169 208 208 ILE ILE A . n 
A 1 170 LYS 170 209 209 LYS LYS A . n 
A 1 171 TYR 171 210 210 TYR TYR A . n 
A 1 172 ASN 172 211 211 ASN ASN A . n 
# 
loop_
_pdbx_nonpoly_scheme.asym_id 
_pdbx_nonpoly_scheme.entity_id 
_pdbx_nonpoly_scheme.mon_id 
_pdbx_nonpoly_scheme.ndb_seq_num 
_pdbx_nonpoly_scheme.pdb_seq_num 
_pdbx_nonpoly_scheme.auth_seq_num 
_pdbx_nonpoly_scheme.pdb_mon_id 
_pdbx_nonpoly_scheme.auth_mon_id 
_pdbx_nonpoly_scheme.pdb_strand_id 
_pdbx_nonpoly_scheme.pdb_ins_code 
B 2 CD  1  301 1  CD  CD  A . 
C 2 CD  1  302 2  CD  CD  A . 
D 2 CD  1  303 3  CD  CD  A . 
E 2 CD  1  304 4  CD  CD  A . 
F 2 CD  1  305 5  CD  CD  A . 
G 3 NZ7 1  306 1  NZ7 LIG A . 
H 4 HOH 1  401 68 HOH HOH A . 
H 4 HOH 2  402 48 HOH HOH A . 
H 4 HOH 3  403 79 HOH HOH A . 
H 4 HOH 4  404 16 HOH HOH A . 
H 4 HOH 5  405 41 HOH HOH A . 
H 4 HOH 6  406 71 HOH HOH A . 
H 4 HOH 7  407 53 HOH HOH A . 
H 4 HOH 8  408 52 HOH HOH A . 
H 4 HOH 9  409 76 HOH HOH A . 
H 4 HOH 10 410 44 HOH HOH A . 
H 4 HOH 11 411 45 HOH HOH A . 
H 4 HOH 12 412 14 HOH HOH A . 
H 4 HOH 13 413 24 HOH HOH A . 
H 4 HOH 14 414 32 HOH HOH A . 
H 4 HOH 15 415 42 HOH HOH A . 
H 4 HOH 16 416 52 HOH HOH A . 
H 4 HOH 17 417 58 HOH HOH A . 
H 4 HOH 18 418 1  HOH HOH A . 
H 4 HOH 19 419 31 HOH HOH A . 
H 4 HOH 20 420 61 HOH HOH A . 
H 4 HOH 21 421 60 HOH HOH A . 
H 4 HOH 22 422 51 HOH HOH A . 
H 4 HOH 23 423 50 HOH HOH A . 
H 4 HOH 24 424 54 HOH HOH A . 
H 4 HOH 25 425 45 HOH HOH A . 
H 4 HOH 26 426 4  HOH HOH A . 
H 4 HOH 27 427 49 HOH HOH A . 
H 4 HOH 28 428 75 HOH HOH A . 
H 4 HOH 29 429 33 HOH HOH A . 
H 4 HOH 30 430 6  HOH HOH A . 
H 4 HOH 31 431 21 HOH HOH A . 
H 4 HOH 32 432 70 HOH HOH A . 
H 4 HOH 33 433 18 HOH HOH A . 
H 4 HOH 34 434 73 HOH HOH A . 
H 4 HOH 35 435 69 HOH HOH A . 
H 4 HOH 36 436 8  HOH HOH A . 
H 4 HOH 37 437 47 HOH HOH A . 
H 4 HOH 38 438 17 HOH HOH A . 
H 4 HOH 39 439 55 HOH HOH A . 
H 4 HOH 40 440 67 HOH HOH A . 
H 4 HOH 41 441 10 HOH HOH A . 
H 4 HOH 42 442 8  HOH HOH A . 
H 4 HOH 43 443 12 HOH HOH A . 
H 4 HOH 44 444 2  HOH HOH A . 
H 4 HOH 45 445 56 HOH HOH A . 
H 4 HOH 46 446 28 HOH HOH A . 
H 4 HOH 47 447 77 HOH HOH A . 
H 4 HOH 48 448 23 HOH HOH A . 
H 4 HOH 49 449 14 HOH HOH A . 
H 4 HOH 50 450 66 HOH HOH A . 
H 4 HOH 51 451 63 HOH HOH A . 
H 4 HOH 52 452 11 HOH HOH A . 
H 4 HOH 53 453 4  HOH HOH A . 
H 4 HOH 54 454 46 HOH HOH A . 
H 4 HOH 55 455 64 HOH HOH A . 
H 4 HOH 56 456 3  HOH HOH A . 
H 4 HOH 57 457 65 HOH HOH A . 
H 4 HOH 58 458 6  HOH HOH A . 
H 4 HOH 59 459 1  HOH HOH A . 
H 4 HOH 60 460 5  HOH HOH A . 
H 4 HOH 61 461 7  HOH HOH A . 
H 4 HOH 62 462 62 HOH HOH A . 
H 4 HOH 63 463 72 HOH HOH A . 
H 4 HOH 64 464 10 HOH HOH A . 
H 4 HOH 65 465 3  HOH HOH A . 
H 4 HOH 66 466 30 HOH HOH A . 
H 4 HOH 67 467 78 HOH HOH A . 
H 4 HOH 68 468 43 HOH HOH A . 
H 4 HOH 69 469 16 HOH HOH A . 
H 4 HOH 70 470 17 HOH HOH A . 
H 4 HOH 71 471 18 HOH HOH A . 
# 
loop_
_pdbx_unobs_or_zero_occ_atoms.id 
_pdbx_unobs_or_zero_occ_atoms.PDB_model_num 
_pdbx_unobs_or_zero_occ_atoms.polymer_flag 
_pdbx_unobs_or_zero_occ_atoms.occupancy_flag 
_pdbx_unobs_or_zero_occ_atoms.auth_asym_id 
_pdbx_unobs_or_zero_occ_atoms.auth_comp_id 
_pdbx_unobs_or_zero_occ_atoms.auth_seq_id 
_pdbx_unobs_or_zero_occ_atoms.PDB_ins_code 
_pdbx_unobs_or_zero_occ_atoms.auth_atom_id 
_pdbx_unobs_or_zero_occ_atoms.label_alt_id 
_pdbx_unobs_or_zero_occ_atoms.label_asym_id 
_pdbx_unobs_or_zero_occ_atoms.label_comp_id 
_pdbx_unobs_or_zero_occ_atoms.label_seq_id 
_pdbx_unobs_or_zero_occ_atoms.label_atom_id 
1 1 Y 1 A ARG 43 ? CG  ? A ARG 4 CG  
2 1 Y 1 A ARG 43 ? CD  ? A ARG 4 CD  
3 1 Y 1 A ARG 43 ? NE  ? A ARG 4 NE  
4 1 Y 1 A ARG 43 ? CZ  ? A ARG 4 CZ  
5 1 Y 1 A ARG 43 ? NH1 ? A ARG 4 NH1 
6 1 Y 1 A ARG 43 ? NH2 ? A ARG 4 NH2 
# 
loop_
_software.pdbx_ordinal 
_software.name 
_software.version 
_software.date 
_software.type 
_software.contact_author 
_software.contact_author_email 
_software.classification 
_software.location 
_software.language 
_software.citation_id 
1 REFMAC      5.8.0238 ?               program 'Garib N. Murshudov' garib@ysbl.york.ac.uk    refinement        
http://www.ccp4.ac.uk/dist/html/refmac5.html        Fortran_77 ? 
2 Aimless     0.7.1    27/03/18        program 'Phil Evans'         ?                        'data scaling'    
http://www.mrc-lmb.cam.ac.uk/harry/pre/aimless.html ?          ? 
3 PDB_EXTRACT 3.23     'SEP. 23, 2016' package PDB                  deposit@deposit.rcsb.org 'data extraction' 
http://sw-tools.pdb.org/apps/PDB_EXTRACT/           C++        ? 
4 XDS         .        ?               program ?                    ?                        'data reduction'  ? ?          ? 
5 REFMAC      .        ?               program ?                    ?                        phasing           ? ?          ? 
# 
_cell.entry_id           5QRZ 
_cell.length_a           59.880 
_cell.length_b           59.880 
_cell.length_c           109.910 
_cell.angle_alpha        90.000 
_cell.angle_beta         90.000 
_cell.angle_gamma        90.000 
_cell.Z_PDB              8 
_cell.pdbx_unique_axis   ? 
# 
_symmetry.entry_id                         5QRZ 
_symmetry.Int_Tables_number                91 
_symmetry.space_group_name_H-M             'P 41 2 2' 
_symmetry.pdbx_full_space_group_name_H-M   ? 
_symmetry.cell_setting                     ? 
# 
_exptl.crystals_number   1 
_exptl.entry_id          5QRZ 
_exptl.method            'X-RAY DIFFRACTION' 
# 
_exptl_crystal.id                    1 
_exptl_crystal.pdbx_mosaicity        0.000 
_exptl_crystal.pdbx_mosaicity_esd    ? 
_exptl_crystal.density_Matthews      2.51 
_exptl_crystal.density_diffrn        ? 
_exptl_crystal.density_meas          ? 
_exptl_crystal.density_meas_temp     ? 
_exptl_crystal.density_percent_sol   51.07 
_exptl_crystal.size_max              ? 
_exptl_crystal.size_mid              ? 
_exptl_crystal.size_min              ? 
_exptl_crystal.size_rad              ? 
_exptl_crystal.description           ? 
# 
_exptl_crystal_grow.crystal_id      1 
_exptl_crystal_grow.method          'VAPOR DIFFUSION, SITTING DROP' 
_exptl_crystal_grow.pH              4.5 
_exptl_crystal_grow.temp            298 
_exptl_crystal_grow.pdbx_details    '0.1 M CdCl, 0.1 M Acetate pH 4.5, 32% PEG 400' 
_exptl_crystal_grow.temp_details    ? 
_exptl_crystal_grow.pdbx_pH_range   ? 
# 
_diffrn.id                     1 
_diffrn.ambient_temp           100 
_diffrn.crystal_id             1 
_diffrn.ambient_temp_details   ? 
# 
_diffrn_detector.detector               PIXEL 
_diffrn_detector.type                   'DECTRIS PILATUS 6M' 
_diffrn_detector.pdbx_collection_date   2018-07-23 
_diffrn_detector.diffrn_id              1 
_diffrn_detector.details                ? 
# 
_diffrn_radiation.diffrn_id                        1 
_diffrn_radiation.wavelength_id                    1 
_diffrn_radiation.pdbx_diffrn_protocol             'SINGLE WAVELENGTH' 
_diffrn_radiation.pdbx_monochromatic_or_laue_m_l   M 
_diffrn_radiation.monochromator                    ? 
_diffrn_radiation.pdbx_scattering_type             x-ray 
# 
_diffrn_radiation_wavelength.id           1 
_diffrn_radiation_wavelength.wavelength   0.91587 
_diffrn_radiation_wavelength.wt           1.0 
# 
_diffrn_source.diffrn_id                   1 
_diffrn_source.source                      SYNCHROTRON 
_diffrn_source.type                        'DIAMOND BEAMLINE I04-1' 
_diffrn_source.pdbx_wavelength_list        0.91587 
_diffrn_source.pdbx_synchrotron_site       Diamond 
_diffrn_source.pdbx_synchrotron_beamline   I04-1 
_diffrn_source.pdbx_wavelength             ? 
# 
_reflns.entry_id                     5QRZ 
_reflns.pdbx_diffrn_id               1 
_reflns.pdbx_ordinal                 1 
_reflns.observed_criterion_sigma_I   ? 
_reflns.observed_criterion_sigma_F   ? 
_reflns.d_resolution_low             29.940 
_reflns.d_resolution_high            1.960 
_reflns.number_obs                   15040 
_reflns.number_all                   ? 
_reflns.percent_possible_obs         99.800 
_reflns.pdbx_Rmerge_I_obs            0.100 
_reflns.pdbx_Rsym_value              ? 
_reflns.pdbx_netI_over_sigmaI        13.900 
_reflns.B_iso_Wilson_estimate        ? 
_reflns.pdbx_redundancy              12.600 
_reflns.pdbx_Rrim_I_all              0.104 
_reflns.pdbx_Rpim_I_all              0.029 
_reflns.pdbx_CC_half                 0.999 
_reflns.pdbx_netI_over_av_sigmaI     ? 
_reflns.pdbx_number_measured_all     189508 
_reflns.pdbx_scaling_rejects         1 
_reflns.pdbx_chi_squared             ? 
_reflns.Rmerge_F_all                 ? 
_reflns.Rmerge_F_obs                 ? 
_reflns.observed_criterion_F_max     ? 
_reflns.observed_criterion_F_min     ? 
_reflns.observed_criterion_I_max     ? 
_reflns.observed_criterion_I_min     ? 
_reflns.pdbx_d_res_high_opt          ? 
_reflns.pdbx_d_res_low_opt           ? 
_reflns.details                      ? 
# 
loop_
_reflns_shell.pdbx_diffrn_id 
_reflns_shell.pdbx_ordinal 
_reflns_shell.d_res_high 
_reflns_shell.d_res_low 
_reflns_shell.number_measured_obs 
_reflns_shell.number_measured_all 
_reflns_shell.number_unique_obs 
_reflns_shell.pdbx_rejects 
_reflns_shell.Rmerge_I_obs 
_reflns_shell.meanI_over_sigI_obs 
_reflns_shell.pdbx_Rsym_value 
_reflns_shell.pdbx_chi_squared 
_reflns_shell.pdbx_redundancy 
_reflns_shell.percent_possible_obs 
_reflns_shell.pdbx_netI_over_sigmaI_obs 
_reflns_shell.number_possible 
_reflns_shell.number_unique_all 
_reflns_shell.Rmerge_F_all 
_reflns_shell.Rmerge_F_obs 
_reflns_shell.Rmerge_I_all 
_reflns_shell.meanI_over_sigI_all 
_reflns_shell.percent_possible_all 
_reflns_shell.pdbx_Rrim_I_all 
_reflns_shell.pdbx_Rpim_I_all 
_reflns_shell.pdbx_CC_half 
1 1 1.960 2.010  ? 14279 ? ? 2.016 ? ? ? 13.100 ? 1.300  ? 1091 ? ? ? ? 99.500 2.098 0.576 0.787 
1 2 8.770 29.940 ? 2230  ? ? 0.045 ? ? ? 10.400 ? 43.900 ? 215  ? ? ? ? 97.900 0.047 0.014 0.998 
# 
_refine.entry_id                                 5QRZ 
_refine.pdbx_refine_id                           'X-RAY DIFFRACTION' 
_refine.ls_d_res_high                            1.9600 
_refine.ls_d_res_low                             29.9600 
_refine.pdbx_ls_sigma_F                          0.000 
_refine.pdbx_data_cutoff_high_absF               ? 
_refine.pdbx_data_cutoff_low_absF                ? 
_refine.ls_percent_reflns_obs                    99.8100 
_refine.ls_number_reflns_obs                     14284 
_refine.ls_number_reflns_all                     ? 
_refine.pdbx_ls_cross_valid_method               THROUGHOUT 
_refine.ls_matrix_type                           ? 
_refine.pdbx_R_Free_selection_details            RANDOM 
_refine.details                                  
'HYDROGENS HAVE BEEN ADDED IN THE RIDING POSITIONS U VALUES      : REFINED INDIVIDUALLY' 
_refine.ls_R_factor_all                          ? 
_refine.ls_R_factor_obs                          0.2082 
_refine.ls_R_factor_R_work                       0.2053 
_refine.ls_wR_factor_R_work                      ? 
_refine.ls_R_factor_R_free                       0.2729 
_refine.ls_wR_factor_R_free                      ? 
_refine.ls_percent_reflns_R_free                 4.8000 
_refine.ls_number_reflns_R_free                  718 
_refine.ls_number_reflns_R_work                  ? 
_refine.ls_R_factor_R_free_error                 ? 
_refine.B_iso_mean                               48.7640 
_refine.solvent_model_param_bsol                 ? 
_refine.solvent_model_param_ksol                 ? 
_refine.pdbx_isotropic_thermal_model             ? 
_refine.aniso_B[1][1]                            1.8400 
_refine.aniso_B[2][2]                            1.8400 
_refine.aniso_B[3][3]                            -3.6800 
_refine.aniso_B[1][2]                            -0.0000 
_refine.aniso_B[1][3]                            -0.0000 
_refine.aniso_B[2][3]                            -0.0000 
_refine.correlation_coeff_Fo_to_Fc               0.9640 
_refine.correlation_coeff_Fo_to_Fc_free          0.9340 
_refine.overall_SU_R_Cruickshank_DPI             ? 
_refine.pdbx_overall_SU_R_free_Cruickshank_DPI   ? 
_refine.pdbx_overall_SU_R_Blow_DPI               ? 
_refine.pdbx_overall_SU_R_free_Blow_DPI          ? 
_refine.overall_SU_R_free                        ? 
_refine.pdbx_overall_ESU_R                       0.1800 
_refine.pdbx_overall_ESU_R_Free                  0.1800 
_refine.overall_SU_ML                            0.1540 
_refine.overall_SU_B                             5.8190 
_refine.solvent_model_details                    MASK 
_refine.pdbx_solvent_vdw_probe_radii             1.2000 
_refine.pdbx_solvent_ion_probe_radii             0.8000 
_refine.pdbx_solvent_shrinkage_radii             0.8000 
_refine.ls_number_parameters                     ? 
_refine.ls_number_restraints                     ? 
_refine.pdbx_starting_model                      6f58 
_refine.pdbx_method_to_determine_struct          'FOURIER SYNTHESIS' 
_refine.pdbx_stereochemistry_target_values       'MAXIMUM LIKELIHOOD' 
_refine.pdbx_stereochem_target_val_spec_case     ? 
_refine.overall_FOM_work_R_set                   ? 
_refine.B_iso_max                                117.990 
_refine.B_iso_min                                24.610 
_refine.pdbx_overall_phase_error                 ? 
_refine.occupancy_max                            ? 
_refine.occupancy_min                            ? 
_refine.pdbx_diffrn_id                           1 
_refine.pdbx_TLS_residual_ADP_flag               ? 
_refine.pdbx_ls_sigma_I                          ? 
_refine.pdbx_data_cutoff_high_rms_absF           ? 
_refine.ls_R_factor_R_free_error_details         ? 
# 
_refine_hist.cycle_id                         final 
_refine_hist.pdbx_refine_id                   'X-RAY DIFFRACTION' 
_refine_hist.d_res_high                       1.9600 
_refine_hist.d_res_low                        29.9600 
_refine_hist.pdbx_number_atoms_ligand         19 
_refine_hist.number_atoms_solvent             71 
_refine_hist.number_atoms_total               1459 
_refine_hist.pdbx_number_residues_total       172 
_refine_hist.pdbx_B_iso_mean_ligand           62.13 
_refine_hist.pdbx_B_iso_mean_solvent          49.15 
_refine_hist.pdbx_number_atoms_protein        1369 
_refine_hist.pdbx_number_atoms_nucleic_acid   0 
# 
loop_
_refine_ls_restr.pdbx_refine_id 
_refine_ls_restr.type 
_refine_ls_restr.number 
_refine_ls_restr.dev_ideal 
_refine_ls_restr.dev_ideal_target 
_refine_ls_restr.weight 
_refine_ls_restr.pdbx_restraint_function 
'X-RAY DIFFRACTION' r_bond_refined_d       1586 0.008  0.013  ? ? 
'X-RAY DIFFRACTION' r_bond_other_d         1418 0.001  0.017  ? ? 
'X-RAY DIFFRACTION' r_angle_refined_deg    2076 1.480  1.658  ? ? 
'X-RAY DIFFRACTION' r_angle_other_deg      3297 1.248  1.570  ? ? 
'X-RAY DIFFRACTION' r_dihedral_angle_1_deg 186  7.411  5.000  ? ? 
'X-RAY DIFFRACTION' r_dihedral_angle_2_deg 81   30.985 21.111 ? ? 
'X-RAY DIFFRACTION' r_dihedral_angle_3_deg 253  16.634 15.000 ? ? 
'X-RAY DIFFRACTION' r_dihedral_angle_4_deg 10   12.596 15.000 ? ? 
'X-RAY DIFFRACTION' r_chiral_restr         187  0.076  0.200  ? ? 
'X-RAY DIFFRACTION' r_gen_planes_refined   1710 0.007  0.020  ? ? 
'X-RAY DIFFRACTION' r_gen_planes_other     324  0.002  0.020  ? ? 
'X-RAY DIFFRACTION' r_mcbond_it            754  4.118  4.957  ? ? 
'X-RAY DIFFRACTION' r_mcbond_other         752  4.115  4.945  ? ? 
'X-RAY DIFFRACTION' r_mcangle_it           920  6.288  7.415  ? ? 
# 
_refine_ls_shell.d_res_high                       1.9600 
_refine_ls_shell.d_res_low                        2.0110 
_refine_ls_shell.pdbx_total_number_of_bins_used   20 
_refine_ls_shell.percent_reflns_obs               99.5400 
_refine_ls_shell.number_reflns_R_work             1030 
_refine_ls_shell.R_factor_all                     ? 
_refine_ls_shell.R_factor_R_work                  0.3150 
_refine_ls_shell.R_factor_R_free                  0.3810 
_refine_ls_shell.percent_reflns_R_free            ? 
_refine_ls_shell.number_reflns_R_free             55 
_refine_ls_shell.R_factor_R_free_error            ? 
_refine_ls_shell.number_reflns_all                1085 
_refine_ls_shell.number_reflns_obs                ? 
_refine_ls_shell.pdbx_refine_id                   'X-RAY DIFFRACTION' 
# 
_struct.entry_id                  5QRZ 
_struct.title                     
'PanDDA analysis group deposition -- Crystal Structure of human Brachyury in complex with Z1998104358' 
_struct.pdbx_model_details        ? 
_struct.pdbx_CASP_flag            ? 
_struct.pdbx_model_type_details   ? 
# 
_struct_keywords.entry_id        5QRZ 
_struct_keywords.text            'SGC - Diamond I04-1 fragment screening, PanDDA, XChemExplorer, TRANSCRIPTION' 
_struct_keywords.pdbx_keywords   TRANSCRIPTION 
# 
loop_
_struct_asym.id 
_struct_asym.pdbx_blank_PDB_chainid_flag 
_struct_asym.pdbx_modified 
_struct_asym.entity_id 
_struct_asym.details 
A N N 1 ? 
B N N 2 ? 
C N N 2 ? 
D N N 2 ? 
E N N 2 ? 
F N N 2 ? 
G N N 3 ? 
H N N 4 ? 
# 
_struct_ref.id                         1 
_struct_ref.db_name                    UNP 
_struct_ref.db_code                    TBXT_HUMAN 
_struct_ref.pdbx_db_accession          O15178 
_struct_ref.pdbx_db_isoform            ? 
_struct_ref.entity_id                  1 
_struct_ref.pdbx_seq_one_letter_code   
;ELRVGLEESELWLRFKELTNEMIVTKNGRRMFPVLKVNVSGLDPNAMYSFLLDFVAADNHRWKYVNGEWVPGGKPEPQAP
SCVYIHPDSPNFGAHWMKAPVSFSKVKLTNKLNGGGQIMLNSLHKYEPRIHIVRVGGPQRMITSHCFPETQFIAVTAYQN
EEITALKIKYN
;
_struct_ref.pdbx_align_begin           41 
# 
_struct_ref_seq.align_id                      1 
_struct_ref_seq.ref_id                        1 
_struct_ref_seq.pdbx_PDB_id_code              5QRZ 
_struct_ref_seq.pdbx_strand_id                A 
_struct_ref_seq.seq_align_beg                 2 
_struct_ref_seq.pdbx_seq_align_beg_ins_code   ? 
_struct_ref_seq.seq_align_end                 172 
_struct_ref_seq.pdbx_seq_align_end_ins_code   ? 
_struct_ref_seq.pdbx_db_accession             O15178 
_struct_ref_seq.db_align_beg                  41 
_struct_ref_seq.pdbx_db_align_beg_ins_code    ? 
_struct_ref_seq.db_align_end                  211 
_struct_ref_seq.pdbx_db_align_end_ins_code    ? 
_struct_ref_seq.pdbx_auth_seq_align_beg       41 
_struct_ref_seq.pdbx_auth_seq_align_end       211 
# 
_struct_ref_seq_dif.align_id                     1 
_struct_ref_seq_dif.pdbx_pdb_id_code             5QRZ 
_struct_ref_seq_dif.mon_id                       GLY 
_struct_ref_seq_dif.pdbx_pdb_strand_id           A 
_struct_ref_seq_dif.seq_num                      1 
_struct_ref_seq_dif.pdbx_pdb_ins_code            ? 
_struct_ref_seq_dif.pdbx_seq_db_name             UNP 
_struct_ref_seq_dif.pdbx_seq_db_accession_code   O15178 
_struct_ref_seq_dif.db_mon_id                    ? 
_struct_ref_seq_dif.pdbx_seq_db_seq_num          ? 
_struct_ref_seq_dif.details                      'expression tag' 
_struct_ref_seq_dif.pdbx_auth_seq_num            40 
_struct_ref_seq_dif.pdbx_ordinal                 1 
# 
_pdbx_struct_assembly.id                   1 
_pdbx_struct_assembly.details              author_defined_assembly 
_pdbx_struct_assembly.method_details       ? 
_pdbx_struct_assembly.oligomeric_details   monomeric 
_pdbx_struct_assembly.oligomeric_count     1 
# 
_pdbx_struct_assembly_gen.assembly_id       1 
_pdbx_struct_assembly_gen.oper_expression   1 
_pdbx_struct_assembly_gen.asym_id_list      A,B,C,D,E,F,G,H 
# 
_pdbx_struct_oper_list.id                   1 
_pdbx_struct_oper_list.type                 'identity operation' 
_pdbx_struct_oper_list.name                 1_555 
_pdbx_struct_oper_list.symmetry_operation   x,y,z 
_pdbx_struct_oper_list.matrix[1][1]         1.0000000000 
_pdbx_struct_oper_list.matrix[1][2]         0.0000000000 
_pdbx_struct_oper_list.matrix[1][3]         0.0000000000 
_pdbx_struct_oper_list.vector[1]            0.0000000000 
_pdbx_struct_oper_list.matrix[2][1]         0.0000000000 
_pdbx_struct_oper_list.matrix[2][2]         1.0000000000 
_pdbx_struct_oper_list.matrix[2][3]         0.0000000000 
_pdbx_struct_oper_list.vector[2]            0.0000000000 
_pdbx_struct_oper_list.matrix[3][1]         0.0000000000 
_pdbx_struct_oper_list.matrix[3][2]         0.0000000000 
_pdbx_struct_oper_list.matrix[3][3]         1.0000000000 
_pdbx_struct_oper_list.vector[3]            0.0000000000 
# 
loop_
_struct_conf.conf_type_id 
_struct_conf.id 
_struct_conf.pdbx_PDB_helix_id 
_struct_conf.beg_label_comp_id 
_struct_conf.beg_label_asym_id 
_struct_conf.beg_label_seq_id 
_struct_conf.pdbx_beg_PDB_ins_code 
_struct_conf.end_label_comp_id 
_struct_conf.end_label_asym_id 
_struct_conf.end_label_seq_id 
_struct_conf.pdbx_end_PDB_ins_code 
_struct_conf.beg_auth_comp_id 
_struct_conf.beg_auth_asym_id 
_struct_conf.beg_auth_seq_id 
_struct_conf.end_auth_comp_id 
_struct_conf.end_auth_asym_id 
_struct_conf.end_auth_seq_id 
_struct_conf.pdbx_PDB_helix_class 
_struct_conf.details 
_struct_conf.pdbx_PDB_helix_length 
HELX_P HELX_P1 AA1 GLU A 9   ? LEU A 19  ? GLU A 48  LEU A 58  1 ? 11 
HELX_P HELX_P2 AA2 GLY A 94  ? ALA A 100 ? GLY A 133 ALA A 139 1 ? 7  
HELX_P HELX_P3 AA3 PRO A 149 ? GLN A 152 ? PRO A 188 GLN A 191 5 ? 4  
HELX_P HELX_P4 AA4 ASN A 161 ? ASN A 172 ? ASN A 200 ASN A 211 1 ? 12 
# 
_struct_conf_type.id          HELX_P 
_struct_conf_type.criteria    ? 
_struct_conf_type.reference   ? 
# 
loop_
_struct_conn.id 
_struct_conn.conn_type_id 
_struct_conn.pdbx_leaving_atom_flag 
_struct_conn.pdbx_PDB_id 
_struct_conn.ptnr1_label_asym_id 
_struct_conn.ptnr1_label_comp_id 
_struct_conn.ptnr1_label_seq_id 
_struct_conn.ptnr1_label_atom_id 
_struct_conn.pdbx_ptnr1_label_alt_id 
_struct_conn.pdbx_ptnr1_PDB_ins_code 
_struct_conn.pdbx_ptnr1_standard_comp_id 
_struct_conn.ptnr1_symmetry 
_struct_conn.ptnr2_label_asym_id 
_struct_conn.ptnr2_label_comp_id 
_struct_conn.ptnr2_label_seq_id 
_struct_conn.ptnr2_label_atom_id 
_struct_conn.pdbx_ptnr2_label_alt_id 
_struct_conn.pdbx_ptnr2_PDB_ins_code 
_struct_conn.ptnr1_auth_asym_id 
_struct_conn.ptnr1_auth_comp_id 
_struct_conn.ptnr1_auth_seq_id 
_struct_conn.ptnr2_auth_asym_id 
_struct_conn.ptnr2_auth_comp_id 
_struct_conn.ptnr2_auth_seq_id 
_struct_conn.ptnr2_symmetry 
_struct_conn.pdbx_ptnr3_label_atom_id 
_struct_conn.pdbx_ptnr3_label_seq_id 
_struct_conn.pdbx_ptnr3_label_comp_id 
_struct_conn.pdbx_ptnr3_label_asym_id 
_struct_conn.pdbx_ptnr3_label_alt_id 
_struct_conn.pdbx_ptnr3_PDB_ins_code 
_struct_conn.details 
_struct_conn.pdbx_dist_value 
_struct_conn.pdbx_value_order 
_struct_conn.pdbx_role 
metalc1  metalc ? ? A HIS 61  NE2 ? ? ? 1_555 E CD  . CD ? ? A HIS 100 A CD  304 1_555 ? ? ? ? ? ? ? 2.211 ? ? 
metalc2  metalc ? ? A CYS 83  SG  ? ? ? 1_555 D CD  . CD ? ? A CYS 122 A CD  303 1_555 ? ? ? ? ? ? ? 2.834 ? ? 
metalc3  metalc ? ? A CYS 83  SG  ? ? ? 1_555 F CD  . CD ? ? A CYS 122 A CD  305 1_555 ? ? ? ? ? ? ? 2.641 ? ? 
metalc4  metalc ? ? A GLU 128 OE1 ? ? ? 1_555 B CD  . CD ? ? A GLU 167 A CD  301 1_555 ? ? ? ? ? ? ? 2.532 ? ? 
metalc5  metalc ? ? A GLU 128 OE1 ? ? ? 1_555 B CD  . CD ? ? A GLU 167 A CD  301 5_655 ? ? ? ? ? ? ? 2.532 ? ? 
metalc6  metalc ? ? A GLU 128 OE1 ? ? ? 1_555 C CD  . CD ? ? A GLU 167 A CD  302 1_555 ? ? ? ? ? ? ? 2.663 ? ? 
metalc7  metalc ? ? A GLU 128 OE2 ? ? ? 1_555 C CD  . CD ? ? A GLU 167 A CD  302 1_555 ? ? ? ? ? ? ? 2.361 ? ? 
metalc8  metalc ? ? A CYS 147 SG  A ? ? 1_555 B CD  . CD ? ? A CYS 186 A CD  301 1_555 ? ? ? ? ? ? ? 2.585 ? ? 
metalc9  metalc ? ? A CYS 147 SG  B ? ? 1_555 B CD  . CD ? ? A CYS 186 A CD  301 1_555 ? ? ? ? ? ? ? 2.466 ? ? 
metalc10 metalc ? ? A CYS 147 SG  A ? ? 1_555 B CD  . CD ? ? A CYS 186 A CD  301 5_655 ? ? ? ? ? ? ? 2.585 ? ? 
metalc11 metalc ? ? A CYS 147 SG  B ? ? 1_555 B CD  . CD ? ? A CYS 186 A CD  301 5_655 ? ? ? ? ? ? ? 2.466 ? ? 
metalc12 metalc ? ? A CYS 147 SG  A ? ? 1_555 C CD  . CD ? ? A CYS 186 A CD  302 5_655 ? ? ? ? ? ? ? 2.728 ? ? 
metalc13 metalc ? ? A CYS 147 SG  B ? ? 1_555 C CD  . CD ? ? A CYS 186 A CD  302 5_655 ? ? ? ? ? ? ? 2.509 ? ? 
metalc14 metalc ? ? B CD  .   CD  ? ? ? 1_555 H HOH . O  ? ? A CD  301 A HOH 459 1_555 ? ? ? ? ? ? ? 2.314 ? ? 
metalc15 metalc ? ? B CD  .   CD  ? ? ? 1_555 H HOH . O  ? ? A CD  301 A HOH 459 5_655 ? ? ? ? ? ? ? 2.314 ? ? 
metalc16 metalc ? ? C CD  .   CD  ? ? ? 1_555 H HOH . O  ? ? A CD  302 A HOH 453 5_655 ? ? ? ? ? ? ? 2.112 ? ? 
metalc17 metalc ? ? C CD  .   CD  ? ? ? 1_555 H HOH . O  ? ? A CD  302 A HOH 456 1_555 ? ? ? ? ? ? ? 2.328 ? ? 
metalc18 metalc ? ? D CD  .   CD  ? ? ? 1_555 H HOH . O  ? ? A CD  303 A HOH 447 1_555 ? ? ? ? ? ? ? 2.617 ? ? 
metalc19 metalc ? ? E CD  .   CD  ? ? ? 1_555 H HOH . O  ? ? A CD  304 A HOH 458 1_555 ? ? ? ? ? ? ? 2.165 ? ? 
metalc20 metalc ? ? E CD  .   CD  ? ? ? 1_555 H HOH . O  ? ? A CD  304 A HOH 460 1_555 ? ? ? ? ? ? ? 2.150 ? ? 
metalc21 metalc ? ? E CD  .   CD  ? ? ? 1_555 H HOH . O  ? ? A CD  304 A HOH 461 5_655 ? ? ? ? ? ? ? 2.522 ? ? 
# 
_struct_conn_type.id          metalc 
_struct_conn_type.criteria    ? 
_struct_conn_type.reference   ? 
# 
loop_
_pdbx_struct_conn_angle.id 
_pdbx_struct_conn_angle.ptnr1_label_atom_id 
_pdbx_struct_conn_angle.ptnr1_label_alt_id 
_pdbx_struct_conn_angle.ptnr1_label_asym_id 
_pdbx_struct_conn_angle.ptnr1_label_comp_id 
_pdbx_struct_conn_angle.ptnr1_label_seq_id 
_pdbx_struct_conn_angle.ptnr1_auth_atom_id 
_pdbx_struct_conn_angle.ptnr1_auth_asym_id 
_pdbx_struct_conn_angle.ptnr1_auth_comp_id 
_pdbx_struct_conn_angle.ptnr1_auth_seq_id 
_pdbx_struct_conn_angle.ptnr1_PDB_ins_code 
_pdbx_struct_conn_angle.ptnr1_symmetry 
_pdbx_struct_conn_angle.ptnr2_label_atom_id 
_pdbx_struct_conn_angle.ptnr2_label_alt_id 
_pdbx_struct_conn_angle.ptnr2_label_asym_id 
_pdbx_struct_conn_angle.ptnr2_label_comp_id 
_pdbx_struct_conn_angle.ptnr2_label_seq_id 
_pdbx_struct_conn_angle.ptnr2_auth_atom_id 
_pdbx_struct_conn_angle.ptnr2_auth_asym_id 
_pdbx_struct_conn_angle.ptnr2_auth_comp_id 
_pdbx_struct_conn_angle.ptnr2_auth_seq_id 
_pdbx_struct_conn_angle.ptnr2_PDB_ins_code 
_pdbx_struct_conn_angle.ptnr2_symmetry 
_pdbx_struct_conn_angle.ptnr3_label_atom_id 
_pdbx_struct_conn_angle.ptnr3_label_alt_id 
_pdbx_struct_conn_angle.ptnr3_label_asym_id 
_pdbx_struct_conn_angle.ptnr3_label_comp_id 
_pdbx_struct_conn_angle.ptnr3_label_seq_id 
_pdbx_struct_conn_angle.ptnr3_auth_atom_id 
_pdbx_struct_conn_angle.ptnr3_auth_asym_id 
_pdbx_struct_conn_angle.ptnr3_auth_comp_id 
_pdbx_struct_conn_angle.ptnr3_auth_seq_id 
_pdbx_struct_conn_angle.ptnr3_PDB_ins_code 
_pdbx_struct_conn_angle.ptnr3_symmetry 
_pdbx_struct_conn_angle.value 
_pdbx_struct_conn_angle.value_esd 
1  NE2 ? A HIS 61  ? A HIS 100 ? 1_555 CD ? E CD . ? A CD 304 ? 1_555 O   ? H HOH .   ? A HOH 458 ? 1_555 105.3 ? 
2  NE2 ? A HIS 61  ? A HIS 100 ? 1_555 CD ? E CD . ? A CD 304 ? 1_555 O   ? H HOH .   ? A HOH 460 ? 1_555 108.0 ? 
3  O   ? H HOH .   ? A HOH 458 ? 1_555 CD ? E CD . ? A CD 304 ? 1_555 O   ? H HOH .   ? A HOH 460 ? 1_555 115.2 ? 
4  NE2 ? A HIS 61  ? A HIS 100 ? 1_555 CD ? E CD . ? A CD 304 ? 1_555 O   ? H HOH .   ? A HOH 461 ? 5_655 98.2  ? 
5  O   ? H HOH .   ? A HOH 458 ? 1_555 CD ? E CD . ? A CD 304 ? 1_555 O   ? H HOH .   ? A HOH 461 ? 5_655 113.8 ? 
6  O   ? H HOH .   ? A HOH 460 ? 1_555 CD ? E CD . ? A CD 304 ? 1_555 O   ? H HOH .   ? A HOH 461 ? 5_655 114.3 ? 
7  SG  ? A CYS 83  ? A CYS 122 ? 1_555 CD ? D CD . ? A CD 303 ? 1_555 O   ? H HOH .   ? A HOH 447 ? 1_555 90.5  ? 
8  OE1 ? A GLU 128 ? A GLU 167 ? 1_555 CD ? B CD . ? A CD 301 ? 1_555 OE1 ? A GLU 128 ? A GLU 167 ? 1_555 0.0   ? 
9  OE1 ? A GLU 128 ? A GLU 167 ? 1_555 CD ? B CD . ? A CD 301 ? 1_555 SG  A A CYS 147 ? A CYS 186 ? 1_555 90.4  ? 
10 OE1 ? A GLU 128 ? A GLU 167 ? 1_555 CD ? B CD . ? A CD 301 ? 1_555 SG  A A CYS 147 ? A CYS 186 ? 1_555 90.4  ? 
11 OE1 ? A GLU 128 ? A GLU 167 ? 1_555 CD ? B CD . ? A CD 301 ? 1_555 SG  B A CYS 147 ? A CYS 186 ? 1_555 88.0  ? 
12 OE1 ? A GLU 128 ? A GLU 167 ? 1_555 CD ? B CD . ? A CD 301 ? 1_555 SG  B A CYS 147 ? A CYS 186 ? 1_555 88.0  ? 
13 SG  A A CYS 147 ? A CYS 186 ? 1_555 CD ? B CD . ? A CD 301 ? 1_555 SG  B A CYS 147 ? A CYS 186 ? 1_555 44.0  ? 
14 OE1 ? A GLU 128 ? A GLU 167 ? 1_555 CD ? B CD . ? A CD 301 ? 1_555 SG  A A CYS 147 ? A CYS 186 ? 1_555 90.4  ? 
15 OE1 ? A GLU 128 ? A GLU 167 ? 1_555 CD ? B CD . ? A CD 301 ? 1_555 SG  A A CYS 147 ? A CYS 186 ? 1_555 90.4  ? 
16 SG  A A CYS 147 ? A CYS 186 ? 1_555 CD ? B CD . ? A CD 301 ? 1_555 SG  A A CYS 147 ? A CYS 186 ? 1_555 0.0   ? 
17 SG  B A CYS 147 ? A CYS 186 ? 1_555 CD ? B CD . ? A CD 301 ? 1_555 SG  A A CYS 147 ? A CYS 186 ? 1_555 44.0  ? 
18 OE1 ? A GLU 128 ? A GLU 167 ? 1_555 CD ? B CD . ? A CD 301 ? 1_555 SG  B A CYS 147 ? A CYS 186 ? 1_555 88.0  ? 
19 OE1 ? A GLU 128 ? A GLU 167 ? 1_555 CD ? B CD . ? A CD 301 ? 1_555 SG  B A CYS 147 ? A CYS 186 ? 1_555 88.0  ? 
20 SG  A A CYS 147 ? A CYS 186 ? 1_555 CD ? B CD . ? A CD 301 ? 1_555 SG  B A CYS 147 ? A CYS 186 ? 1_555 44.0  ? 
21 SG  B A CYS 147 ? A CYS 186 ? 1_555 CD ? B CD . ? A CD 301 ? 1_555 SG  B A CYS 147 ? A CYS 186 ? 1_555 0.0   ? 
22 SG  A A CYS 147 ? A CYS 186 ? 1_555 CD ? B CD . ? A CD 301 ? 1_555 SG  B A CYS 147 ? A CYS 186 ? 1_555 44.0  ? 
23 OE1 ? A GLU 128 ? A GLU 167 ? 1_555 CD ? B CD . ? A CD 301 ? 1_555 O   ? H HOH .   ? A HOH 459 ? 1_555 92.5  ? 
24 OE1 ? A GLU 128 ? A GLU 167 ? 1_555 CD ? B CD . ? A CD 301 ? 1_555 O   ? H HOH .   ? A HOH 459 ? 1_555 92.5  ? 
25 SG  A A CYS 147 ? A CYS 186 ? 1_555 CD ? B CD . ? A CD 301 ? 1_555 O   ? H HOH .   ? A HOH 459 ? 1_555 70.4  ? 
26 SG  B A CYS 147 ? A CYS 186 ? 1_555 CD ? B CD . ? A CD 301 ? 1_555 O   ? H HOH .   ? A HOH 459 ? 1_555 114.4 ? 
27 SG  A A CYS 147 ? A CYS 186 ? 1_555 CD ? B CD . ? A CD 301 ? 1_555 O   ? H HOH .   ? A HOH 459 ? 1_555 70.4  ? 
28 SG  B A CYS 147 ? A CYS 186 ? 1_555 CD ? B CD . ? A CD 301 ? 1_555 O   ? H HOH .   ? A HOH 459 ? 1_555 114.4 ? 
29 OE1 ? A GLU 128 ? A GLU 167 ? 1_555 CD ? B CD . ? A CD 301 ? 1_555 O   ? H HOH .   ? A HOH 459 ? 5_655 92.8  ? 
30 OE1 ? A GLU 128 ? A GLU 167 ? 1_555 CD ? B CD . ? A CD 301 ? 1_555 O   ? H HOH .   ? A HOH 459 ? 5_655 92.8  ? 
31 SG  A A CYS 147 ? A CYS 186 ? 1_555 CD ? B CD . ? A CD 301 ? 1_555 O   ? H HOH .   ? A HOH 459 ? 5_655 114.2 ? 
32 SG  B A CYS 147 ? A CYS 186 ? 1_555 CD ? B CD . ? A CD 301 ? 1_555 O   ? H HOH .   ? A HOH 459 ? 5_655 158.2 ? 
33 SG  A A CYS 147 ? A CYS 186 ? 1_555 CD ? B CD . ? A CD 301 ? 1_555 O   ? H HOH .   ? A HOH 459 ? 5_655 114.2 ? 
34 SG  B A CYS 147 ? A CYS 186 ? 1_555 CD ? B CD . ? A CD 301 ? 1_555 O   ? H HOH .   ? A HOH 459 ? 5_655 158.2 ? 
35 O   ? H HOH .   ? A HOH 459 ? 1_555 CD ? B CD . ? A CD 301 ? 1_555 O   ? H HOH .   ? A HOH 459 ? 5_655 43.8  ? 
36 OE1 ? A GLU 128 ? A GLU 167 ? 1_555 CD ? C CD . ? A CD 302 ? 1_555 OE2 ? A GLU 128 ? A GLU 167 ? 1_555 50.9  ? 
37 OE1 ? A GLU 128 ? A GLU 167 ? 1_555 CD ? C CD . ? A CD 302 ? 1_555 SG  A A CYS 147 ? A CYS 186 ? 1_555 31.3  ? 
38 OE2 ? A GLU 128 ? A GLU 167 ? 1_555 CD ? C CD . ? A CD 302 ? 1_555 SG  A A CYS 147 ? A CYS 186 ? 1_555 74.8  ? 
39 OE1 ? A GLU 128 ? A GLU 167 ? 1_555 CD ? C CD . ? A CD 302 ? 1_555 SG  B A CYS 147 ? A CYS 186 ? 1_555 46.6  ? 
40 OE2 ? A GLU 128 ? A GLU 167 ? 1_555 CD ? C CD . ? A CD 302 ? 1_555 SG  B A CYS 147 ? A CYS 186 ? 1_555 79.6  ? 
41 SG  A A CYS 147 ? A CYS 186 ? 1_555 CD ? C CD . ? A CD 302 ? 1_555 SG  B A CYS 147 ? A CYS 186 ? 1_555 18.5  ? 
42 OE1 ? A GLU 128 ? A GLU 167 ? 1_555 CD ? C CD . ? A CD 302 ? 1_555 O   ? H HOH .   ? A HOH 453 ? 5_655 139.8 ? 
43 OE2 ? A GLU 128 ? A GLU 167 ? 1_555 CD ? C CD . ? A CD 302 ? 1_555 O   ? H HOH .   ? A HOH 453 ? 5_655 102.2 ? 
44 SG  A A CYS 147 ? A CYS 186 ? 1_555 CD ? C CD . ? A CD 302 ? 1_555 O   ? H HOH .   ? A HOH 453 ? 5_655 125.0 ? 
45 SG  B A CYS 147 ? A CYS 186 ? 1_555 CD ? C CD . ? A CD 302 ? 1_555 O   ? H HOH .   ? A HOH 453 ? 5_655 106.7 ? 
46 OE1 ? A GLU 128 ? A GLU 167 ? 1_555 CD ? C CD . ? A CD 302 ? 1_555 O   ? H HOH .   ? A HOH 456 ? 1_555 105.5 ? 
47 OE2 ? A GLU 128 ? A GLU 167 ? 1_555 CD ? C CD . ? A CD 302 ? 1_555 O   ? H HOH .   ? A HOH 456 ? 1_555 101.8 ? 
48 SG  A A CYS 147 ? A CYS 186 ? 1_555 CD ? C CD . ? A CD 302 ? 1_555 O   ? H HOH .   ? A HOH 456 ? 1_555 125.1 ? 
49 SG  B A CYS 147 ? A CYS 186 ? 1_555 CD ? C CD . ? A CD 302 ? 1_555 O   ? H HOH .   ? A HOH 456 ? 1_555 142.5 ? 
50 O   ? H HOH .   ? A HOH 453 ? 5_655 CD ? C CD . ? A CD 302 ? 1_555 O   ? H HOH .   ? A HOH 456 ? 1_555 109.5 ? 
# 
loop_
_struct_mon_prot_cis.pdbx_id 
_struct_mon_prot_cis.label_comp_id 
_struct_mon_prot_cis.label_seq_id 
_struct_mon_prot_cis.label_asym_id 
_struct_mon_prot_cis.label_alt_id 
_struct_mon_prot_cis.pdbx_PDB_ins_code 
_struct_mon_prot_cis.auth_comp_id 
_struct_mon_prot_cis.auth_seq_id 
_struct_mon_prot_cis.auth_asym_id 
_struct_mon_prot_cis.pdbx_label_comp_id_2 
_struct_mon_prot_cis.pdbx_label_seq_id_2 
_struct_mon_prot_cis.pdbx_label_asym_id_2 
_struct_mon_prot_cis.pdbx_PDB_ins_code_2 
_struct_mon_prot_cis.pdbx_auth_comp_id_2 
_struct_mon_prot_cis.pdbx_auth_seq_id_2 
_struct_mon_prot_cis.pdbx_auth_asym_id_2 
_struct_mon_prot_cis.pdbx_PDB_model_num 
_struct_mon_prot_cis.pdbx_omega_angle 
1 PHE 33 A . ? PHE 72  A PRO 34 A ? PRO 73  A 1 -3.23  
2 SER 90 A . ? SER 129 A PRO 91 A ? PRO 130 A 1 -14.26 
# 
loop_
_struct_sheet.id 
_struct_sheet.type 
_struct_sheet.number_strands 
_struct_sheet.details 
AA1 ? 3 ? 
AA2 ? 5 ? 
AA3 ? 4 ? 
AA4 ? 3 ? 
AA5 ? 2 ? 
# 
loop_
_struct_sheet_order.sheet_id 
_struct_sheet_order.range_id_1 
_struct_sheet_order.range_id_2 
_struct_sheet_order.offset 
_struct_sheet_order.sense 
AA1 1 2 ? anti-parallel 
AA1 2 3 ? anti-parallel 
AA2 1 2 ? parallel      
AA2 2 3 ? anti-parallel 
AA2 3 4 ? anti-parallel 
AA2 4 5 ? anti-parallel 
AA3 1 2 ? anti-parallel 
AA3 2 3 ? anti-parallel 
AA3 3 4 ? anti-parallel 
AA4 1 2 ? anti-parallel 
AA4 2 3 ? parallel      
AA5 1 2 ? anti-parallel 
# 
loop_
_struct_sheet_range.sheet_id 
_struct_sheet_range.id 
_struct_sheet_range.beg_label_comp_id 
_struct_sheet_range.beg_label_asym_id 
_struct_sheet_range.beg_label_seq_id 
_struct_sheet_range.pdbx_beg_PDB_ins_code 
_struct_sheet_range.end_label_comp_id 
_struct_sheet_range.end_label_asym_id 
_struct_sheet_range.end_label_seq_id 
_struct_sheet_range.pdbx_end_PDB_ins_code 
_struct_sheet_range.beg_auth_comp_id 
_struct_sheet_range.beg_auth_asym_id 
_struct_sheet_range.beg_auth_seq_id 
_struct_sheet_range.end_auth_comp_id 
_struct_sheet_range.end_auth_asym_id 
_struct_sheet_range.end_auth_seq_id 
AA1 1 ARG A 4   ? LEU A 7   ? ARG A 43  LEU A 46  
AA1 2 LYS A 37  ? SER A 41  ? LYS A 76  SER A 80  
AA1 3 VAL A 102 ? SER A 103 ? VAL A 141 SER A 142 
AA2 1 GLU A 22  ? ILE A 24  ? GLU A 61  ILE A 63  
AA2 2 PHE A 153 ? VAL A 156 ? PHE A 192 VAL A 195 
AA2 3 LYS A 126 ? VAL A 136 ? LYS A 165 VAL A 175 
AA2 4 MET A 48  ? ALA A 57  ? MET A 87  ALA A 96  
AA2 5 ASN A 92  ? PHE A 93  ? ASN A 131 PHE A 132 
AA3 1 TYR A 85  ? ILE A 86  ? TYR A 124 ILE A 125 
AA3 2 MET A 48  ? ALA A 57  ? MET A 87  ALA A 96  
AA3 3 LYS A 126 ? VAL A 136 ? LYS A 165 VAL A 175 
AA3 4 MET A 142 ? CYS A 147 ? MET A 181 CYS A 186 
AA4 1 ARG A 30  ? ARG A 31  ? ARG A 69  ARG A 70  
AA4 2 LYS A 108 ? THR A 110 ? LYS A 147 THR A 149 
AA4 3 ILE A 119 ? MET A 120 ? ILE A 158 MET A 159 
AA5 1 TRP A 63  ? VAL A 66  ? TRP A 102 VAL A 105 
AA5 2 GLU A 69  ? PRO A 72  ? GLU A 108 PRO A 111 
# 
loop_
_pdbx_struct_sheet_hbond.sheet_id 
_pdbx_struct_sheet_hbond.range_id_1 
_pdbx_struct_sheet_hbond.range_id_2 
_pdbx_struct_sheet_hbond.range_1_label_atom_id 
_pdbx_struct_sheet_hbond.range_1_label_comp_id 
_pdbx_struct_sheet_hbond.range_1_label_asym_id 
_pdbx_struct_sheet_hbond.range_1_label_seq_id 
_pdbx_struct_sheet_hbond.range_1_PDB_ins_code 
_pdbx_struct_sheet_hbond.range_1_auth_atom_id 
_pdbx_struct_sheet_hbond.range_1_auth_comp_id 
_pdbx_struct_sheet_hbond.range_1_auth_asym_id 
_pdbx_struct_sheet_hbond.range_1_auth_seq_id 
_pdbx_struct_sheet_hbond.range_2_label_atom_id 
_pdbx_struct_sheet_hbond.range_2_label_comp_id 
_pdbx_struct_sheet_hbond.range_2_label_asym_id 
_pdbx_struct_sheet_hbond.range_2_label_seq_id 
_pdbx_struct_sheet_hbond.range_2_PDB_ins_code 
_pdbx_struct_sheet_hbond.range_2_auth_atom_id 
_pdbx_struct_sheet_hbond.range_2_auth_comp_id 
_pdbx_struct_sheet_hbond.range_2_auth_asym_id 
_pdbx_struct_sheet_hbond.range_2_auth_seq_id 
AA1 1 2 N GLY A 6   ? N GLY A 45  O ASN A 39  ? O ASN A 78  
AA1 2 3 N VAL A 38  ? N VAL A 77  O VAL A 102 ? O VAL A 141 
AA2 1 2 N MET A 23  ? N MET A 62  O VAL A 156 ? O VAL A 195 
AA2 2 3 O PHE A 153 ? O PHE A 192 N TYR A 127 ? N TYR A 166 
AA2 3 4 O VAL A 134 ? O VAL A 173 N SER A 50  ? N SER A 89  
AA2 4 5 N TYR A 49  ? N TYR A 88  O ASN A 92  ? O ASN A 131 
AA3 1 2 O TYR A 85  ? O TYR A 124 N LEU A 53  ? N LEU A 92  
AA3 2 3 N SER A 50  ? N SER A 89  O VAL A 134 ? O VAL A 173 
AA3 3 4 N ILE A 133 ? N ILE A 172 O THR A 144 ? O THR A 183 
AA4 1 2 N ARG A 30  ? N ARG A 69  O LEU A 109 ? O LEU A 148 
AA4 2 3 N LYS A 108 ? N LYS A 147 O ILE A 119 ? O ILE A 158 
AA5 1 2 N VAL A 66  ? N VAL A 105 O GLU A 69  ? O GLU A 108 
# 
loop_
_struct_site.id 
_struct_site.pdbx_evidence_code 
_struct_site.pdbx_auth_asym_id 
_struct_site.pdbx_auth_comp_id 
_struct_site.pdbx_auth_seq_id 
_struct_site.pdbx_auth_ins_code 
_struct_site.pdbx_num_residues 
_struct_site.details 
AC1 Software A CD  301 ? 8 'binding site for residue CD A 301'  
AC2 Software A CD  302 ? 6 'binding site for residue CD A 302'  
AC3 Software A CD  303 ? 4 'binding site for residue CD A 303'  
AC4 Software A CD  304 ? 4 'binding site for residue CD A 304'  
AC5 Software A CD  305 ? 4 'binding site for residue CD A 305'  
AC6 Software A NZ7 306 ? 4 'binding site for residue NZ7 A 306' 
# 
loop_
_struct_site_gen.id 
_struct_site_gen.site_id 
_struct_site_gen.pdbx_num_res 
_struct_site_gen.label_comp_id 
_struct_site_gen.label_asym_id 
_struct_site_gen.label_seq_id 
_struct_site_gen.pdbx_auth_ins_code 
_struct_site_gen.auth_comp_id 
_struct_site_gen.auth_asym_id 
_struct_site_gen.auth_seq_id 
_struct_site_gen.label_atom_id 
_struct_site_gen.label_alt_id 
_struct_site_gen.symmetry 
_struct_site_gen.details 
1  AC1 8 GLU A 128 ? GLU A 167 . ? 1_555 ? 
2  AC1 8 GLU A 128 ? GLU A 167 . ? 5_655 ? 
3  AC1 8 CYS A 147 ? CYS A 186 . ? 1_555 ? 
4  AC1 8 CYS A 147 ? CYS A 186 . ? 5_655 ? 
5  AC1 8 CD  C .   ? CD  A 302 . ? 5_655 ? 
6  AC1 8 CD  C .   ? CD  A 302 . ? 1_555 ? 
7  AC1 8 HOH H .   ? HOH A 459 . ? 1_555 ? 
8  AC1 8 HOH H .   ? HOH A 459 . ? 5_655 ? 
9  AC2 6 GLU A 128 ? GLU A 167 . ? 1_555 ? 
10 AC2 6 CYS A 147 ? CYS A 186 . ? 5_655 ? 
11 AC2 6 CD  B .   ? CD  A 301 . ? 5_655 ? 
12 AC2 6 CD  B .   ? CD  A 301 . ? 1_555 ? 
13 AC2 6 HOH H .   ? HOH A 453 . ? 5_655 ? 
14 AC2 6 HOH H .   ? HOH A 456 . ? 1_555 ? 
15 AC3 4 CYS A 83  ? CYS A 122 . ? 1_555 ? 
16 AC3 4 HOH H .   ? HOH A 447 . ? 1_555 ? 
17 AC3 4 HOH H .   ? HOH A 448 . ? 1_555 ? 
18 AC3 4 HOH H .   ? HOH A 470 . ? 1_555 ? 
19 AC4 4 HIS A 61  ? HIS A 100 . ? 1_555 ? 
20 AC4 4 HOH H .   ? HOH A 458 . ? 1_555 ? 
21 AC4 4 HOH H .   ? HOH A 460 . ? 1_555 ? 
22 AC4 4 HOH H .   ? HOH A 461 . ? 5_655 ? 
23 AC5 4 CYS A 83  ? CYS A 122 . ? 1_555 ? 
24 AC5 4 HOH H .   ? HOH A 443 . ? 1_555 ? 
25 AC5 4 HOH H .   ? HOH A 470 . ? 1_555 ? 
26 AC5 4 HOH H .   ? HOH A 471 . ? 1_555 ? 
27 AC6 4 SER A 50  ? SER A 89  . ? 1_555 ? 
28 AC6 4 ILE A 86  ? ILE A 125 . ? 1_555 ? 
29 AC6 4 PHE A 93  ? PHE A 132 . ? 6_555 ? 
30 AC6 4 VAL A 136 ? VAL A 175 . ? 1_555 ? 
# 
loop_
_pdbx_validate_torsion.id 
_pdbx_validate_torsion.PDB_model_num 
_pdbx_validate_torsion.auth_comp_id 
_pdbx_validate_torsion.auth_asym_id 
_pdbx_validate_torsion.auth_seq_id 
_pdbx_validate_torsion.PDB_ins_code 
_pdbx_validate_torsion.label_alt_id 
_pdbx_validate_torsion.phi 
_pdbx_validate_torsion.psi 
1 1 THR A 59  ? ? 72.28  103.62 
2 1 PHE A 143 ? ? -96.73 51.76  
3 1 LEU A 152 ? ? -32.83 115.87 
# 
_pdbx_struct_special_symmetry.id              1 
_pdbx_struct_special_symmetry.PDB_model_num   1 
_pdbx_struct_special_symmetry.auth_asym_id    A 
_pdbx_struct_special_symmetry.auth_comp_id    CD 
_pdbx_struct_special_symmetry.auth_seq_id     301 
_pdbx_struct_special_symmetry.PDB_ins_code    ? 
_pdbx_struct_special_symmetry.label_asym_id   B 
_pdbx_struct_special_symmetry.label_comp_id   CD 
_pdbx_struct_special_symmetry.label_seq_id    . 
# 
_phasing.method   MR 
# 
_pdbx_entry_details.entry_id                 5QRZ 
_pdbx_entry_details.has_ligand_of_interest   Y 
_pdbx_entry_details.compound_details         ? 
_pdbx_entry_details.source_details           ? 
_pdbx_entry_details.nonpolymer_details       ? 
_pdbx_entry_details.sequence_details         ? 
# 
loop_
_pdbx_distant_solvent_atoms.id 
_pdbx_distant_solvent_atoms.PDB_model_num 
_pdbx_distant_solvent_atoms.auth_atom_id 
_pdbx_distant_solvent_atoms.label_alt_id 
_pdbx_distant_solvent_atoms.auth_asym_id 
_pdbx_distant_solvent_atoms.auth_comp_id 
_pdbx_distant_solvent_atoms.auth_seq_id 
_pdbx_distant_solvent_atoms.PDB_ins_code 
_pdbx_distant_solvent_atoms.neighbor_macromolecule_distance 
_pdbx_distant_solvent_atoms.neighbor_ligand_distance 
1 1 O ? A HOH 470 ? 6.45 . 
2 1 O ? A HOH 471 ? 6.60 . 
# 
_pdbx_unobs_or_zero_occ_residues.id               1 
_pdbx_unobs_or_zero_occ_residues.PDB_model_num    1 
_pdbx_unobs_or_zero_occ_residues.polymer_flag     Y 
_pdbx_unobs_or_zero_occ_residues.occupancy_flag   1 
_pdbx_unobs_or_zero_occ_residues.auth_asym_id     A 
_pdbx_unobs_or_zero_occ_residues.auth_comp_id     GLY 
_pdbx_unobs_or_zero_occ_residues.auth_seq_id      40 
_pdbx_unobs_or_zero_occ_residues.PDB_ins_code     ? 
_pdbx_unobs_or_zero_occ_residues.label_asym_id    A 
_pdbx_unobs_or_zero_occ_residues.label_comp_id    GLY 
_pdbx_unobs_or_zero_occ_residues.label_seq_id     1 
# 
loop_
_chem_comp_atom.comp_id 
_chem_comp_atom.atom_id 
_chem_comp_atom.type_symbol 
_chem_comp_atom.pdbx_aromatic_flag 
_chem_comp_atom.pdbx_stereo_config 
_chem_comp_atom.pdbx_ordinal 
ALA N    N  N N 1   
ALA CA   C  N S 2   
ALA C    C  N N 3   
ALA O    O  N N 4   
ALA CB   C  N N 5   
ALA OXT  O  N N 6   
ALA H    H  N N 7   
ALA H2   H  N N 8   
ALA HA   H  N N 9   
ALA HB1  H  N N 10  
ALA HB2  H  N N 11  
ALA HB3  H  N N 12  
ALA HXT  H  N N 13  
ARG N    N  N N 14  
ARG CA   C  N S 15  
ARG C    C  N N 16  
ARG O    O  N N 17  
ARG CB   C  N N 18  
ARG CG   C  N N 19  
ARG CD   C  N N 20  
ARG NE   N  N N 21  
ARG CZ   C  N N 22  
ARG NH1  N  N N 23  
ARG NH2  N  N N 24  
ARG OXT  O  N N 25  
ARG H    H  N N 26  
ARG H2   H  N N 27  
ARG HA   H  N N 28  
ARG HB2  H  N N 29  
ARG HB3  H  N N 30  
ARG HG2  H  N N 31  
ARG HG3  H  N N 32  
ARG HD2  H  N N 33  
ARG HD3  H  N N 34  
ARG HE   H  N N 35  
ARG HH11 H  N N 36  
ARG HH12 H  N N 37  
ARG HH21 H  N N 38  
ARG HH22 H  N N 39  
ARG HXT  H  N N 40  
ASN N    N  N N 41  
ASN CA   C  N S 42  
ASN C    C  N N 43  
ASN O    O  N N 44  
ASN CB   C  N N 45  
ASN CG   C  N N 46  
ASN OD1  O  N N 47  
ASN ND2  N  N N 48  
ASN OXT  O  N N 49  
ASN H    H  N N 50  
ASN H2   H  N N 51  
ASN HA   H  N N 52  
ASN HB2  H  N N 53  
ASN HB3  H  N N 54  
ASN HD21 H  N N 55  
ASN HD22 H  N N 56  
ASN HXT  H  N N 57  
ASP N    N  N N 58  
ASP CA   C  N S 59  
ASP C    C  N N 60  
ASP O    O  N N 61  
ASP CB   C  N N 62  
ASP CG   C  N N 63  
ASP OD1  O  N N 64  
ASP OD2  O  N N 65  
ASP OXT  O  N N 66  
ASP H    H  N N 67  
ASP H2   H  N N 68  
ASP HA   H  N N 69  
ASP HB2  H  N N 70  
ASP HB3  H  N N 71  
ASP HD2  H  N N 72  
ASP HXT  H  N N 73  
CD  CD   CD N N 74  
CYS N    N  N N 75  
CYS CA   C  N R 76  
CYS C    C  N N 77  
CYS O    O  N N 78  
CYS CB   C  N N 79  
CYS SG   S  N N 80  
CYS OXT  O  N N 81  
CYS H    H  N N 82  
CYS H2   H  N N 83  
CYS HA   H  N N 84  
CYS HB2  H  N N 85  
CYS HB3  H  N N 86  
CYS HG   H  N N 87  
CYS HXT  H  N N 88  
GLN N    N  N N 89  
GLN CA   C  N S 90  
GLN C    C  N N 91  
GLN O    O  N N 92  
GLN CB   C  N N 93  
GLN CG   C  N N 94  
GLN CD   C  N N 95  
GLN OE1  O  N N 96  
GLN NE2  N  N N 97  
GLN OXT  O  N N 98  
GLN H    H  N N 99  
GLN H2   H  N N 100 
GLN HA   H  N N 101 
GLN HB2  H  N N 102 
GLN HB3  H  N N 103 
GLN HG2  H  N N 104 
GLN HG3  H  N N 105 
GLN HE21 H  N N 106 
GLN HE22 H  N N 107 
GLN HXT  H  N N 108 
GLU N    N  N N 109 
GLU CA   C  N S 110 
GLU C    C  N N 111 
GLU O    O  N N 112 
GLU CB   C  N N 113 
GLU CG   C  N N 114 
GLU CD   C  N N 115 
GLU OE1  O  N N 116 
GLU OE2  O  N N 117 
GLU OXT  O  N N 118 
GLU H    H  N N 119 
GLU H2   H  N N 120 
GLU HA   H  N N 121 
GLU HB2  H  N N 122 
GLU HB3  H  N N 123 
GLU HG2  H  N N 124 
GLU HG3  H  N N 125 
GLU HE2  H  N N 126 
GLU HXT  H  N N 127 
GLY N    N  N N 128 
GLY CA   C  N N 129 
GLY C    C  N N 130 
GLY O    O  N N 131 
GLY OXT  O  N N 132 
GLY H    H  N N 133 
GLY H2   H  N N 134 
GLY HA2  H  N N 135 
GLY HA3  H  N N 136 
GLY HXT  H  N N 137 
HIS N    N  N N 138 
HIS CA   C  N S 139 
HIS C    C  N N 140 
HIS O    O  N N 141 
HIS CB   C  N N 142 
HIS CG   C  Y N 143 
HIS ND1  N  Y N 144 
HIS CD2  C  Y N 145 
HIS CE1  C  Y N 146 
HIS NE2  N  Y N 147 
HIS OXT  O  N N 148 
HIS H    H  N N 149 
HIS H2   H  N N 150 
HIS HA   H  N N 151 
HIS HB2  H  N N 152 
HIS HB3  H  N N 153 
HIS HD1  H  N N 154 
HIS HD2  H  N N 155 
HIS HE1  H  N N 156 
HIS HE2  H  N N 157 
HIS HXT  H  N N 158 
HOH O    O  N N 159 
HOH H1   H  N N 160 
HOH H2   H  N N 161 
ILE N    N  N N 162 
ILE CA   C  N S 163 
ILE C    C  N N 164 
ILE O    O  N N 165 
ILE CB   C  N S 166 
ILE CG1  C  N N 167 
ILE CG2  C  N N 168 
ILE CD1  C  N N 169 
ILE OXT  O  N N 170 
ILE H    H  N N 171 
ILE H2   H  N N 172 
ILE HA   H  N N 173 
ILE HB   H  N N 174 
ILE HG12 H  N N 175 
ILE HG13 H  N N 176 
ILE HG21 H  N N 177 
ILE HG22 H  N N 178 
ILE HG23 H  N N 179 
ILE HD11 H  N N 180 
ILE HD12 H  N N 181 
ILE HD13 H  N N 182 
ILE HXT  H  N N 183 
LEU N    N  N N 184 
LEU CA   C  N S 185 
LEU C    C  N N 186 
LEU O    O  N N 187 
LEU CB   C  N N 188 
LEU CG   C  N N 189 
LEU CD1  C  N N 190 
LEU CD2  C  N N 191 
LEU OXT  O  N N 192 
LEU H    H  N N 193 
LEU H2   H  N N 194 
LEU HA   H  N N 195 
LEU HB2  H  N N 196 
LEU HB3  H  N N 197 
LEU HG   H  N N 198 
LEU HD11 H  N N 199 
LEU HD12 H  N N 200 
LEU HD13 H  N N 201 
LEU HD21 H  N N 202 
LEU HD22 H  N N 203 
LEU HD23 H  N N 204 
LEU HXT  H  N N 205 
LYS N    N  N N 206 
LYS CA   C  N S 207 
LYS C    C  N N 208 
LYS O    O  N N 209 
LYS CB   C  N N 210 
LYS CG   C  N N 211 
LYS CD   C  N N 212 
LYS CE   C  N N 213 
LYS NZ   N  N N 214 
LYS OXT  O  N N 215 
LYS H    H  N N 216 
LYS H2   H  N N 217 
LYS HA   H  N N 218 
LYS HB2  H  N N 219 
LYS HB3  H  N N 220 
LYS HG2  H  N N 221 
LYS HG3  H  N N 222 
LYS HD2  H  N N 223 
LYS HD3  H  N N 224 
LYS HE2  H  N N 225 
LYS HE3  H  N N 226 
LYS HZ1  H  N N 227 
LYS HZ2  H  N N 228 
LYS HZ3  H  N N 229 
LYS HXT  H  N N 230 
MET N    N  N N 231 
MET CA   C  N S 232 
MET C    C  N N 233 
MET O    O  N N 234 
MET CB   C  N N 235 
MET CG   C  N N 236 
MET SD   S  N N 237 
MET CE   C  N N 238 
MET OXT  O  N N 239 
MET H    H  N N 240 
MET H2   H  N N 241 
MET HA   H  N N 242 
MET HB2  H  N N 243 
MET HB3  H  N N 244 
MET HG2  H  N N 245 
MET HG3  H  N N 246 
MET HE1  H  N N 247 
MET HE2  H  N N 248 
MET HE3  H  N N 249 
MET HXT  H  N N 250 
NZ7 N1   N  N N 251 
NZ7 C4   C  N N 252 
NZ7 C5   C  N N 253 
NZ7 C6   C  N N 254 
NZ7 C7   C  N R 255 
NZ7 C8   C  N N 256 
NZ7 C10  C  N N 257 
NZ7 C1   C  N N 258 
NZ7 C2   C  N N 259 
NZ7 C3   C  N N 260 
NZ7 C9   C  N N 261 
NZ7 N2   N  N N 262 
NZ7 O1   O  N N 263 
NZ7 O2   O  N N 264 
NZ7 O3   O  N N 265 
NZ7 H1   H  N N 266 
NZ7 H2   H  N N 267 
NZ7 H3   H  N N 268 
NZ7 H4   H  N N 269 
NZ7 H5   H  N N 270 
NZ7 H6   H  N N 271 
NZ7 H7   H  N N 272 
NZ7 H8   H  N N 273 
NZ7 H9   H  N N 274 
NZ7 H10  H  N N 275 
NZ7 H11  H  N N 276 
NZ7 H12  H  N N 277 
NZ7 H13  H  N N 278 
NZ7 H14  H  N N 279 
NZ7 H15  H  N N 280 
NZ7 H16  H  N N 281 
NZ7 H17  H  N N 282 
NZ7 H18  H  N N 283 
PHE N    N  N N 284 
PHE CA   C  N S 285 
PHE C    C  N N 286 
PHE O    O  N N 287 
PHE CB   C  N N 288 
PHE CG   C  Y N 289 
PHE CD1  C  Y N 290 
PHE CD2  C  Y N 291 
PHE CE1  C  Y N 292 
PHE CE2  C  Y N 293 
PHE CZ   C  Y N 294 
PHE OXT  O  N N 295 
PHE H    H  N N 296 
PHE H2   H  N N 297 
PHE HA   H  N N 298 
PHE HB2  H  N N 299 
PHE HB3  H  N N 300 
PHE HD1  H  N N 301 
PHE HD2  H  N N 302 
PHE HE1  H  N N 303 
PHE HE2  H  N N 304 
PHE HZ   H  N N 305 
PHE HXT  H  N N 306 
PRO N    N  N N 307 
PRO CA   C  N S 308 
PRO C    C  N N 309 
PRO O    O  N N 310 
PRO CB   C  N N 311 
PRO CG   C  N N 312 
PRO CD   C  N N 313 
PRO OXT  O  N N 314 
PRO H    H  N N 315 
PRO HA   H  N N 316 
PRO HB2  H  N N 317 
PRO HB3  H  N N 318 
PRO HG2  H  N N 319 
PRO HG3  H  N N 320 
PRO HD2  H  N N 321 
PRO HD3  H  N N 322 
PRO HXT  H  N N 323 
SER N    N  N N 324 
SER CA   C  N S 325 
SER C    C  N N 326 
SER O    O  N N 327 
SER CB   C  N N 328 
SER OG   O  N N 329 
SER OXT  O  N N 330 
SER H    H  N N 331 
SER H2   H  N N 332 
SER HA   H  N N 333 
SER HB2  H  N N 334 
SER HB3  H  N N 335 
SER HG   H  N N 336 
SER HXT  H  N N 337 
THR N    N  N N 338 
THR CA   C  N S 339 
THR C    C  N N 340 
THR O    O  N N 341 
THR CB   C  N R 342 
THR OG1  O  N N 343 
THR CG2  C  N N 344 
THR OXT  O  N N 345 
THR H    H  N N 346 
THR H2   H  N N 347 
THR HA   H  N N 348 
THR HB   H  N N 349 
THR HG1  H  N N 350 
THR HG21 H  N N 351 
THR HG22 H  N N 352 
THR HG23 H  N N 353 
THR HXT  H  N N 354 
TRP N    N  N N 355 
TRP CA   C  N S 356 
TRP C    C  N N 357 
TRP O    O  N N 358 
TRP CB   C  N N 359 
TRP CG   C  Y N 360 
TRP CD1  C  Y N 361 
TRP CD2  C  Y N 362 
TRP NE1  N  Y N 363 
TRP CE2  C  Y N 364 
TRP CE3  C  Y N 365 
TRP CZ2  C  Y N 366 
TRP CZ3  C  Y N 367 
TRP CH2  C  Y N 368 
TRP OXT  O  N N 369 
TRP H    H  N N 370 
TRP H2   H  N N 371 
TRP HA   H  N N 372 
TRP HB2  H  N N 373 
TRP HB3  H  N N 374 
TRP HD1  H  N N 375 
TRP HE1  H  N N 376 
TRP HE3  H  N N 377 
TRP HZ2  H  N N 378 
TRP HZ3  H  N N 379 
TRP HH2  H  N N 380 
TRP HXT  H  N N 381 
TYR N    N  N N 382 
TYR CA   C  N S 383 
TYR C    C  N N 384 
TYR O    O  N N 385 
TYR CB   C  N N 386 
TYR CG   C  Y N 387 
TYR CD1  C  Y N 388 
TYR CD2  C  Y N 389 
TYR CE1  C  Y N 390 
TYR CE2  C  Y N 391 
TYR CZ   C  Y N 392 
TYR OH   O  N N 393 
TYR OXT  O  N N 394 
TYR H    H  N N 395 
TYR H2   H  N N 396 
TYR HA   H  N N 397 
TYR HB2  H  N N 398 
TYR HB3  H  N N 399 
TYR HD1  H  N N 400 
TYR HD2  H  N N 401 
TYR HE1  H  N N 402 
TYR HE2  H  N N 403 
TYR HH   H  N N 404 
TYR HXT  H  N N 405 
VAL N    N  N N 406 
VAL CA   C  N S 407 
VAL C    C  N N 408 
VAL O    O  N N 409 
VAL CB   C  N N 410 
VAL CG1  C  N N 411 
VAL CG2  C  N N 412 
VAL OXT  O  N N 413 
VAL H    H  N N 414 
VAL H2   H  N N 415 
VAL HA   H  N N 416 
VAL HB   H  N N 417 
VAL HG11 H  N N 418 
VAL HG12 H  N N 419 
VAL HG13 H  N N 420 
VAL HG21 H  N N 421 
VAL HG22 H  N N 422 
VAL HG23 H  N N 423 
VAL HXT  H  N N 424 
# 
loop_
_chem_comp_bond.comp_id 
_chem_comp_bond.atom_id_1 
_chem_comp_bond.atom_id_2 
_chem_comp_bond.value_order 
_chem_comp_bond.pdbx_aromatic_flag 
_chem_comp_bond.pdbx_stereo_config 
_chem_comp_bond.pdbx_ordinal 
ALA N   CA   sing N N 1   
ALA N   H    sing N N 2   
ALA N   H2   sing N N 3   
ALA CA  C    sing N N 4   
ALA CA  CB   sing N N 5   
ALA CA  HA   sing N N 6   
ALA C   O    doub N N 7   
ALA C   OXT  sing N N 8   
ALA CB  HB1  sing N N 9   
ALA CB  HB2  sing N N 10  
ALA CB  HB3  sing N N 11  
ALA OXT HXT  sing N N 12  
ARG N   CA   sing N N 13  
ARG N   H    sing N N 14  
ARG N   H2   sing N N 15  
ARG CA  C    sing N N 16  
ARG CA  CB   sing N N 17  
ARG CA  HA   sing N N 18  
ARG C   O    doub N N 19  
ARG C   OXT  sing N N 20  
ARG CB  CG   sing N N 21  
ARG CB  HB2  sing N N 22  
ARG CB  HB3  sing N N 23  
ARG CG  CD   sing N N 24  
ARG CG  HG2  sing N N 25  
ARG CG  HG3  sing N N 26  
ARG CD  NE   sing N N 27  
ARG CD  HD2  sing N N 28  
ARG CD  HD3  sing N N 29  
ARG NE  CZ   sing N N 30  
ARG NE  HE   sing N N 31  
ARG CZ  NH1  sing N N 32  
ARG CZ  NH2  doub N N 33  
ARG NH1 HH11 sing N N 34  
ARG NH1 HH12 sing N N 35  
ARG NH2 HH21 sing N N 36  
ARG NH2 HH22 sing N N 37  
ARG OXT HXT  sing N N 38  
ASN N   CA   sing N N 39  
ASN N   H    sing N N 40  
ASN N   H2   sing N N 41  
ASN CA  C    sing N N 42  
ASN CA  CB   sing N N 43  
ASN CA  HA   sing N N 44  
ASN C   O    doub N N 45  
ASN C   OXT  sing N N 46  
ASN CB  CG   sing N N 47  
ASN CB  HB2  sing N N 48  
ASN CB  HB3  sing N N 49  
ASN CG  OD1  doub N N 50  
ASN CG  ND2  sing N N 51  
ASN ND2 HD21 sing N N 52  
ASN ND2 HD22 sing N N 53  
ASN OXT HXT  sing N N 54  
ASP N   CA   sing N N 55  
ASP N   H    sing N N 56  
ASP N   H2   sing N N 57  
ASP CA  C    sing N N 58  
ASP CA  CB   sing N N 59  
ASP CA  HA   sing N N 60  
ASP C   O    doub N N 61  
ASP C   OXT  sing N N 62  
ASP CB  CG   sing N N 63  
ASP CB  HB2  sing N N 64  
ASP CB  HB3  sing N N 65  
ASP CG  OD1  doub N N 66  
ASP CG  OD2  sing N N 67  
ASP OD2 HD2  sing N N 68  
ASP OXT HXT  sing N N 69  
CYS N   CA   sing N N 70  
CYS N   H    sing N N 71  
CYS N   H2   sing N N 72  
CYS CA  C    sing N N 73  
CYS CA  CB   sing N N 74  
CYS CA  HA   sing N N 75  
CYS C   O    doub N N 76  
CYS C   OXT  sing N N 77  
CYS CB  SG   sing N N 78  
CYS CB  HB2  sing N N 79  
CYS CB  HB3  sing N N 80  
CYS SG  HG   sing N N 81  
CYS OXT HXT  sing N N 82  
GLN N   CA   sing N N 83  
GLN N   H    sing N N 84  
GLN N   H2   sing N N 85  
GLN CA  C    sing N N 86  
GLN CA  CB   sing N N 87  
GLN CA  HA   sing N N 88  
GLN C   O    doub N N 89  
GLN C   OXT  sing N N 90  
GLN CB  CG   sing N N 91  
GLN CB  HB2  sing N N 92  
GLN CB  HB3  sing N N 93  
GLN CG  CD   sing N N 94  
GLN CG  HG2  sing N N 95  
GLN CG  HG3  sing N N 96  
GLN CD  OE1  doub N N 97  
GLN CD  NE2  sing N N 98  
GLN NE2 HE21 sing N N 99  
GLN NE2 HE22 sing N N 100 
GLN OXT HXT  sing N N 101 
GLU N   CA   sing N N 102 
GLU N   H    sing N N 103 
GLU N   H2   sing N N 104 
GLU CA  C    sing N N 105 
GLU CA  CB   sing N N 106 
GLU CA  HA   sing N N 107 
GLU C   O    doub N N 108 
GLU C   OXT  sing N N 109 
GLU CB  CG   sing N N 110 
GLU CB  HB2  sing N N 111 
GLU CB  HB3  sing N N 112 
GLU CG  CD   sing N N 113 
GLU CG  HG2  sing N N 114 
GLU CG  HG3  sing N N 115 
GLU CD  OE1  doub N N 116 
GLU CD  OE2  sing N N 117 
GLU OE2 HE2  sing N N 118 
GLU OXT HXT  sing N N 119 
GLY N   CA   sing N N 120 
GLY N   H    sing N N 121 
GLY N   H2   sing N N 122 
GLY CA  C    sing N N 123 
GLY CA  HA2  sing N N 124 
GLY CA  HA3  sing N N 125 
GLY C   O    doub N N 126 
GLY C   OXT  sing N N 127 
GLY OXT HXT  sing N N 128 
HIS N   CA   sing N N 129 
HIS N   H    sing N N 130 
HIS N   H2   sing N N 131 
HIS CA  C    sing N N 132 
HIS CA  CB   sing N N 133 
HIS CA  HA   sing N N 134 
HIS C   O    doub N N 135 
HIS C   OXT  sing N N 136 
HIS CB  CG   sing N N 137 
HIS CB  HB2  sing N N 138 
HIS CB  HB3  sing N N 139 
HIS CG  ND1  sing Y N 140 
HIS CG  CD2  doub Y N 141 
HIS ND1 CE1  doub Y N 142 
HIS ND1 HD1  sing N N 143 
HIS CD2 NE2  sing Y N 144 
HIS CD2 HD2  sing N N 145 
HIS CE1 NE2  sing Y N 146 
HIS CE1 HE1  sing N N 147 
HIS NE2 HE2  sing N N 148 
HIS OXT HXT  sing N N 149 
HOH O   H1   sing N N 150 
HOH O   H2   sing N N 151 
ILE N   CA   sing N N 152 
ILE N   H    sing N N 153 
ILE N   H2   sing N N 154 
ILE CA  C    sing N N 155 
ILE CA  CB   sing N N 156 
ILE CA  HA   sing N N 157 
ILE C   O    doub N N 158 
ILE C   OXT  sing N N 159 
ILE CB  CG1  sing N N 160 
ILE CB  CG2  sing N N 161 
ILE CB  HB   sing N N 162 
ILE CG1 CD1  sing N N 163 
ILE CG1 HG12 sing N N 164 
ILE CG1 HG13 sing N N 165 
ILE CG2 HG21 sing N N 166 
ILE CG2 HG22 sing N N 167 
ILE CG2 HG23 sing N N 168 
ILE CD1 HD11 sing N N 169 
ILE CD1 HD12 sing N N 170 
ILE CD1 HD13 sing N N 171 
ILE OXT HXT  sing N N 172 
LEU N   CA   sing N N 173 
LEU N   H    sing N N 174 
LEU N   H2   sing N N 175 
LEU CA  C    sing N N 176 
LEU CA  CB   sing N N 177 
LEU CA  HA   sing N N 178 
LEU C   O    doub N N 179 
LEU C   OXT  sing N N 180 
LEU CB  CG   sing N N 181 
LEU CB  HB2  sing N N 182 
LEU CB  HB3  sing N N 183 
LEU CG  CD1  sing N N 184 
LEU CG  CD2  sing N N 185 
LEU CG  HG   sing N N 186 
LEU CD1 HD11 sing N N 187 
LEU CD1 HD12 sing N N 188 
LEU CD1 HD13 sing N N 189 
LEU CD2 HD21 sing N N 190 
LEU CD2 HD22 sing N N 191 
LEU CD2 HD23 sing N N 192 
LEU OXT HXT  sing N N 193 
LYS N   CA   sing N N 194 
LYS N   H    sing N N 195 
LYS N   H2   sing N N 196 
LYS CA  C    sing N N 197 
LYS CA  CB   sing N N 198 
LYS CA  HA   sing N N 199 
LYS C   O    doub N N 200 
LYS C   OXT  sing N N 201 
LYS CB  CG   sing N N 202 
LYS CB  HB2  sing N N 203 
LYS CB  HB3  sing N N 204 
LYS CG  CD   sing N N 205 
LYS CG  HG2  sing N N 206 
LYS CG  HG3  sing N N 207 
LYS CD  CE   sing N N 208 
LYS CD  HD2  sing N N 209 
LYS CD  HD3  sing N N 210 
LYS CE  NZ   sing N N 211 
LYS CE  HE2  sing N N 212 
LYS CE  HE3  sing N N 213 
LYS NZ  HZ1  sing N N 214 
LYS NZ  HZ2  sing N N 215 
LYS NZ  HZ3  sing N N 216 
LYS OXT HXT  sing N N 217 
MET N   CA   sing N N 218 
MET N   H    sing N N 219 
MET N   H2   sing N N 220 
MET CA  C    sing N N 221 
MET CA  CB   sing N N 222 
MET CA  HA   sing N N 223 
MET C   O    doub N N 224 
MET C   OXT  sing N N 225 
MET CB  CG   sing N N 226 
MET CB  HB2  sing N N 227 
MET CB  HB3  sing N N 228 
MET CG  SD   sing N N 229 
MET CG  HG2  sing N N 230 
MET CG  HG3  sing N N 231 
MET SD  CE   sing N N 232 
MET CE  HE1  sing N N 233 
MET CE  HE2  sing N N 234 
MET CE  HE3  sing N N 235 
MET OXT HXT  sing N N 236 
NZ7 C9  C8   sing N N 237 
NZ7 C9  O3   sing N N 238 
NZ7 C8  C7   sing N N 239 
NZ7 O3  C10  sing N N 240 
NZ7 C6  C7   sing N N 241 
NZ7 C6  O2   sing N N 242 
NZ7 C7  C10  sing N N 243 
NZ7 C7  N2   sing N N 244 
NZ7 O2  C5   sing N N 245 
NZ7 O1  C3   doub N N 246 
NZ7 N2  C3   sing N N 247 
NZ7 N2  C4   sing N N 248 
NZ7 C3  N1   sing N N 249 
NZ7 C5  C4   sing N N 250 
NZ7 C1  N1   sing N N 251 
NZ7 N1  C2   sing N N 252 
NZ7 C4  H1   sing N N 253 
NZ7 C4  H2   sing N N 254 
NZ7 C5  H3   sing N N 255 
NZ7 C5  H4   sing N N 256 
NZ7 C6  H5   sing N N 257 
NZ7 C6  H6   sing N N 258 
NZ7 C8  H7   sing N N 259 
NZ7 C8  H8   sing N N 260 
NZ7 C10 H9   sing N N 261 
NZ7 C10 H10  sing N N 262 
NZ7 C1  H11  sing N N 263 
NZ7 C1  H12  sing N N 264 
NZ7 C1  H13  sing N N 265 
NZ7 C2  H14  sing N N 266 
NZ7 C2  H15  sing N N 267 
NZ7 C2  H16  sing N N 268 
NZ7 C9  H17  sing N N 269 
NZ7 C9  H18  sing N N 270 
PHE N   CA   sing N N 271 
PHE N   H    sing N N 272 
PHE N   H2   sing N N 273 
PHE CA  C    sing N N 274 
PHE CA  CB   sing N N 275 
PHE CA  HA   sing N N 276 
PHE C   O    doub N N 277 
PHE C   OXT  sing N N 278 
PHE CB  CG   sing N N 279 
PHE CB  HB2  sing N N 280 
PHE CB  HB3  sing N N 281 
PHE CG  CD1  doub Y N 282 
PHE CG  CD2  sing Y N 283 
PHE CD1 CE1  sing Y N 284 
PHE CD1 HD1  sing N N 285 
PHE CD2 CE2  doub Y N 286 
PHE CD2 HD2  sing N N 287 
PHE CE1 CZ   doub Y N 288 
PHE CE1 HE1  sing N N 289 
PHE CE2 CZ   sing Y N 290 
PHE CE2 HE2  sing N N 291 
PHE CZ  HZ   sing N N 292 
PHE OXT HXT  sing N N 293 
PRO N   CA   sing N N 294 
PRO N   CD   sing N N 295 
PRO N   H    sing N N 296 
PRO CA  C    sing N N 297 
PRO CA  CB   sing N N 298 
PRO CA  HA   sing N N 299 
PRO C   O    doub N N 300 
PRO C   OXT  sing N N 301 
PRO CB  CG   sing N N 302 
PRO CB  HB2  sing N N 303 
PRO CB  HB3  sing N N 304 
PRO CG  CD   sing N N 305 
PRO CG  HG2  sing N N 306 
PRO CG  HG3  sing N N 307 
PRO CD  HD2  sing N N 308 
PRO CD  HD3  sing N N 309 
PRO OXT HXT  sing N N 310 
SER N   CA   sing N N 311 
SER N   H    sing N N 312 
SER N   H2   sing N N 313 
SER CA  C    sing N N 314 
SER CA  CB   sing N N 315 
SER CA  HA   sing N N 316 
SER C   O    doub N N 317 
SER C   OXT  sing N N 318 
SER CB  OG   sing N N 319 
SER CB  HB2  sing N N 320 
SER CB  HB3  sing N N 321 
SER OG  HG   sing N N 322 
SER OXT HXT  sing N N 323 
THR N   CA   sing N N 324 
THR N   H    sing N N 325 
THR N   H2   sing N N 326 
THR CA  C    sing N N 327 
THR CA  CB   sing N N 328 
THR CA  HA   sing N N 329 
THR C   O    doub N N 330 
THR C   OXT  sing N N 331 
THR CB  OG1  sing N N 332 
THR CB  CG2  sing N N 333 
THR CB  HB   sing N N 334 
THR OG1 HG1  sing N N 335 
THR CG2 HG21 sing N N 336 
THR CG2 HG22 sing N N 337 
THR CG2 HG23 sing N N 338 
THR OXT HXT  sing N N 339 
TRP N   CA   sing N N 340 
TRP N   H    sing N N 341 
TRP N   H2   sing N N 342 
TRP CA  C    sing N N 343 
TRP CA  CB   sing N N 344 
TRP CA  HA   sing N N 345 
TRP C   O    doub N N 346 
TRP C   OXT  sing N N 347 
TRP CB  CG   sing N N 348 
TRP CB  HB2  sing N N 349 
TRP CB  HB3  sing N N 350 
TRP CG  CD1  doub Y N 351 
TRP CG  CD2  sing Y N 352 
TRP CD1 NE1  sing Y N 353 
TRP CD1 HD1  sing N N 354 
TRP CD2 CE2  doub Y N 355 
TRP CD2 CE3  sing Y N 356 
TRP NE1 CE2  sing Y N 357 
TRP NE1 HE1  sing N N 358 
TRP CE2 CZ2  sing Y N 359 
TRP CE3 CZ3  doub Y N 360 
TRP CE3 HE3  sing N N 361 
TRP CZ2 CH2  doub Y N 362 
TRP CZ2 HZ2  sing N N 363 
TRP CZ3 CH2  sing Y N 364 
TRP CZ3 HZ3  sing N N 365 
TRP CH2 HH2  sing N N 366 
TRP OXT HXT  sing N N 367 
TYR N   CA   sing N N 368 
TYR N   H    sing N N 369 
TYR N   H2   sing N N 370 
TYR CA  C    sing N N 371 
TYR CA  CB   sing N N 372 
TYR CA  HA   sing N N 373 
TYR C   O    doub N N 374 
TYR C   OXT  sing N N 375 
TYR CB  CG   sing N N 376 
TYR CB  HB2  sing N N 377 
TYR CB  HB3  sing N N 378 
TYR CG  CD1  doub Y N 379 
TYR CG  CD2  sing Y N 380 
TYR CD1 CE1  sing Y N 381 
TYR CD1 HD1  sing N N 382 
TYR CD2 CE2  doub Y N 383 
TYR CD2 HD2  sing N N 384 
TYR CE1 CZ   doub Y N 385 
TYR CE1 HE1  sing N N 386 
TYR CE2 CZ   sing Y N 387 
TYR CE2 HE2  sing N N 388 
TYR CZ  OH   sing N N 389 
TYR OH  HH   sing N N 390 
TYR OXT HXT  sing N N 391 
VAL N   CA   sing N N 392 
VAL N   H    sing N N 393 
VAL N   H2   sing N N 394 
VAL CA  C    sing N N 395 
VAL CA  CB   sing N N 396 
VAL CA  HA   sing N N 397 
VAL C   O    doub N N 398 
VAL C   OXT  sing N N 399 
VAL CB  CG1  sing N N 400 
VAL CB  CG2  sing N N 401 
VAL CB  HB   sing N N 402 
VAL CG1 HG11 sing N N 403 
VAL CG1 HG12 sing N N 404 
VAL CG1 HG13 sing N N 405 
VAL CG2 HG21 sing N N 406 
VAL CG2 HG22 sing N N 407 
VAL CG2 HG23 sing N N 408 
VAL OXT HXT  sing N N 409 
# 
_pdbx_deposit_group.group_id            G_1002080 
_pdbx_deposit_group.group_description   
;Human Brachyury screened against the DSI-poised Fragment Library by X-ray Crystallography at the XChem facility of Diamond Light Source beamline I04-1
;
_pdbx_deposit_group.group_title         'PanDDA analysis group deposition' 
_pdbx_deposit_group.group_type          'changed state' 
# 
_pdbx_entity_instance_feature.ordinal        1 
_pdbx_entity_instance_feature.comp_id        NZ7 
_pdbx_entity_instance_feature.asym_id        ? 
_pdbx_entity_instance_feature.seq_num        ? 
_pdbx_entity_instance_feature.auth_comp_id   NZ7 
_pdbx_entity_instance_feature.auth_asym_id   ? 
_pdbx_entity_instance_feature.auth_seq_num   ? 
_pdbx_entity_instance_feature.feature_type   'SUBJECT OF INVESTIGATION' 
_pdbx_entity_instance_feature.details        ? 
# 
_atom_sites.entry_id                    5QRZ 
_atom_sites.fract_transf_matrix[1][1]   -0.00429537 
_atom_sites.fract_transf_matrix[1][2]   -0.00073263 
_atom_sites.fract_transf_matrix[1][3]   0.01612151 
_atom_sites.fract_transf_matrix[2][1]   0.01025484 
_atom_sites.fract_transf_matrix[2][2]   -0.01300551 
_atom_sites.fract_transf_matrix[2][3]   0.00214125 
_atom_sites.fract_transf_matrix[3][1]   0.00678867 
_atom_sites.fract_transf_matrix[3][2]   0.00569325 
_atom_sites.fract_transf_matrix[3][3]   0.00206748 
_atom_sites.fract_transf_vector[1]      0.345670 
_atom_sites.fract_transf_vector[2]      -0.017216 
_atom_sites.fract_transf_vector[3]      0.060492 
# 
loop_
_atom_type.symbol 
C  
CD 
N  
O  
S  
# 
loop_
_atom_site.group_PDB 
_atom_site.id 
_atom_site.type_symbol 
_atom_site.label_atom_id 
_atom_site.label_alt_id 
_atom_site.label_comp_id 
_atom_site.label_asym_id 
_atom_site.label_entity_id 
_atom_site.label_seq_id 
_atom_site.pdbx_PDB_ins_code 
_atom_site.Cartn_x 
_atom_site.Cartn_y 
_atom_site.Cartn_z 
_atom_site.occupancy 
_atom_site.B_iso_or_equiv 
_atom_site.pdbx_formal_charge 
_atom_site.auth_seq_id 
_atom_site.auth_comp_id 
_atom_site.auth_asym_id 
_atom_site.auth_atom_id 
_atom_site.pdbx_PDB_model_num 
ATOM   1    N  N   . GLU A 1 2   ? -7.442  15.469  17.708  1.00 79.65  ? 41  GLU A N   1 
ATOM   2    C  CA  . GLU A 1 2   ? -7.757  14.117  17.181  1.00 79.30  ? 41  GLU A CA  1 
ATOM   3    C  C   . GLU A 1 2   ? -6.909  13.871  15.923  1.00 72.84  ? 41  GLU A C   1 
ATOM   4    O  O   . GLU A 1 2   ? -6.978  14.689  14.980  1.00 70.44  ? 41  GLU A O   1 
ATOM   5    C  CB  . GLU A 1 2   ? -9.259  13.993  16.901  1.00 85.13  ? 41  GLU A CB  1 
ATOM   6    C  CG  . GLU A 1 2   ? -9.854  12.637  17.258  1.00 91.34  ? 41  GLU A CG  1 
ATOM   7    C  CD  . GLU A 1 2   ? -10.267 12.483  18.715  1.00 98.07  ? 41  GLU A CD  1 
ATOM   8    O  OE1 . GLU A 1 2   ? -11.484 12.355  18.984  1.00 95.10  ? 41  GLU A OE1 1 
ATOM   9    O  OE2 . GLU A 1 2   ? -9.371  12.484  19.581  1.00 101.06 ? 41  GLU A OE2 1 
ATOM   10   N  N   . LEU A 1 3   ? -6.136  12.782  15.926  1.00 64.52  ? 42  LEU A N   1 
ATOM   11   C  CA  . LEU A 1 3   ? -5.263  12.344  14.803  1.00 66.16  ? 42  LEU A CA  1 
ATOM   12   C  C   . LEU A 1 3   ? -6.124  11.867  13.627  1.00 59.97  ? 42  LEU A C   1 
ATOM   13   O  O   . LEU A 1 3   ? -6.757  10.846  13.790  1.00 62.04  ? 42  LEU A O   1 
ATOM   14   C  CB  . LEU A 1 3   ? -4.360  11.219  15.323  1.00 61.72  ? 42  LEU A CB  1 
ATOM   15   C  CG  . LEU A 1 3   ? -3.451  10.538  14.300  1.00 66.16  ? 42  LEU A CG  1 
ATOM   16   C  CD1 . LEU A 1 3   ? -3.011  11.493  13.198  1.00 69.58  ? 42  LEU A CD1 1 
ATOM   17   C  CD2 . LEU A 1 3   ? -2.238  9.939   15.002  1.00 67.74  ? 42  LEU A CD2 1 
ATOM   18   N  N   . ARG A 1 4   ? -6.144  12.608  12.513  1.00 55.03  ? 43  ARG A N   1 
ATOM   19   C  CA  . ARG A 1 4   ? -6.949  12.337  11.293  1.00 53.43  ? 43  ARG A CA  1 
ATOM   20   C  C   . ARG A 1 4   ? -6.002  11.858  10.180  1.00 54.02  ? 43  ARG A C   1 
ATOM   21   O  O   . ARG A 1 4   ? -4.978  12.541  9.936   1.00 49.78  ? 43  ARG A O   1 
ATOM   22   C  CB  . ARG A 1 4   ? -7.721  13.595  10.874  1.00 53.98  ? 43  ARG A CB  1 
ATOM   23   N  N   . VAL A 1 5   ? -6.296  10.704  9.570   1.00 53.07  ? 44  VAL A N   1 
ATOM   24   C  CA  . VAL A 1 5   ? -5.525  10.128  8.424   1.00 51.53  ? 44  VAL A CA  1 
ATOM   25   C  C   . VAL A 1 5   ? -6.460  9.975   7.222   1.00 50.86  ? 44  VAL A C   1 
ATOM   26   O  O   . VAL A 1 5   ? -7.414  9.199   7.341   1.00 51.42  ? 44  VAL A O   1 
ATOM   27   C  CB  . VAL A 1 5   ? -4.894  8.772   8.791   1.00 54.43  ? 44  VAL A CB  1 
ATOM   28   C  CG1 . VAL A 1 5   ? -4.235  8.135   7.579   1.00 53.46  ? 44  VAL A CG1 1 
ATOM   29   C  CG2 . VAL A 1 5   ? -3.905  8.883   9.940   1.00 50.43  ? 44  VAL A CG2 1 
ATOM   30   N  N   . GLY A 1 6   ? -6.171  10.651  6.108   1.00 53.97  ? 45  GLY A N   1 
ATOM   31   C  CA  . GLY A 1 6   ? -7.012  10.646  4.891   1.00 53.79  ? 45  GLY A CA  1 
ATOM   32   C  C   . GLY A 1 6   ? -6.230  10.330  3.624   1.00 53.63  ? 45  GLY A C   1 
ATOM   33   O  O   . GLY A 1 6   ? -5.029  10.617  3.557   1.00 53.73  ? 45  GLY A O   1 
ATOM   34   N  N   . LEU A 1 7   ? -6.904  9.768   2.625   1.00 50.64  ? 46  LEU A N   1 
ATOM   35   C  CA  . LEU A 1 7   ? -6.284  9.333   1.354   1.00 45.54  ? 46  LEU A CA  1 
ATOM   36   C  C   . LEU A 1 7   ? -6.334  10.503  0.382   1.00 46.30  ? 46  LEU A C   1 
ATOM   37   O  O   . LEU A 1 7   ? -7.436  10.984  0.104   1.00 52.85  ? 46  LEU A O   1 
ATOM   38   C  CB  . LEU A 1 7   ? -7.040  8.108   0.825   1.00 46.60  ? 46  LEU A CB  1 
ATOM   39   C  CG  . LEU A 1 7   ? -6.554  7.575   -0.514  1.00 46.64  ? 46  LEU A CG  1 
ATOM   40   C  CD1 . LEU A 1 7   ? -5.152  7.016   -0.392  1.00 46.33  ? 46  LEU A CD1 1 
ATOM   41   C  CD2 . LEU A 1 7   ? -7.504  6.534   -1.054  1.00 47.47  ? 46  LEU A CD2 1 
ATOM   42   N  N   . GLU A 1 8   ? -5.172  10.952  -0.095  1.00 46.65  ? 47  GLU A N   1 
ATOM   43   C  CA  . GLU A 1 8   ? -5.052  11.963  -1.166  1.00 46.97  ? 47  GLU A CA  1 
ATOM   44   C  C   . GLU A 1 8   ? -5.432  11.267  -2.478  1.00 50.36  ? 47  GLU A C   1 
ATOM   45   O  O   . GLU A 1 8   ? -5.133  10.069  -2.602  1.00 48.28  ? 47  GLU A O   1 
ATOM   46   C  CB  . GLU A 1 8   ? -3.635  12.548  -1.135  1.00 56.06  ? 47  GLU A CB  1 
ATOM   47   C  CG  . GLU A 1 8   ? -3.417  13.678  -2.123  1.00 64.80  ? 47  GLU A CG  1 
ATOM   48   C  CD  . GLU A 1 8   ? -4.090  14.984  -1.732  1.00 70.97  ? 47  GLU A CD  1 
ATOM   49   O  OE1 . GLU A 1 8   ? -4.362  15.158  -0.530  1.00 73.65  ? 47  GLU A OE1 1 
ATOM   50   O  OE2 . GLU A 1 8   ? -4.326  15.828  -2.625  1.00 83.70  ? 47  GLU A OE2 1 
ATOM   51   N  N   . GLU A 1 9   ? -6.139  11.967  -3.374  1.00 52.60  ? 48  GLU A N   1 
ATOM   52   C  CA  . GLU A 1 9   ? -6.589  11.470  -4.703  1.00 55.30  ? 48  GLU A CA  1 
ATOM   53   C  C   . GLU A 1 9   ? -7.454  10.212  -4.563  1.00 52.84  ? 48  GLU A C   1 
ATOM   54   O  O   . GLU A 1 9   ? -7.262  9.265   -5.365  1.00 50.82  ? 48  GLU A O   1 
ATOM   55   C  CB  . GLU A 1 9   ? -5.374  11.172  -5.584  1.00 59.14  ? 48  GLU A CB  1 
ATOM   56   C  CG  . GLU A 1 9   ? -4.487  12.385  -5.776  1.00 65.44  ? 48  GLU A CG  1 
ATOM   57   C  CD  . GLU A 1 9   ? -3.231  12.139  -6.586  1.00 69.43  ? 48  GLU A CD  1 
ATOM   58   O  OE1 . GLU A 1 9   ? -3.342  11.608  -7.710  1.00 75.12  ? 48  GLU A OE1 1 
ATOM   59   O  OE2 . GLU A 1 9   ? -2.145  12.480  -6.084  1.00 77.34  ? 48  GLU A OE2 1 
ATOM   60   N  N   . SER A 1 10  ? -8.400  10.181  -3.621  1.00 48.21  ? 49  SER A N   1 
ATOM   61   C  CA  . SER A 1 10  ? -9.304  9.009   -3.465  1.00 51.25  ? 49  SER A CA  1 
ATOM   62   C  C   . SER A 1 10  ? -10.121 8.808   -4.750  1.00 47.24  ? 49  SER A C   1 
ATOM   63   O  O   . SER A 1 10  ? -10.321 7.646   -5.102  1.00 53.14  ? 49  SER A O   1 
ATOM   64   C  CB  . SER A 1 10  ? -10.182 9.116   -2.239  1.00 50.58  ? 49  SER A CB  1 
ATOM   65   O  OG  . SER A 1 10  ? -10.892 10.339  -2.280  1.00 55.82  ? 49  SER A OG  1 
ATOM   66   N  N   . GLU A 1 11  ? -10.555 9.881   -5.428  1.00 48.28  ? 50  GLU A N   1 
ATOM   67   C  CA  . GLU A 1 11  ? -11.356 9.792   -6.689  1.00 59.28  ? 50  GLU A CA  1 
ATOM   68   C  C   . GLU A 1 11  ? -10.581 8.956   -7.724  1.00 58.28  ? 50  GLU A C   1 
ATOM   69   O  O   . GLU A 1 11  ? -11.199 8.080   -8.358  1.00 63.67  ? 50  GLU A O   1 
ATOM   70   C  CB  . GLU A 1 11  ? -11.754 11.176  -7.226  1.00 58.75  ? 50  GLU A CB  1 
ATOM   71   C  CG  . GLU A 1 11  ? -10.742 11.852  -8.150  1.00 68.82  ? 50  GLU A CG  1 
ATOM   72   C  CD  . GLU A 1 11  ? -10.958 11.694  -9.655  1.00 73.54  ? 50  GLU A CD  1 
ATOM   73   O  OE1 . GLU A 1 11  ? -9.943  11.597  -10.383 1.00 84.11  ? 50  GLU A OE1 1 
ATOM   74   O  OE2 . GLU A 1 11  ? -12.133 11.697  -10.111 1.00 73.96  ? 50  GLU A OE2 1 
ATOM   75   N  N   . LEU A 1 12  ? -9.271  9.168   -7.857  1.00 51.77  ? 51  LEU A N   1 
ATOM   76   C  CA  . LEU A 1 12  ? -8.414  8.411   -8.815  1.00 56.12  ? 51  LEU A CA  1 
ATOM   77   C  C   . LEU A 1 12  ? -8.386  6.934   -8.408  1.00 48.54  ? 51  LEU A C   1 
ATOM   78   O  O   . LEU A 1 12  ? -8.668  6.064   -9.249  1.00 48.21  ? 51  LEU A O   1 
ATOM   79   C  CB  . LEU A 1 12  ? -6.991  8.982   -8.820  1.00 57.70  ? 51  LEU A CB  1 
ATOM   80   C  CG  . LEU A 1 12  ? -6.009  8.247   -9.740  1.00 65.01  ? 51  LEU A CG  1 
ATOM   81   C  CD1 . LEU A 1 12  ? -6.487  8.283   -11.189 1.00 64.70  ? 51  LEU A CD1 1 
ATOM   82   C  CD2 . LEU A 1 12  ? -4.606  8.817   -9.618  1.00 66.06  ? 51  LEU A CD2 1 
ATOM   83   N  N   . TRP A 1 13  ? -8.038  6.663   -7.153  1.00 48.72  ? 52  TRP A N   1 
ATOM   84   C  CA  . TRP A 1 13  ? -7.976  5.285   -6.609  1.00 46.60  ? 52  TRP A CA  1 
ATOM   85   C  C   . TRP A 1 13  ? -9.305  4.570   -6.843  1.00 46.04  ? 52  TRP A C   1 
ATOM   86   O  O   . TRP A 1 13  ? -9.268  3.357   -7.134  1.00 43.69  ? 52  TRP A O   1 
ATOM   87   C  CB  . TRP A 1 13  ? -7.614  5.297   -5.129  1.00 43.54  ? 52  TRP A CB  1 
ATOM   88   C  CG  . TRP A 1 13  ? -6.148  5.421   -4.858  1.00 39.82  ? 52  TRP A CG  1 
ATOM   89   C  CD1 . TRP A 1 13  ? -5.495  6.536   -4.431  1.00 39.78  ? 52  TRP A CD1 1 
ATOM   90   C  CD2 . TRP A 1 13  ? -5.157  4.391   -4.967  1.00 38.55  ? 52  TRP A CD2 1 
ATOM   91   N  NE1 . TRP A 1 13  ? -4.163  6.276   -4.267  1.00 39.67  ? 52  TRP A NE1 1 
ATOM   92   C  CE2 . TRP A 1 13  ? -3.926  4.964   -4.570  1.00 39.27  ? 52  TRP A CE2 1 
ATOM   93   C  CE3 . TRP A 1 13  ? -5.180  3.044   -5.336  1.00 35.14  ? 52  TRP A CE3 1 
ATOM   94   C  CZ2 . TRP A 1 13  ? -2.746  4.223   -4.510  1.00 40.18  ? 52  TRP A CZ2 1 
ATOM   95   C  CZ3 . TRP A 1 13  ? -4.011  2.313   -5.288  1.00 40.71  ? 52  TRP A CZ3 1 
ATOM   96   C  CH2 . TRP A 1 13  ? -2.804  2.902   -4.892  1.00 40.04  ? 52  TRP A CH2 1 
ATOM   97   N  N   . LEU A 1 14  ? -10.426 5.270   -6.674  1.00 48.21  ? 53  LEU A N   1 
ATOM   98   C  CA  . LEU A 1 14  ? -11.783 4.665   -6.821  1.00 53.58  ? 53  LEU A CA  1 
ATOM   99   C  C   . LEU A 1 14  ? -12.019 4.204   -8.272  1.00 54.83  ? 53  LEU A C   1 
ATOM   100  O  O   . LEU A 1 14  ? -12.645 3.124   -8.468  1.00 45.34  ? 53  LEU A O   1 
ATOM   101  C  CB  . LEU A 1 14  ? -12.835 5.662   -6.320  1.00 57.96  ? 53  LEU A CB  1 
ATOM   102  C  CG  . LEU A 1 14  ? -13.325 5.447   -4.879  1.00 67.91  ? 53  LEU A CG  1 
ATOM   103  C  CD1 . LEU A 1 14  ? -12.267 4.807   -3.993  1.00 74.49  ? 53  LEU A CD1 1 
ATOM   104  C  CD2 . LEU A 1 14  ? -13.798 6.749   -4.246  1.00 69.01  ? 53  LEU A CD2 1 
ATOM   105  N  N   . ARG A 1 15  ? -11.483 4.935   -9.259  1.00 55.68  ? 54  ARG A N   1 
ATOM   106  C  CA  . ARG A 1 15  ? -11.540 4.530   -10.689 1.00 58.25  ? 54  ARG A CA  1 
ATOM   107  C  C   . ARG A 1 15  ? -10.868 3.158   -10.829 1.00 51.47  ? 54  ARG A C   1 
ATOM   108  O  O   . ARG A 1 15  ? -11.412 2.299   -11.531 1.00 52.07  ? 54  ARG A O   1 
ATOM   109  C  CB  . ARG A 1 15  ? -10.858 5.554   -11.602 1.00 64.22  ? 54  ARG A CB  1 
ATOM   110  C  CG  . ARG A 1 15  ? -11.327 6.992   -11.423 1.00 73.44  ? 54  ARG A CG  1 
ATOM   111  C  CD  . ARG A 1 15  ? -12.478 7.374   -12.325 1.00 75.41  ? 54  ARG A CD  1 
ATOM   112  N  NE  . ARG A 1 15  ? -12.101 7.256   -13.726 1.00 80.22  ? 54  ARG A NE  1 
ATOM   113  C  CZ  . ARG A 1 15  ? -11.446 8.179   -14.423 1.00 79.89  ? 54  ARG A CZ  1 
ATOM   114  N  NH1 . ARG A 1 15  ? -11.073 9.319   -13.857 1.00 77.48  ? 54  ARG A NH1 1 
ATOM   115  N  NH2 . ARG A 1 15  ? -11.160 7.945   -15.691 1.00 83.38  ? 54  ARG A NH2 1 
ATOM   116  N  N   . PHE A 1 16  ? -9.722  2.948   -10.182 1.00 45.27  ? 55  PHE A N   1 
ATOM   117  C  CA  . PHE A 1 16  ? -8.974  1.665   -10.252 1.00 45.59  ? 55  PHE A CA  1 
ATOM   118  C  C   . PHE A 1 16  ? -9.744  0.584   -9.503  1.00 45.03  ? 55  PHE A C   1 
ATOM   119  O  O   . PHE A 1 16  ? -9.919  -0.530  -10.055 1.00 38.77  ? 55  PHE A O   1 
ATOM   120  C  CB  . PHE A 1 16  ? -7.553  1.822   -9.720  1.00 43.46  ? 55  PHE A CB  1 
ATOM   121  C  CG  . PHE A 1 16  ? -6.658  2.577   -10.656 1.00 45.07  ? 55  PHE A CG  1 
ATOM   122  C  CD1 . PHE A 1 16  ? -5.934  1.905   -11.628 1.00 48.71  ? 55  PHE A CD1 1 
ATOM   123  C  CD2 . PHE A 1 16  ? -6.565  3.954   -10.591 1.00 42.80  ? 55  PHE A CD2 1 
ATOM   124  C  CE1 . PHE A 1 16  ? -5.104  2.600   -12.494 1.00 45.09  ? 55  PHE A CE1 1 
ATOM   125  C  CE2 . PHE A 1 16  ? -5.740  4.651   -11.459 1.00 42.88  ? 55  PHE A CE2 1 
ATOM   126  C  CZ  . PHE A 1 16  ? -5.031  3.974   -12.418 1.00 46.78  ? 55  PHE A CZ  1 
ATOM   127  N  N   . LYS A 1 17  ? -10.188 0.901   -8.284  1.00 45.00  ? 56  LYS A N   1 
ATOM   128  C  CA  . LYS A 1 17  ? -10.921 -0.055  -7.412  1.00 47.97  ? 56  LYS A CA  1 
ATOM   129  C  C   . LYS A 1 17  ? -12.133 -0.607  -8.177  1.00 44.97  ? 56  LYS A C   1 
ATOM   130  O  O   . LYS A 1 17  ? -12.337 -1.826  -8.121  1.00 44.40  ? 56  LYS A O   1 
ATOM   131  C  CB  . LYS A 1 17  ? -11.361 0.566   -6.073  1.00 48.59  ? 56  LYS A CB  1 
ATOM   132  C  CG  . LYS A 1 17  ? -12.217 -0.370  -5.226  1.00 52.28  ? 56  LYS A CG  1 
ATOM   133  C  CD  . LYS A 1 17  ? -11.918 -0.442  -3.742  1.00 59.54  ? 56  LYS A CD  1 
ATOM   134  C  CE  . LYS A 1 17  ? -12.781 -1.482  -3.051  1.00 59.60  ? 56  LYS A CE  1 
ATOM   135  N  NZ  . LYS A 1 17  ? -12.125 -2.054  -1.849  1.00 71.35  ? 56  LYS A NZ  1 
ATOM   136  N  N   . GLU A 1 18  ? -12.914 0.231   -8.860  1.00 49.56  ? 57  GLU A N   1 
ATOM   137  C  CA  . GLU A 1 18  ? -14.180 -0.236  -9.496  1.00 52.66  ? 57  GLU A CA  1 
ATOM   138  C  C   . GLU A 1 18  ? -13.881 -1.212  -10.644 1.00 54.19  ? 57  GLU A C   1 
ATOM   139  O  O   . GLU A 1 18  ? -14.791 -1.989  -10.948 1.00 54.76  ? 57  GLU A O   1 
ATOM   140  C  CB  . GLU A 1 18  ? -15.113 0.916   -9.881  1.00 58.30  ? 57  GLU A CB  1 
ATOM   141  C  CG  . GLU A 1 18  ? -14.555 1.935   -10.845 1.00 71.84  ? 57  GLU A CG  1 
ATOM   142  C  CD  . GLU A 1 18  ? -15.501 3.107   -11.080 1.00 83.47  ? 57  GLU A CD  1 
ATOM   143  O  OE1 . GLU A 1 18  ? -16.424 3.285   -10.264 1.00 94.67  ? 57  GLU A OE1 1 
ATOM   144  O  OE2 . GLU A 1 18  ? -15.316 3.846   -12.076 1.00 89.57  ? 57  GLU A OE2 1 
ATOM   145  N  N   . LEU A 1 19  ? -12.641 -1.292  -11.156 1.00 56.37  ? 58  LEU A N   1 
ATOM   146  C  CA  . LEU A 1 19  ? -12.234 -2.257  -12.228 1.00 48.21  ? 58  LEU A CA  1 
ATOM   147  C  C   . LEU A 1 19  ? -11.513 -3.460  -11.642 1.00 45.80  ? 58  LEU A C   1 
ATOM   148  O  O   . LEU A 1 19  ? -11.123 -4.354  -12.425 1.00 43.83  ? 58  LEU A O   1 
ATOM   149  C  CB  . LEU A 1 19  ? -11.300 -1.560  -13.223 1.00 52.70  ? 58  LEU A CB  1 
ATOM   150  C  CG  . LEU A 1 19  ? -11.792 -0.222  -13.761 1.00 55.70  ? 58  LEU A CG  1 
ATOM   151  C  CD1 . LEU A 1 19  ? -10.712 0.464   -14.588 1.00 58.47  ? 58  LEU A CD1 1 
ATOM   152  C  CD2 . LEU A 1 19  ? -13.065 -0.409  -14.559 1.00 55.35  ? 58  LEU A CD2 1 
ATOM   153  N  N   . THR A 1 20  ? -11.263 -3.462  -10.333 1.00 42.81  ? 59  THR A N   1 
ATOM   154  C  CA  . THR A 1 20  ? -10.314 -4.400  -9.671  1.00 39.08  ? 59  THR A CA  1 
ATOM   155  C  C   . THR A 1 20  ? -8.862  -4.016  -10.021 1.00 42.31  ? 59  THR A C   1 
ATOM   156  O  O   . THR A 1 20  ? -8.360  -4.339  -11.136 1.00 40.09  ? 59  THR A O   1 
ATOM   157  C  CB  . THR A 1 20  ? -10.596 -5.863  -10.009 1.00 41.57  ? 59  THR A CB  1 
ATOM   158  O  OG1 . THR A 1 20  ? -11.991 -6.116  -9.868  1.00 45.79  ? 59  THR A OG1 1 
ATOM   159  C  CG2 . THR A 1 20  ? -9.785  -6.811  -9.153  1.00 43.95  ? 59  THR A CG2 1 
ATOM   160  N  N   . ASN A 1 21  ? -8.177  -3.390  -9.073  1.00 37.61  ? 60  ASN A N   1 
ATOM   161  C  CA  . ASN A 1 21  ? -6.839  -2.797  -9.272  1.00 39.21  ? 60  ASN A CA  1 
ATOM   162  C  C   . ASN A 1 21  ? -5.812  -3.938  -9.288  1.00 39.75  ? 60  ASN A C   1 
ATOM   163  O  O   . ASN A 1 21  ? -6.042  -5.006  -8.674  1.00 36.84  ? 60  ASN A O   1 
ATOM   164  C  CB  . ASN A 1 21  ? -6.580  -1.696  -8.232  1.00 41.30  ? 60  ASN A CB  1 
ATOM   165  C  CG  . ASN A 1 21  ? -5.391  -0.814  -8.561  1.00 44.59  ? 60  ASN A CG  1 
ATOM   166  O  OD1 . ASN A 1 21  ? -4.695  -1.039  -9.559  1.00 46.37  ? 60  ASN A OD1 1 
ATOM   167  N  ND2 . ASN A 1 21  ? -5.154  0.187   -7.728  1.00 38.74  ? 60  ASN A ND2 1 
ATOM   168  N  N   . GLU A 1 22  ? -4.729  -3.734  -10.030 1.00 39.07  ? 61  GLU A N   1 
ATOM   169  C  CA  . GLU A 1 22  ? -3.620  -4.703  -10.179 1.00 39.50  ? 61  GLU A CA  1 
ATOM   170  C  C   . GLU A 1 22  ? -2.331  -3.925  -9.991  1.00 38.31  ? 61  GLU A C   1 
ATOM   171  O  O   . GLU A 1 22  ? -2.275  -2.778  -10.469 1.00 40.02  ? 61  GLU A O   1 
ATOM   172  C  CB  . GLU A 1 22  ? -3.625  -5.359  -11.566 1.00 40.26  ? 61  GLU A CB  1 
ATOM   173  C  CG  . GLU A 1 22  ? -4.883  -6.151  -11.884 1.00 40.32  ? 61  GLU A CG  1 
ATOM   174  C  CD  . GLU A 1 22  ? -5.009  -6.610  -13.335 1.00 42.49  ? 61  GLU A CD  1 
ATOM   175  O  OE1 . GLU A 1 22  ? -6.147  -6.650  -13.864 1.00 41.31  ? 61  GLU A OE1 1 
ATOM   176  O  OE2 . GLU A 1 22  ? -3.977  -6.896  -13.934 1.00 41.27  ? 61  GLU A OE2 1 
ATOM   177  N  N   . MET A 1 23  ? -1.359  -4.513  -9.313  1.00 33.88  ? 62  MET A N   1 
ATOM   178  C  CA  . MET A 1 23  ? -0.024  -3.919  -9.142  1.00 37.21  ? 62  MET A CA  1 
ATOM   179  C  C   . MET A 1 23  ? 0.967   -4.959  -9.629  1.00 39.79  ? 62  MET A C   1 
ATOM   180  O  O   . MET A 1 23  ? 0.798   -6.143  -9.285  1.00 35.84  ? 62  MET A O   1 
ATOM   181  C  CB  . MET A 1 23  ? 0.279   -3.545  -7.685  1.00 38.96  ? 62  MET A CB  1 
ATOM   182  C  CG  . MET A 1 23  ? -0.550  -2.393  -7.206  1.00 41.88  ? 62  MET A CG  1 
ATOM   183  S  SD  . MET A 1 23  ? 0.017   -0.846  -7.940  1.00 40.86  ? 62  MET A SD  1 
ATOM   184  C  CE  . MET A 1 23  ? -1.333  0.211   -7.416  1.00 34.50  ? 62  MET A CE  1 
ATOM   185  N  N   . ILE A 1 24  ? 1.891   -4.531  -10.485 1.00 39.04  ? 63  ILE A N   1 
ATOM   186  C  CA  . ILE A 1 24  ? 2.960   -5.413  -11.021 1.00 42.14  ? 63  ILE A CA  1 
ATOM   187  C  C   . ILE A 1 24  ? 3.949   -5.671  -9.895  1.00 40.55  ? 63  ILE A C   1 
ATOM   188  O  O   . ILE A 1 24  ? 4.372   -4.696  -9.218  1.00 41.63  ? 63  ILE A O   1 
ATOM   189  C  CB  . ILE A 1 24  ? 3.707   -4.776  -12.200 1.00 48.44  ? 63  ILE A CB  1 
ATOM   190  C  CG1 . ILE A 1 24  ? 2.769   -4.337  -13.321 1.00 48.00  ? 63  ILE A CG1 1 
ATOM   191  C  CG2 . ILE A 1 24  ? 4.791   -5.742  -12.667 1.00 48.46  ? 63  ILE A CG2 1 
ATOM   192  C  CD1 . ILE A 1 24  ? 2.251   -5.473  -14.145 1.00 51.70  ? 63  ILE A CD1 1 
ATOM   193  N  N   . VAL A 1 25  ? 4.318   -6.933  -9.737  1.00 40.20  ? 64  VAL A N   1 
ATOM   194  C  CA  . VAL A 1 25  ? 5.473   -7.372  -8.912  1.00 42.53  ? 64  VAL A CA  1 
ATOM   195  C  C   . VAL A 1 25  ? 6.512   -8.007  -9.846  1.00 45.30  ? 64  VAL A C   1 
ATOM   196  O  O   . VAL A 1 25  ? 6.124   -8.643  -10.837 1.00 49.40  ? 64  VAL A O   1 
ATOM   197  C  CB  . VAL A 1 25  ? 4.988   -8.307  -7.796  1.00 44.63  ? 64  VAL A CB  1 
ATOM   198  C  CG1 . VAL A 1 25  ? 3.888   -7.624  -6.995  1.00 42.81  ? 64  VAL A CG1 1 
ATOM   199  C  CG2 . VAL A 1 25  ? 4.515   -9.638  -8.329  1.00 46.34  ? 64  VAL A CG2 1 
ATOM   200  N  N   . THR A 1 26  ? 7.789   -7.764  -9.572  1.00 45.38  ? 65  THR A N   1 
ATOM   201  C  CA  . THR A 1 26  ? 8.940   -8.194  -10.411 1.00 50.23  ? 65  THR A CA  1 
ATOM   202  C  C   . THR A 1 26  ? 10.017  -8.714  -9.468  1.00 53.56  ? 65  THR A C   1 
ATOM   203  O  O   . THR A 1 26  ? 9.938   -8.399  -8.249  1.00 49.78  ? 65  THR A O   1 
ATOM   204  C  CB  . THR A 1 26  ? 9.559   -7.054  -11.233 1.00 44.44  ? 65  THR A CB  1 
ATOM   205  O  OG1 . THR A 1 26  ? 10.125  -6.151  -10.284 1.00 44.42  ? 65  THR A OG1 1 
ATOM   206  C  CG2 . THR A 1 26  ? 8.601   -6.327  -12.148 1.00 45.26  ? 65  THR A CG2 1 
ATOM   207  N  N   . LYS A 1 27  ? 11.011  -9.423  -10.006 1.00 57.19  ? 66  LYS A N   1 
ATOM   208  C  CA  . LYS A 1 27  ? 12.092  -10.022 -9.182  1.00 58.63  ? 66  LYS A CA  1 
ATOM   209  C  C   . LYS A 1 27  ? 12.818  -8.907  -8.428  1.00 51.95  ? 66  LYS A C   1 
ATOM   210  O  O   . LYS A 1 27  ? 13.149  -9.136  -7.254  1.00 54.12  ? 66  LYS A O   1 
ATOM   211  C  CB  . LYS A 1 27  ? 13.072  -10.835 -10.039 1.00 66.99  ? 66  LYS A CB  1 
ATOM   212  C  CG  . LYS A 1 27  ? 14.352  -11.242 -9.316  1.00 71.42  ? 66  LYS A CG  1 
ATOM   213  C  CD  . LYS A 1 27  ? 14.902  -12.602 -9.705  1.00 83.80  ? 66  LYS A CD  1 
ATOM   214  C  CE  . LYS A 1 27  ? 15.708  -13.255 -8.595  1.00 87.82  ? 66  LYS A CE  1 
ATOM   215  N  NZ  . LYS A 1 27  ? 17.048  -12.637 -8.446  1.00 92.19  ? 66  LYS A NZ  1 
ATOM   216  N  N   . ASN A 1 28  ? 13.060  -7.760  -9.080  1.00 51.98  ? 67  ASN A N   1 
ATOM   217  C  CA  . ASN A 1 28  ? 13.888  -6.643  -8.546  1.00 61.44  ? 67  ASN A CA  1 
ATOM   218  C  C   . ASN A 1 28  ? 13.010  -5.581  -7.869  1.00 63.22  ? 67  ASN A C   1 
ATOM   219  O  O   . ASN A 1 28  ? 13.565  -4.687  -7.193  1.00 57.81  ? 67  ASN A O   1 
ATOM   220  C  CB  . ASN A 1 28  ? 14.740  -5.985  -9.634  1.00 64.25  ? 67  ASN A CB  1 
ATOM   221  C  CG  . ASN A 1 28  ? 15.840  -6.889  -10.150 1.00 70.75  ? 67  ASN A CG  1 
ATOM   222  O  OD1 . ASN A 1 28  ? 16.395  -7.699  -9.408  1.00 62.67  ? 67  ASN A OD1 1 
ATOM   223  N  ND2 . ASN A 1 28  ? 16.159  -6.755  -11.429 1.00 74.82  ? 67  ASN A ND2 1 
ATOM   224  N  N   . GLY A 1 29  ? 11.690  -5.660  -8.045  1.00 63.72  ? 68  GLY A N   1 
ATOM   225  C  CA  . GLY A 1 29  ? 10.736  -4.777  -7.351  1.00 52.76  ? 68  GLY A CA  1 
ATOM   226  C  C   . GLY A 1 29  ? 10.277  -3.677  -8.275  1.00 50.82  ? 68  GLY A C   1 
ATOM   227  O  O   . GLY A 1 29  ? 11.125  -3.110  -8.993  1.00 53.99  ? 68  GLY A O   1 
ATOM   228  N  N   . ARG A 1 30  ? 8.978   -3.402  -8.272  1.00 45.08  ? 69  ARG A N   1 
ATOM   229  C  CA  . ARG A 1 30  ? 8.324   -2.417  -9.157  1.00 43.85  ? 69  ARG A CA  1 
ATOM   230  C  C   . ARG A 1 30  ? 7.598   -1.404  -8.269  1.00 45.15  ? 69  ARG A C   1 
ATOM   231  O  O   . ARG A 1 30  ? 6.898   -1.823  -7.328  1.00 38.27  ? 69  ARG A O   1 
ATOM   232  C  CB  . ARG A 1 30  ? 7.388   -3.150  -10.116 1.00 45.69  ? 69  ARG A CB  1 
ATOM   233  C  CG  . ARG A 1 30  ? 6.625   -2.252  -11.072 1.00 48.78  ? 69  ARG A CG  1 
ATOM   234  C  CD  . ARG A 1 30  ? 7.553   -1.570  -12.062 1.00 55.37  ? 69  ARG A CD  1 
ATOM   235  N  NE  . ARG A 1 30  ? 8.280   -2.531  -12.879 1.00 58.69  ? 69  ARG A NE  1 
ATOM   236  C  CZ  . ARG A 1 30  ? 7.812   -3.101  -13.991 1.00 65.96  ? 69  ARG A CZ  1 
ATOM   237  N  NH1 . ARG A 1 30  ? 8.574   -3.960  -14.647 1.00 70.54  ? 69  ARG A NH1 1 
ATOM   238  N  NH2 . ARG A 1 30  ? 6.597   -2.819  -14.446 1.00 60.91  ? 69  ARG A NH2 1 
ATOM   239  N  N   . ARG A 1 31  ? 7.781   -0.117  -8.551  1.00 41.37  ? 70  ARG A N   1 
ATOM   240  C  CA  . ARG A 1 31  ? 7.107   0.965   -7.809  1.00 44.45  ? 70  ARG A CA  1 
ATOM   241  C  C   . ARG A 1 31  ? 5.618   0.918   -8.142  1.00 43.03  ? 70  ARG A C   1 
ATOM   242  O  O   . ARG A 1 31  ? 5.267   0.357   -9.176  1.00 43.48  ? 70  ARG A O   1 
ATOM   243  C  CB  . ARG A 1 31  ? 7.756   2.317   -8.101  1.00 44.68  ? 70  ARG A CB  1 
ATOM   244  C  CG  . ARG A 1 31  ? 8.927   2.562   -7.164  1.00 50.95  ? 70  ARG A CG  1 
ATOM   245  C  CD  . ARG A 1 31  ? 10.081  3.289   -7.799  1.00 60.94  ? 70  ARG A CD  1 
ATOM   246  N  NE  . ARG A 1 31  ? 9.863   4.719   -7.883  1.00 70.02  ? 70  ARG A NE  1 
ATOM   247  C  CZ  . ARG A 1 31  ? 10.630  5.546   -8.591  1.00 84.56  ? 70  ARG A CZ  1 
ATOM   248  N  NH1 . ARG A 1 31  ? 11.650  5.080   -9.297  1.00 93.08  ? 70  ARG A NH1 1 
ATOM   249  N  NH2 . ARG A 1 31  ? 10.372  6.840   -8.598  1.00 88.43  ? 70  ARG A NH2 1 
ATOM   250  N  N   . MET A 1 32  ? 4.809   1.468   -7.246  1.00 41.86  ? 71  MET A N   1 
ATOM   251  C  CA  . MET A 1 32  ? 3.333   1.454   -7.335  1.00 42.27  ? 71  MET A CA  1 
ATOM   252  C  C   . MET A 1 32  ? 2.868   2.640   -8.177  1.00 40.87  ? 71  MET A C   1 
ATOM   253  O  O   . MET A 1 32  ? 3.436   3.741   -8.062  1.00 41.95  ? 71  MET A O   1 
ATOM   254  C  CB  . MET A 1 32  ? 2.700   1.575   -5.945  1.00 41.48  ? 71  MET A CB  1 
ATOM   255  C  CG  . MET A 1 32  ? 2.918   0.359   -5.069  1.00 42.47  ? 71  MET A CG  1 
ATOM   256  S  SD  . MET A 1 32  ? 2.248   0.606   -3.412  1.00 42.28  ? 71  MET A SD  1 
ATOM   257  C  CE  . MET A 1 32  ? 0.487   0.659   -3.726  1.00 39.30  ? 71  MET A CE  1 
ATOM   258  N  N   . PHE A 1 33  ? 1.815   2.429   -8.942  1.00 38.83  ? 72  PHE A N   1 
ATOM   259  C  CA  . PHE A 1 33  ? 0.976   3.507   -9.499  1.00 41.18  ? 72  PHE A CA  1 
ATOM   260  C  C   . PHE A 1 33  ? -0.461  3.025   -9.435  1.00 39.88  ? 72  PHE A C   1 
ATOM   261  O  O   . PHE A 1 33  ? -0.783  1.968   -9.965  1.00 43.38  ? 72  PHE A O   1 
ATOM   262  C  CB  . PHE A 1 33  ? 1.332   3.897   -10.943 1.00 41.78  ? 72  PHE A CB  1 
ATOM   263  C  CG  . PHE A 1 33  ? 0.521   5.090   -11.396 1.00 42.93  ? 72  PHE A CG  1 
ATOM   264  C  CD1 . PHE A 1 33  ? 0.878   6.379   -11.002 1.00 44.67  ? 72  PHE A CD1 1 
ATOM   265  C  CD2 . PHE A 1 33  ? -0.676  4.918   -12.071 1.00 44.55  ? 72  PHE A CD2 1 
ATOM   266  C  CE1 . PHE A 1 33  ? 0.091   7.471   -11.345 1.00 46.23  ? 72  PHE A CE1 1 
ATOM   267  C  CE2 . PHE A 1 33  ? -1.464  6.012   -12.420 1.00 50.09  ? 72  PHE A CE2 1 
ATOM   268  C  CZ  . PHE A 1 33  ? -1.074  7.288   -12.061 1.00 51.20  ? 72  PHE A CZ  1 
ATOM   269  N  N   . PRO A 1 34  ? -1.386  3.802   -8.852  1.00 42.32  ? 73  PRO A N   1 
ATOM   270  C  CA  . PRO A 1 34  ? -1.043  5.069   -8.215  1.00 42.99  ? 73  PRO A CA  1 
ATOM   271  C  C   . PRO A 1 34  ? -0.180  4.893   -6.955  1.00 37.33  ? 73  PRO A C   1 
ATOM   272  O  O   . PRO A 1 34  ? -0.075  3.814   -6.401  1.00 39.68  ? 73  PRO A O   1 
ATOM   273  C  CB  . PRO A 1 34  ? -2.403  5.700   -7.889  1.00 45.23  ? 73  PRO A CB  1 
ATOM   274  C  CG  . PRO A 1 34  ? -3.403  4.925   -8.729  1.00 41.80  ? 73  PRO A CG  1 
ATOM   275  C  CD  . PRO A 1 34  ? -2.831  3.538   -8.870  1.00 41.44  ? 73  PRO A CD  1 
ATOM   276  N  N   . VAL A 1 35  ? 0.485   5.972   -6.577  1.00 37.64  ? 74  VAL A N   1 
ATOM   277  C  CA  . VAL A 1 35  ? 1.254   6.065   -5.318  1.00 40.04  ? 74  VAL A CA  1 
ATOM   278  C  C   . VAL A 1 35  ? 0.265   6.359   -4.189  1.00 37.77  ? 74  VAL A C   1 
ATOM   279  O  O   . VAL A 1 35  ? -0.597  7.261   -4.341  1.00 36.23  ? 74  VAL A O   1 
ATOM   280  C  CB  . VAL A 1 35  ? 2.369   7.122   -5.407  1.00 45.05  ? 74  VAL A CB  1 
ATOM   281  C  CG1 . VAL A 1 35  ? 2.983   7.403   -4.052  1.00 50.21  ? 74  VAL A CG1 1 
ATOM   282  C  CG2 . VAL A 1 35  ? 3.456   6.690   -6.385  1.00 50.02  ? 74  VAL A CG2 1 
ATOM   283  N  N   . LEU A 1 36  ? 0.420   5.637   -3.090  1.00 40.82  ? 75  LEU A N   1 
ATOM   284  C  CA  . LEU A 1 36  ? -0.276  5.931   -1.808  1.00 41.12  ? 75  LEU A CA  1 
ATOM   285  C  C   . LEU A 1 36  ? 0.210   7.275   -1.252  1.00 41.43  ? 75  LEU A C   1 
ATOM   286  O  O   . LEU A 1 36  ? 1.422   7.428   -0.923  1.00 39.74  ? 75  LEU A O   1 
ATOM   287  C  CB  . LEU A 1 36  ? -0.007  4.810   -0.802  1.00 40.38  ? 75  LEU A CB  1 
ATOM   288  C  CG  . LEU A 1 36  ? -0.722  4.997   0.540   1.00 46.41  ? 75  LEU A CG  1 
ATOM   289  C  CD1 . LEU A 1 36  ? -2.229  5.132   0.345   1.00 46.78  ? 75  LEU A CD1 1 
ATOM   290  C  CD2 . LEU A 1 36  ? -0.413  3.862   1.498   1.00 48.02  ? 75  LEU A CD2 1 
ATOM   291  N  N   . LYS A 1 37  ? -0.706  8.221   -1.114  1.00 43.82  ? 76  LYS A N   1 
ATOM   292  C  CA  . LYS A 1 37  ? -0.415  9.553   -0.533  1.00 45.59  ? 76  LYS A CA  1 
ATOM   293  C  C   . LYS A 1 37  ? -1.437  9.817   0.561   1.00 42.50  ? 76  LYS A C   1 
ATOM   294  O  O   . LYS A 1 37  ? -2.637  9.633   0.288   1.00 43.12  ? 76  LYS A O   1 
ATOM   295  C  CB  . LYS A 1 37  ? -0.465  10.622  -1.616  1.00 46.83  ? 76  LYS A CB  1 
ATOM   296  C  CG  . LYS A 1 37  ? 0.575   10.411  -2.689  1.00 51.57  ? 76  LYS A CG  1 
ATOM   297  C  CD  . LYS A 1 37  ? 0.521   11.439  -3.763  1.00 53.82  ? 76  LYS A CD  1 
ATOM   298  C  CE  . LYS A 1 37  ? 1.511   11.108  -4.853  1.00 57.98  ? 76  LYS A CE  1 
ATOM   299  N  NZ  . LYS A 1 37  ? 1.473   12.127  -5.925  1.00 69.83  ? 76  LYS A NZ  1 
ATOM   300  N  N   . VAL A 1 38  ? -0.973  10.184  1.750   1.00 43.16  ? 77  VAL A N   1 
ATOM   301  C  CA  . VAL A 1 38  ? -1.844  10.240  2.954   1.00 49.28  ? 77  VAL A CA  1 
ATOM   302  C  C   . VAL A 1 38  ? -1.746  11.640  3.565   1.00 49.60  ? 77  VAL A C   1 
ATOM   303  O  O   . VAL A 1 38  ? -0.614  12.134  3.795   1.00 46.01  ? 77  VAL A O   1 
ATOM   304  C  CB  . VAL A 1 38  ? -1.482  9.129   3.954   1.00 50.25  ? 77  VAL A CB  1 
ATOM   305  C  CG1 . VAL A 1 38  ? -1.423  7.766   3.271   1.00 55.27  ? 77  VAL A CG1 1 
ATOM   306  C  CG2 . VAL A 1 38  ? -0.173  9.409   4.646   1.00 56.37  ? 77  VAL A CG2 1 
ATOM   307  N  N   . ASN A 1 39  ? -2.906  12.249  3.778   1.00 47.91  ? 78  ASN A N   1 
ATOM   308  C  CA  . ASN A 1 39  ? -3.084  13.535  4.494   1.00 49.34  ? 78  ASN A CA  1 
ATOM   309  C  C   . ASN A 1 39  ? -3.230  13.193  5.973   1.00 48.40  ? 78  ASN A C   1 
ATOM   310  O  O   . ASN A 1 39  ? -4.058  12.334  6.297   1.00 51.71  ? 78  ASN A O   1 
ATOM   311  C  CB  . ASN A 1 39  ? -4.291  14.302  3.959   1.00 51.85  ? 78  ASN A CB  1 
ATOM   312  C  CG  . ASN A 1 39  ? -4.155  14.598  2.484   1.00 56.11  ? 78  ASN A CG  1 
ATOM   313  O  OD1 . ASN A 1 39  ? -3.215  15.267  2.060   1.00 63.40  ? 78  ASN A OD1 1 
ATOM   314  N  ND2 . ASN A 1 39  ? -5.068  14.073  1.686   1.00 58.78  ? 78  ASN A ND2 1 
ATOM   315  N  N   . VAL A 1 40  ? -2.421  13.815  6.818   1.00 47.48  ? 79  VAL A N   1 
ATOM   316  C  CA  . VAL A 1 40  ? -2.371  13.541  8.279   1.00 50.03  ? 79  VAL A CA  1 
ATOM   317  C  C   . VAL A 1 40  ? -2.522  14.881  8.981   1.00 49.70  ? 79  VAL A C   1 
ATOM   318  O  O   . VAL A 1 40  ? -1.779  15.797  8.626   1.00 51.26  ? 79  VAL A O   1 
ATOM   319  C  CB  . VAL A 1 40  ? -1.053  12.870  8.697   1.00 49.75  ? 79  VAL A CB  1 
ATOM   320  C  CG1 . VAL A 1 40  ? -0.925  12.765  10.201  1.00 53.55  ? 79  VAL A CG1 1 
ATOM   321  C  CG2 . VAL A 1 40  ? -0.919  11.503  8.065   1.00 56.69  ? 79  VAL A CG2 1 
ATOM   322  N  N   . SER A 1 41  ? -3.459  14.973  9.916   1.00 48.54  ? 80  SER A N   1 
ATOM   323  C  CA  . SER A 1 41  ? -3.588  16.133  10.833  1.00 50.53  ? 80  SER A CA  1 
ATOM   324  C  C   . SER A 1 41  ? -3.845  15.603  12.240  1.00 47.23  ? 80  SER A C   1 
ATOM   325  O  O   . SER A 1 41  ? -4.147  14.405  12.389  1.00 62.28  ? 80  SER A O   1 
ATOM   326  C  CB  . SER A 1 41  ? -4.636  17.105  10.361  1.00 51.72  ? 80  SER A CB  1 
ATOM   327  O  OG  . SER A 1 41  ? -5.914  16.512  10.283  1.00 55.14  ? 80  SER A OG  1 
ATOM   328  N  N   . GLY A 1 42  ? -3.640  16.443  13.243  1.00 51.73  ? 81  GLY A N   1 
ATOM   329  C  CA  . GLY A 1 42  ? -3.848  16.075  14.653  1.00 45.87  ? 81  GLY A CA  1 
ATOM   330  C  C   . GLY A 1 42  ? -2.616  15.443  15.268  1.00 46.23  ? 81  GLY A C   1 
ATOM   331  O  O   . GLY A 1 42  ? -2.747  14.859  16.347  1.00 54.85  ? 81  GLY A O   1 
ATOM   332  N  N   . LEU A 1 43  ? -1.453  15.514  14.615  1.00 48.61  ? 82  LEU A N   1 
ATOM   333  C  CA  . LEU A 1 43  ? -0.177  15.089  15.259  1.00 53.01  ? 82  LEU A CA  1 
ATOM   334  C  C   . LEU A 1 43  ? 0.302   16.208  16.199  1.00 49.03  ? 82  LEU A C   1 
ATOM   335  O  O   . LEU A 1 43  ? -0.131  17.355  16.036  1.00 56.75  ? 82  LEU A O   1 
ATOM   336  C  CB  . LEU A 1 43  ? 0.886   14.800  14.194  1.00 56.05  ? 82  LEU A CB  1 
ATOM   337  C  CG  . LEU A 1 43  ? 0.626   13.600  13.288  1.00 57.47  ? 82  LEU A CG  1 
ATOM   338  C  CD1 . LEU A 1 43  ? 1.700   13.519  12.217  1.00 62.67  ? 82  LEU A CD1 1 
ATOM   339  C  CD2 . LEU A 1 43  ? 0.586   12.314  14.095  1.00 59.46  ? 82  LEU A CD2 1 
ATOM   340  N  N   . ASP A 1 44  ? 1.185   15.883  17.136  1.00 53.61  ? 83  ASP A N   1 
ATOM   341  C  CA  . ASP A 1 44  ? 1.929   16.886  17.937  1.00 55.65  ? 83  ASP A CA  1 
ATOM   342  C  C   . ASP A 1 44  ? 3.063   17.413  17.055  1.00 54.00  ? 83  ASP A C   1 
ATOM   343  O  O   . ASP A 1 44  ? 4.009   16.689  16.749  1.00 56.25  ? 83  ASP A O   1 
ATOM   344  C  CB  . ASP A 1 44  ? 2.341   16.284  19.286  1.00 55.65  ? 83  ASP A CB  1 
ATOM   345  C  CG  . ASP A 1 44  ? 3.072   17.283  20.166  1.00 52.68  ? 83  ASP A CG  1 
ATOM   346  O  OD1 . ASP A 1 44  ? 3.510   18.333  19.630  1.00 51.32  ? 83  ASP A OD1 1 
ATOM   347  O  OD2 . ASP A 1 44  ? 3.200   16.995  21.365  1.00 56.80  ? 83  ASP A OD2 1 
ATOM   348  N  N   . PRO A 1 45  ? 2.998   18.679  16.583  1.00 56.65  ? 84  PRO A N   1 
ATOM   349  C  CA  . PRO A 1 45  ? 3.979   19.201  15.639  1.00 53.71  ? 84  PRO A CA  1 
ATOM   350  C  C   . PRO A 1 45  ? 5.419   18.937  16.081  1.00 53.99  ? 84  PRO A C   1 
ATOM   351  O  O   . PRO A 1 45  ? 6.281   18.811  15.229  1.00 58.66  ? 84  PRO A O   1 
ATOM   352  C  CB  . PRO A 1 45  ? 3.726   20.716  15.630  1.00 57.82  ? 84  PRO A CB  1 
ATOM   353  C  CG  . PRO A 1 45  ? 2.280   20.855  16.023  1.00 54.73  ? 84  PRO A CG  1 
ATOM   354  C  CD  . PRO A 1 45  ? 1.988   19.687  16.943  1.00 58.93  ? 84  PRO A CD  1 
ATOM   355  N  N   . ASN A 1 46  ? 5.631   18.844  17.395  1.00 59.34  ? 85  ASN A N   1 
ATOM   356  C  CA  . ASN A 1 46  ? 6.972   18.781  18.026  1.00 55.86  ? 85  ASN A CA  1 
ATOM   357  C  C   . ASN A 1 46  ? 7.320   17.365  18.459  1.00 55.87  ? 85  ASN A C   1 
ATOM   358  O  O   . ASN A 1 46  ? 8.503   17.146  18.768  1.00 55.13  ? 85  ASN A O   1 
ATOM   359  C  CB  . ASN A 1 46  ? 7.049   19.736  19.218  1.00 60.25  ? 85  ASN A CB  1 
ATOM   360  C  CG  . ASN A 1 46  ? 6.929   21.153  18.717  1.00 57.46  ? 85  ASN A CG  1 
ATOM   361  O  OD1 . ASN A 1 46  ? 7.797   21.604  17.976  1.00 65.58  ? 85  ASN A OD1 1 
ATOM   362  N  ND2 . ASN A 1 46  ? 5.821   21.808  19.022  1.00 59.10  ? 85  ASN A ND2 1 
ATOM   363  N  N   . ALA A 1 47  ? 6.354   16.443  18.501  1.00 52.93  ? 86  ALA A N   1 
ATOM   364  C  CA  . ALA A 1 47  ? 6.659   15.024  18.785  1.00 48.54  ? 86  ALA A CA  1 
ATOM   365  C  C   . ALA A 1 47  ? 7.310   14.430  17.536  1.00 46.78  ? 86  ALA A C   1 
ATOM   366  O  O   . ALA A 1 47  ? 7.282   15.078  16.477  1.00 42.49  ? 86  ALA A O   1 
ATOM   367  C  CB  . ALA A 1 47  ? 5.427   14.262  19.211  1.00 53.88  ? 86  ALA A CB  1 
ATOM   368  N  N   . MET A 1 48  ? 7.906   13.253  17.699  1.00 50.31  ? 87  MET A N   1 
ATOM   369  C  CA  . MET A 1 48  ? 8.693   12.529  16.669  1.00 54.02  ? 87  MET A CA  1 
ATOM   370  C  C   . MET A 1 48  ? 7.937   11.255  16.264  1.00 48.46  ? 87  MET A C   1 
ATOM   371  O  O   . MET A 1 48  ? 7.518   10.512  17.178  1.00 42.02  ? 87  MET A O   1 
ATOM   372  C  CB  . MET A 1 48  ? 10.041  12.129  17.268  1.00 58.09  ? 87  MET A CB  1 
ATOM   373  C  CG  . MET A 1 48  ? 10.817  13.295  17.878  1.00 67.96  ? 87  MET A CG  1 
ATOM   374  S  SD  . MET A 1 48  ? 12.311  13.648  16.958  1.00 64.62  ? 87  MET A SD  1 
ATOM   375  C  CE  . MET A 1 48  ? 11.706  13.300  15.308  1.00 55.49  ? 87  MET A CE  1 
ATOM   376  N  N   . TYR A 1 49  ? 7.826   10.994  14.957  1.00 44.08  ? 88  TYR A N   1 
ATOM   377  C  CA  . TYR A 1 49  ? 7.045   9.865   14.393  1.00 45.57  ? 88  TYR A CA  1 
ATOM   378  C  C   . TYR A 1 49  ? 7.829   9.215   13.248  1.00 43.67  ? 88  TYR A C   1 
ATOM   379  O  O   . TYR A 1 49  ? 8.470   9.950   12.482  1.00 43.59  ? 88  TYR A O   1 
ATOM   380  C  CB  . TYR A 1 49  ? 5.690   10.346  13.857  1.00 44.81  ? 88  TYR A CB  1 
ATOM   381  C  CG  . TYR A 1 49  ? 4.818   11.068  14.855  1.00 47.84  ? 88  TYR A CG  1 
ATOM   382  C  CD1 . TYR A 1 49  ? 3.922   10.382  15.657  1.00 49.55  ? 88  TYR A CD1 1 
ATOM   383  C  CD2 . TYR A 1 49  ? 4.874   12.447  14.993  1.00 50.37  ? 88  TYR A CD2 1 
ATOM   384  C  CE1 . TYR A 1 49  ? 3.108   11.035  16.571  1.00 50.51  ? 88  TYR A CE1 1 
ATOM   385  C  CE2 . TYR A 1 49  ? 4.073   13.114  15.910  1.00 48.21  ? 88  TYR A CE2 1 
ATOM   386  C  CZ  . TYR A 1 49  ? 3.193   12.410  16.710  1.00 49.40  ? 88  TYR A CZ  1 
ATOM   387  O  OH  . TYR A 1 49  ? 2.395   13.065  17.608  1.00 47.22  ? 88  TYR A OH  1 
ATOM   388  N  N   . SER A 1 50  ? 7.711   7.890   13.110  1.00 39.22  ? 89  SER A N   1 
ATOM   389  C  CA  . SER A 1 50  ? 8.040   7.125   11.878  1.00 38.61  ? 89  SER A CA  1 
ATOM   390  C  C   . SER A 1 50  ? 6.755   6.613   11.207  1.00 41.50  ? 89  SER A C   1 
ATOM   391  O  O   . SER A 1 50  ? 5.839   6.174   11.933  1.00 40.30  ? 89  SER A O   1 
ATOM   392  C  CB  . SER A 1 50  ? 8.965   6.017   12.187  1.00 38.37  ? 89  SER A CB  1 
ATOM   393  O  OG  . SER A 1 50  ? 10.182  6.542   12.686  1.00 39.04  ? 89  SER A OG  1 
ATOM   394  N  N   . PHE A 1 51  ? 6.669   6.760   9.883   1.00 38.64  ? 90  PHE A N   1 
ATOM   395  C  CA  . PHE A 1 51  ? 5.571   6.256   9.019   1.00 38.65  ? 90  PHE A CA  1 
ATOM   396  C  C   . PHE A 1 51  ? 6.007   4.957   8.341   1.00 41.94  ? 90  PHE A C   1 
ATOM   397  O  O   . PHE A 1 51  ? 7.040   4.931   7.597   1.00 37.10  ? 90  PHE A O   1 
ATOM   398  C  CB  . PHE A 1 51  ? 5.184   7.268   7.945   1.00 39.77  ? 90  PHE A CB  1 
ATOM   399  C  CG  . PHE A 1 51  ? 4.214   8.305   8.436   1.00 40.06  ? 90  PHE A CG  1 
ATOM   400  C  CD1 . PHE A 1 51  ? 2.972   8.437   7.855   1.00 41.00  ? 90  PHE A CD1 1 
ATOM   401  C  CD2 . PHE A 1 51  ? 4.530   9.108   9.531   1.00 42.86  ? 90  PHE A CD2 1 
ATOM   402  C  CE1 . PHE A 1 51  ? 2.080   9.389   8.329   1.00 45.20  ? 90  PHE A CE1 1 
ATOM   403  C  CE2 . PHE A 1 51  ? 3.644   10.058  10.002  1.00 43.11  ? 90  PHE A CE2 1 
ATOM   404  C  CZ  . PHE A 1 51  ? 2.414   10.198  9.399   1.00 43.55  ? 90  PHE A CZ  1 
ATOM   405  N  N   . LEU A 1 52  ? 5.213   3.919   8.584   1.00 38.92  ? 91  LEU A N   1 
ATOM   406  C  CA  . LEU A 1 52  ? 5.436   2.518   8.169   1.00 38.20  ? 91  LEU A CA  1 
ATOM   407  C  C   . LEU A 1 52  ? 4.296   2.121   7.223   1.00 38.63  ? 91  LEU A C   1 
ATOM   408  O  O   . LEU A 1 52  ? 3.131   2.525   7.476   1.00 39.18  ? 91  LEU A O   1 
ATOM   409  C  CB  . LEU A 1 52  ? 5.428   1.648   9.424   1.00 39.76  ? 91  LEU A CB  1 
ATOM   410  C  CG  . LEU A 1 52  ? 6.759   1.444   10.144  1.00 43.88  ? 91  LEU A CG  1 
ATOM   411  C  CD1 . LEU A 1 52  ? 7.467   2.751   10.426  1.00 45.05  ? 91  LEU A CD1 1 
ATOM   412  C  CD2 . LEU A 1 52  ? 6.531   0.687   11.440  1.00 44.04  ? 91  LEU A CD2 1 
ATOM   413  N  N   . LEU A 1 53  ? 4.616   1.374   6.172   1.00 31.06  ? 92  LEU A N   1 
ATOM   414  C  CA  . LEU A 1 53  ? 3.642   0.857   5.188   1.00 33.76  ? 92  LEU A CA  1 
ATOM   415  C  C   . LEU A 1 53  ? 3.761   -0.664  5.186   1.00 33.51  ? 92  LEU A C   1 
ATOM   416  O  O   . LEU A 1 53  ? 4.894   -1.202  5.206   1.00 35.95  ? 92  LEU A O   1 
ATOM   417  C  CB  . LEU A 1 53  ? 3.894   1.473   3.813   1.00 35.31  ? 92  LEU A CB  1 
ATOM   418  C  CG  . LEU A 1 53  ? 3.076   0.878   2.658   1.00 36.19  ? 92  LEU A CG  1 
ATOM   419  C  CD1 . LEU A 1 53  ? 1.592   1.200   2.774   1.00 36.38  ? 92  LEU A CD1 1 
ATOM   420  C  CD2 . LEU A 1 53  ? 3.603   1.355   1.311   1.00 36.55  ? 92  LEU A CD2 1 
ATOM   421  N  N   . ASP A 1 54  ? 2.621   -1.352  5.238   1.00 35.41  ? 93  ASP A N   1 
ATOM   422  C  CA  . ASP A 1 54  ? 2.593   -2.815  5.018   1.00 31.93  ? 93  ASP A CA  1 
ATOM   423  C  C   . ASP A 1 54  ? 1.328   -3.163  4.246   1.00 33.20  ? 93  ASP A C   1 
ATOM   424  O  O   . ASP A 1 54  ? 0.507   -2.279  3.984   1.00 30.93  ? 93  ASP A O   1 
ATOM   425  C  CB  . ASP A 1 54  ? 2.792   -3.574  6.320   1.00 37.39  ? 93  ASP A CB  1 
ATOM   426  C  CG  . ASP A 1 54  ? 1.684   -3.414  7.341   1.00 37.23  ? 93  ASP A CG  1 
ATOM   427  O  OD1 . ASP A 1 54  ? 0.608   -2.905  6.974   1.00 36.48  ? 93  ASP A OD1 1 
ATOM   428  O  OD2 . ASP A 1 54  ? 1.914   -3.838  8.498   1.00 38.26  ? 93  ASP A OD2 1 
ATOM   429  N  N   . PHE A 1 55  ? 1.223   -4.416  3.844   1.00 33.03  ? 94  PHE A N   1 
ATOM   430  C  CA  . PHE A 1 55  ? 0.163   -4.878  2.931   1.00 36.63  ? 94  PHE A CA  1 
ATOM   431  C  C   . PHE A 1 55  ? -0.524  -6.052  3.627   1.00 33.71  ? 94  PHE A C   1 
ATOM   432  O  O   . PHE A 1 55  ? 0.132   -7.049  3.893   1.00 35.77  ? 94  PHE A O   1 
ATOM   433  C  CB  . PHE A 1 55  ? 0.765   -5.206  1.562   1.00 35.82  ? 94  PHE A CB  1 
ATOM   434  C  CG  . PHE A 1 55  ? 1.365   -3.997  0.889   1.00 34.98  ? 94  PHE A CG  1 
ATOM   435  C  CD1 . PHE A 1 55  ? 0.600   -3.189  0.063   1.00 34.93  ? 94  PHE A CD1 1 
ATOM   436  C  CD2 . PHE A 1 55  ? 2.682   -3.659  1.108   1.00 35.39  ? 94  PHE A CD2 1 
ATOM   437  C  CE1 . PHE A 1 55  ? 1.151   -2.068  -0.539  1.00 37.20  ? 94  PHE A CE1 1 
ATOM   438  C  CE2 . PHE A 1 55  ? 3.236   -2.549  0.492   1.00 36.72  ? 94  PHE A CE2 1 
ATOM   439  C  CZ  . PHE A 1 55  ? 2.461   -1.749  -0.316  1.00 36.49  ? 94  PHE A CZ  1 
ATOM   440  N  N   . VAL A 1 56  ? -1.809  -5.911  3.904   1.00 37.45  ? 95  VAL A N   1 
ATOM   441  C  CA  . VAL A 1 56  ? -2.622  -7.015  4.494   1.00 35.70  ? 95  VAL A CA  1 
ATOM   442  C  C   . VAL A 1 56  ? -3.190  -7.859  3.357   1.00 31.61  ? 95  VAL A C   1 
ATOM   443  O  O   . VAL A 1 56  ? -3.870  -7.289  2.502   1.00 33.85  ? 95  VAL A O   1 
ATOM   444  C  CB  . VAL A 1 56  ? -3.740  -6.434  5.388   1.00 35.98  ? 95  VAL A CB  1 
ATOM   445  C  CG1 . VAL A 1 56  ? -4.598  -7.532  5.996   1.00 34.33  ? 95  VAL A CG1 1 
ATOM   446  C  CG2 . VAL A 1 56  ? -3.167  -5.543  6.481   1.00 37.13  ? 95  VAL A CG2 1 
ATOM   447  N  N   . ALA A 1 57  ? -3.026  -9.180  3.406   1.00 33.29  ? 96  ALA A N   1 
ATOM   448  C  CA  . ALA A 1 57  ? -3.779  -10.109 2.534   1.00 32.04  ? 96  ALA A CA  1 
ATOM   449  C  C   . ALA A 1 57  ? -5.257  -9.968  2.890   1.00 31.75  ? 96  ALA A C   1 
ATOM   450  O  O   . ALA A 1 57  ? -5.572  -10.270 4.047   1.00 33.82  ? 96  ALA A O   1 
ATOM   451  C  CB  . ALA A 1 57  ? -3.286  -11.516 2.734   1.00 35.46  ? 96  ALA A CB  1 
ATOM   452  N  N   . ALA A 1 58  ? -6.085  -9.411  1.984   1.00 32.68  ? 97  ALA A N   1 
ATOM   453  C  CA  . ALA A 1 58  ? -7.508  -9.049  2.188   1.00 33.54  ? 97  ALA A CA  1 
ATOM   454  C  C   . ALA A 1 58  ? -8.362  -10.316 2.368   1.00 37.56  ? 97  ALA A C   1 
ATOM   455  O  O   . ALA A 1 58  ? -9.474  -10.217 2.952   1.00 36.59  ? 97  ALA A O   1 
ATOM   456  C  CB  . ALA A 1 58  ? -8.019  -8.215  1.035   1.00 32.83  ? 97  ALA A CB  1 
ATOM   457  N  N   . ASP A 1 59  ? -7.875  -11.437 1.834   1.00 38.11  ? 98  ASP A N   1 
ATOM   458  C  CA  . ASP A 1 59  ? -8.492  -12.778 1.958   1.00 37.84  ? 98  ASP A CA  1 
ATOM   459  C  C   . ASP A 1 59  ? -7.388  -13.812 1.829   1.00 39.74  ? 98  ASP A C   1 
ATOM   460  O  O   . ASP A 1 59  ? -6.252  -13.439 1.487   1.00 45.16  ? 98  ASP A O   1 
ATOM   461  C  CB  . ASP A 1 59  ? -9.582  -12.991 0.910   1.00 41.58  ? 98  ASP A CB  1 
ATOM   462  C  CG  . ASP A 1 59  ? -9.079  -12.922 -0.529  1.00 43.71  ? 98  ASP A CG  1 
ATOM   463  O  OD1 . ASP A 1 59  ? -8.327  -13.834 -0.933  1.00 45.65  ? 98  ASP A OD1 1 
ATOM   464  O  OD2 . ASP A 1 59  ? -9.439  -11.950 -1.221  1.00 42.13  ? 98  ASP A OD2 1 
ATOM   465  N  N   . ASN A 1 60  ? -7.723  -15.072 2.074   1.00 43.02  ? 99  ASN A N   1 
ATOM   466  C  CA  . ASN A 1 60  ? -6.739  -16.174 2.153   1.00 43.68  ? 99  ASN A CA  1 
ATOM   467  C  C   . ASN A 1 60  ? -6.665  -16.947 0.831   1.00 43.88  ? 99  ASN A C   1 
ATOM   468  O  O   . ASN A 1 60  ? -6.086  -18.019 0.846   1.00 45.80  ? 99  ASN A O   1 
ATOM   469  C  CB  . ASN A 1 60  ? -7.095  -17.098 3.316   1.00 47.14  ? 99  ASN A CB  1 
ATOM   470  C  CG  . ASN A 1 60  ? -6.961  -16.389 4.643   1.00 49.57  ? 99  ASN A CG  1 
ATOM   471  O  OD1 . ASN A 1 60  ? -7.830  -16.515 5.496   1.00 55.82  ? 99  ASN A OD1 1 
ATOM   472  N  ND2 . ASN A 1 60  ? -5.900  -15.618 4.803   1.00 50.62  ? 99  ASN A ND2 1 
ATOM   473  N  N   . HIS A 1 61  ? -7.157  -16.389 -0.268  1.00 42.33  ? 100 HIS A N   1 
ATOM   474  C  CA  . HIS A 1 61  ? -7.348  -17.117 -1.547  1.00 47.65  ? 100 HIS A CA  1 
ATOM   475  C  C   . HIS A 1 61  ? -6.331  -16.666 -2.610  1.00 49.16  ? 100 HIS A C   1 
ATOM   476  O  O   . HIS A 1 61  ? -5.837  -15.515 -2.565  1.00 50.82  ? 100 HIS A O   1 
ATOM   477  C  CB  . HIS A 1 61  ? -8.795  -16.933 -2.012  1.00 46.23  ? 100 HIS A CB  1 
ATOM   478  C  CG  . HIS A 1 61  ? -9.787  -17.625 -1.149  1.00 51.60  ? 100 HIS A CG  1 
ATOM   479  N  ND1 . HIS A 1 61  ? -10.294 -18.862 -1.469  1.00 56.24  ? 100 HIS A ND1 1 
ATOM   480  C  CD2 . HIS A 1 61  ? -10.357 -17.270 0.023   1.00 53.36  ? 100 HIS A CD2 1 
ATOM   481  C  CE1 . HIS A 1 61  ? -11.151 -19.234 -0.547  1.00 59.17  ? 100 HIS A CE1 1 
ATOM   482  N  NE2 . HIS A 1 61  ? -11.198 -18.283 0.385   1.00 62.01  ? 100 HIS A NE2 1 
ATOM   483  N  N   . ARG A 1 62  ? -6.046  -17.565 -3.544  1.00 50.07  ? 101 ARG A N   1 
ATOM   484  C  CA  . ARG A 1 62  ? -5.340  -17.279 -4.815  1.00 51.79  ? 101 ARG A CA  1 
ATOM   485  C  C   . ARG A 1 62  ? -6.411  -16.856 -5.827  1.00 53.34  ? 101 ARG A C   1 
ATOM   486  O  O   . ARG A 1 62  ? -7.507  -17.491 -5.874  1.00 52.63  ? 101 ARG A O   1 
ATOM   487  C  CB  . ARG A 1 62  ? -4.545  -18.525 -5.217  1.00 62.90  ? 101 ARG A CB  1 
ATOM   488  C  CG  . ARG A 1 62  ? -4.110  -18.582 -6.676  1.00 78.06  ? 101 ARG A CG  1 
ATOM   489  C  CD  . ARG A 1 62  ? -3.068  -19.661 -6.915  1.00 84.89  ? 101 ARG A CD  1 
ATOM   490  N  NE  . ARG A 1 62  ? -1.923  -19.451 -6.038  1.00 98.97  ? 101 ARG A NE  1 
ATOM   491  C  CZ  . ARG A 1 62  ? -0.903  -18.633 -6.290  1.00 106.85 ? 101 ARG A CZ  1 
ATOM   492  N  NH1 . ARG A 1 62  ? -0.851  -17.946 -7.421  1.00 113.06 ? 101 ARG A NH1 1 
ATOM   493  N  NH2 . ARG A 1 62  ? 0.074   -18.514 -5.407  1.00 107.17 ? 101 ARG A NH2 1 
ATOM   494  N  N   . TRP A 1 63  ? -6.157  -15.774 -6.558  1.00 44.50  ? 102 TRP A N   1 
ATOM   495  C  CA  . TRP A 1 63  ? -7.111  -15.248 -7.555  1.00 46.21  ? 102 TRP A CA  1 
ATOM   496  C  C   . TRP A 1 63  ? -6.620  -15.659 -8.953  1.00 55.73  ? 102 TRP A C   1 
ATOM   497  O  O   . TRP A 1 63  ? -5.446  -16.058 -9.090  1.00 57.62  ? 102 TRP A O   1 
ATOM   498  C  CB  . TRP A 1 63  ? -7.287  -13.741 -7.381  1.00 47.81  ? 102 TRP A CB  1 
ATOM   499  C  CG  . TRP A 1 63  ? -8.002  -13.357 -6.120  1.00 44.96  ? 102 TRP A CG  1 
ATOM   500  C  CD1 . TRP A 1 63  ? -7.524  -13.410 -4.839  1.00 44.16  ? 102 TRP A CD1 1 
ATOM   501  C  CD2 . TRP A 1 63  ? -9.353  -12.876 -6.016  1.00 42.60  ? 102 TRP A CD2 1 
ATOM   502  N  NE1 . TRP A 1 63  ? -8.477  -12.976 -3.959  1.00 39.47  ? 102 TRP A NE1 1 
ATOM   503  C  CE2 . TRP A 1 63  ? -9.609  -12.647 -4.647  1.00 39.27  ? 102 TRP A CE2 1 
ATOM   504  C  CE3 . TRP A 1 63  ? -10.371 -12.640 -6.937  1.00 40.71  ? 102 TRP A CE3 1 
ATOM   505  C  CZ2 . TRP A 1 63  ? -10.833 -12.187 -4.194  1.00 37.18  ? 102 TRP A CZ2 1 
ATOM   506  C  CZ3 . TRP A 1 63  ? -11.575 -12.163 -6.488  1.00 41.42  ? 102 TRP A CZ3 1 
ATOM   507  C  CH2 . TRP A 1 63  ? -11.800 -11.949 -5.135  1.00 41.07  ? 102 TRP A CH2 1 
ATOM   508  N  N   . LYS A 1 64  ? -7.506  -15.639 -9.939  1.00 52.71  ? 103 LYS A N   1 
ATOM   509  C  CA  . LYS A 1 64  ? -7.162  -15.973 -11.347 1.00 62.36  ? 103 LYS A CA  1 
ATOM   510  C  C   . LYS A 1 64  ? -8.140  -15.201 -12.232 1.00 54.68  ? 103 LYS A C   1 
ATOM   511  O  O   . LYS A 1 64  ? -9.251  -14.939 -11.764 1.00 50.62  ? 103 LYS A O   1 
ATOM   512  C  CB  . LYS A 1 64  ? -7.127  -17.493 -11.575 1.00 64.99  ? 103 LYS A CB  1 
ATOM   513  C  CG  . LYS A 1 64  ? -8.016  -18.349 -10.677 1.00 76.20  ? 103 LYS A CG  1 
ATOM   514  C  CD  . LYS A 1 64  ? -7.863  -19.853 -10.928 1.00 84.65  ? 103 LYS A CD  1 
ATOM   515  C  CE  . LYS A 1 64  ? -8.794  -20.725 -10.104 1.00 83.66  ? 103 LYS A CE  1 
ATOM   516  N  NZ  . LYS A 1 64  ? -10.183 -20.710 -10.627 1.00 83.77  ? 103 LYS A NZ  1 
ATOM   517  N  N   . TYR A 1 65  ? -7.681  -14.725 -13.390 1.00 55.95  ? 104 TYR A N   1 
ATOM   518  C  CA  . TYR A 1 65  ? -8.500  -13.929 -14.342 1.00 58.02  ? 104 TYR A CA  1 
ATOM   519  C  C   . TYR A 1 65  ? -9.122  -14.971 -15.268 1.00 61.58  ? 104 TYR A C   1 
ATOM   520  O  O   . TYR A 1 65  ? -8.356  -15.663 -15.944 1.00 63.22  ? 104 TYR A O   1 
ATOM   521  C  CB  . TYR A 1 65  ? -7.656  -12.852 -15.039 1.00 54.19  ? 104 TYR A CB  1 
ATOM   522  C  CG  . TYR A 1 65  ? -8.415  -11.699 -15.664 1.00 50.69  ? 104 TYR A CG  1 
ATOM   523  C  CD1 . TYR A 1 65  ? -9.152  -10.815 -14.895 1.00 48.22  ? 104 TYR A CD1 1 
ATOM   524  C  CD2 . TYR A 1 65  ? -8.382  -11.468 -17.039 1.00 48.35  ? 104 TYR A CD2 1 
ATOM   525  C  CE1 . TYR A 1 65  ? -9.845  -9.748  -15.459 1.00 49.24  ? 104 TYR A CE1 1 
ATOM   526  C  CE2 . TYR A 1 65  ? -9.060  -10.397 -17.617 1.00 46.55  ? 104 TYR A CE2 1 
ATOM   527  C  CZ  . TYR A 1 65  ? -9.788  -9.527  -16.829 1.00 48.36  ? 104 TYR A CZ  1 
ATOM   528  O  OH  . TYR A 1 65  ? -10.461 -8.474  -17.397 1.00 56.84  ? 104 TYR A OH  1 
ATOM   529  N  N   . VAL A 1 66  ? -10.432 -15.187 -15.151 1.00 67.36  ? 105 VAL A N   1 
ATOM   530  C  CA  . VAL A 1 66  ? -11.183 -16.222 -15.922 1.00 60.47  ? 105 VAL A CA  1 
ATOM   531  C  C   . VAL A 1 66  ? -12.263 -15.487 -16.711 1.00 65.21  ? 105 VAL A C   1 
ATOM   532  O  O   . VAL A 1 66  ? -13.068 -14.756 -16.085 1.00 55.46  ? 105 VAL A O   1 
ATOM   533  C  CB  . VAL A 1 66  ? -11.767 -17.330 -15.021 1.00 65.07  ? 105 VAL A CB  1 
ATOM   534  C  CG1 . VAL A 1 66  ? -12.515 -18.395 -15.823 1.00 61.32  ? 105 VAL A CG1 1 
ATOM   535  C  CG2 . VAL A 1 66  ? -10.689 -17.979 -14.167 1.00 56.53  ? 105 VAL A CG2 1 
ATOM   536  N  N   . ASN A 1 67  ? -12.221 -15.637 -18.038 1.00 65.44  ? 106 ASN A N   1 
ATOM   537  C  CA  . ASN A 1 67  ? -13.224 -15.098 -18.983 1.00 63.31  ? 106 ASN A CA  1 
ATOM   538  C  C   . ASN A 1 67  ? -13.459 -13.630 -18.645 1.00 60.14  ? 106 ASN A C   1 
ATOM   539  O  O   . ASN A 1 67  ? -14.626 -13.258 -18.441 1.00 55.63  ? 106 ASN A O   1 
ATOM   540  C  CB  . ASN A 1 67  ? -14.499 -15.936 -18.947 1.00 72.31  ? 106 ASN A CB  1 
ATOM   541  C  CG  . ASN A 1 67  ? -14.214 -17.378 -19.305 1.00 78.59  ? 106 ASN A CG  1 
ATOM   542  O  OD1 . ASN A 1 67  ? -13.457 -17.652 -20.235 1.00 86.21  ? 106 ASN A OD1 1 
ATOM   543  N  ND2 . ASN A 1 67  ? -14.791 -18.305 -18.560 1.00 74.11  ? 106 ASN A ND2 1 
ATOM   544  N  N   . GLY A 1 68  ? -12.372 -12.857 -18.560 1.00 58.13  ? 107 GLY A N   1 
ATOM   545  C  CA  . GLY A 1 68  ? -12.389 -11.404 -18.285 1.00 57.16  ? 107 GLY A CA  1 
ATOM   546  C  C   . GLY A 1 68  ? -12.878 -11.031 -16.889 1.00 49.90  ? 107 GLY A C   1 
ATOM   547  O  O   . GLY A 1 68  ? -13.283 -9.885  -16.713 1.00 53.23  ? 107 GLY A O   1 
ATOM   548  N  N   . GLU A 1 69  ? -12.840 -11.925 -15.907 1.00 52.39  ? 108 GLU A N   1 
ATOM   549  C  CA  . GLU A 1 69  ? -13.240 -11.573 -14.515 1.00 55.58  ? 108 GLU A CA  1 
ATOM   550  C  C   . GLU A 1 69  ? -12.277 -12.245 -13.528 1.00 53.07  ? 108 GLU A C   1 
ATOM   551  O  O   . GLU A 1 69  ? -11.842 -13.369 -13.799 1.00 54.79  ? 108 GLU A O   1 
ATOM   552  C  CB  . GLU A 1 69  ? -14.731 -11.865 -14.299 1.00 63.03  ? 108 GLU A CB  1 
ATOM   553  C  CG  . GLU A 1 69  ? -15.091 -13.330 -14.079 1.00 82.05  ? 108 GLU A CG  1 
ATOM   554  C  CD  . GLU A 1 69  ? -16.549 -13.601 -13.705 1.00 93.41  ? 108 GLU A CD  1 
ATOM   555  O  OE1 . GLU A 1 69  ? -17.449 -12.970 -14.310 1.00 95.49  ? 108 GLU A OE1 1 
ATOM   556  O  OE2 . GLU A 1 69  ? -16.789 -14.457 -12.816 1.00 96.54  ? 108 GLU A OE2 1 
ATOM   557  N  N   . TRP A 1 70  ? -11.911 -11.536 -12.451 1.00 51.23  ? 109 TRP A N   1 
ATOM   558  C  CA  . TRP A 1 70  ? -11.086 -12.054 -11.323 1.00 47.55  ? 109 TRP A CA  1 
ATOM   559  C  C   . TRP A 1 70  ? -11.946 -12.964 -10.429 1.00 45.13  ? 109 TRP A C   1 
ATOM   560  O  O   . TRP A 1 70  ? -13.022 -12.539 -10.070 1.00 47.50  ? 109 TRP A O   1 
ATOM   561  C  CB  . TRP A 1 70  ? -10.485 -10.887 -10.514 1.00 46.22  ? 109 TRP A CB  1 
ATOM   562  C  CG  . TRP A 1 70  ? -9.319  -10.237 -11.187 1.00 44.25  ? 109 TRP A CG  1 
ATOM   563  C  CD1 . TRP A 1 70  ? -9.271  -9.023  -11.824 1.00 42.16  ? 109 TRP A CD1 1 
ATOM   564  C  CD2 . TRP A 1 70  ? -8.016  -10.819 -11.324 1.00 41.89  ? 109 TRP A CD2 1 
ATOM   565  N  NE1 . TRP A 1 70  ? -8.009  -8.808  -12.320 1.00 45.67  ? 109 TRP A NE1 1 
ATOM   566  C  CE2 . TRP A 1 70  ? -7.225  -9.895  -12.037 1.00 39.82  ? 109 TRP A CE2 1 
ATOM   567  C  CE3 . TRP A 1 70  ? -7.448  -12.029 -10.908 1.00 41.26  ? 109 TRP A CE3 1 
ATOM   568  C  CZ2 . TRP A 1 70  ? -5.887  -10.149 -12.318 1.00 42.09  ? 109 TRP A CZ2 1 
ATOM   569  C  CZ3 . TRP A 1 70  ? -6.124  -12.270 -11.173 1.00 42.16  ? 109 TRP A CZ3 1 
ATOM   570  C  CH2 . TRP A 1 70  ? -5.357  -11.340 -11.883 1.00 44.20  ? 109 TRP A CH2 1 
ATOM   571  N  N   . VAL A 1 71  ? -11.485 -14.173 -10.107 1.00 47.38  ? 110 VAL A N   1 
ATOM   572  C  CA  . VAL A 1 71  ? -12.250 -15.175 -9.300  1.00 46.12  ? 110 VAL A CA  1 
ATOM   573  C  C   . VAL A 1 71  ? -11.286 -15.819 -8.321  1.00 47.22  ? 110 VAL A C   1 
ATOM   574  O  O   . VAL A 1 71  ? -10.144 -16.122 -8.668  1.00 44.87  ? 110 VAL A O   1 
ATOM   575  C  CB  . VAL A 1 71  ? -12.951 -16.246 -10.157 1.00 49.74  ? 110 VAL A CB  1 
ATOM   576  C  CG1 . VAL A 1 71  ? -13.913 -15.629 -11.163 1.00 50.95  ? 110 VAL A CG1 1 
ATOM   577  C  CG2 . VAL A 1 71  ? -11.946 -17.149 -10.853 1.00 53.21  ? 110 VAL A CG2 1 
ATOM   578  N  N   . PRO A 1 72  ? -11.725 -16.003 -7.058  1.00 48.50  ? 111 PRO A N   1 
ATOM   579  C  CA  . PRO A 1 72  ? -10.925 -16.680 -6.049  1.00 50.27  ? 111 PRO A CA  1 
ATOM   580  C  C   . PRO A 1 72  ? -10.925 -18.199 -6.228  1.00 51.23  ? 111 PRO A C   1 
ATOM   581  O  O   . PRO A 1 72  ? -11.975 -18.716 -6.494  1.00 53.09  ? 111 PRO A O   1 
ATOM   582  C  CB  . PRO A 1 72  ? -11.601 -16.365 -4.711  1.00 49.73  ? 111 PRO A CB  1 
ATOM   583  C  CG  . PRO A 1 72  ? -12.930 -15.715 -5.038  1.00 47.85  ? 111 PRO A CG  1 
ATOM   584  C  CD  . PRO A 1 72  ? -13.006 -15.515 -6.538  1.00 50.01  ? 111 PRO A CD  1 
ATOM   585  N  N   . GLY A 1 73  ? -9.756  -18.830 -6.063  1.00 53.22  ? 112 GLY A N   1 
ATOM   586  C  CA  . GLY A 1 73  ? -9.602  -20.284 -5.868  1.00 59.23  ? 112 GLY A CA  1 
ATOM   587  C  C   . GLY A 1 73  ? -10.504 -20.793 -4.745  1.00 68.72  ? 112 GLY A C   1 
ATOM   588  O  O   . GLY A 1 73  ? -11.178 -19.975 -4.058  1.00 63.10  ? 112 GLY A O   1 
ATOM   589  N  N   . GLY A 1 74  ? -10.562 -22.113 -4.575  1.00 70.50  ? 113 GLY A N   1 
ATOM   590  C  CA  . GLY A 1 74  ? -11.386 -22.757 -3.538  1.00 72.75  ? 113 GLY A CA  1 
ATOM   591  C  C   . GLY A 1 74  ? -10.540 -23.218 -2.366  1.00 75.89  ? 113 GLY A C   1 
ATOM   592  O  O   . GLY A 1 74  ? -11.129 -23.757 -1.410  1.00 91.77  ? 113 GLY A O   1 
ATOM   593  N  N   . LYS A 1 75  ? -9.219  -23.016 -2.421  1.00 68.66  ? 114 LYS A N   1 
ATOM   594  C  CA  . LYS A 1 75  ? -8.276  -23.649 -1.461  1.00 74.12  ? 114 LYS A CA  1 
ATOM   595  C  C   . LYS A 1 75  ? -7.516  -22.568 -0.704  1.00 68.15  ? 114 LYS A C   1 
ATOM   596  O  O   . LYS A 1 75  ? -6.332  -22.357 -0.929  1.00 58.92  ? 114 LYS A O   1 
ATOM   597  C  CB  . LYS A 1 75  ? -7.351  -24.635 -2.178  1.00 81.18  ? 114 LYS A CB  1 
ATOM   598  C  CG  . LYS A 1 75  ? -7.322  -26.025 -1.551  1.00 92.15  ? 114 LYS A CG  1 
ATOM   599  C  CD  . LYS A 1 75  ? -8.708  -26.626 -1.318  1.00 94.52  ? 114 LYS A CD  1 
ATOM   600  C  CE  . LYS A 1 75  ? -8.743  -28.140 -1.363  1.00 98.32  ? 114 LYS A CE  1 
ATOM   601  N  NZ  . LYS A 1 75  ? -7.899  -28.740 -0.305  1.00 103.13 ? 114 LYS A NZ  1 
ATOM   602  N  N   . PRO A 1 76  ? -8.161  -21.914 0.282   1.00 69.52  ? 115 PRO A N   1 
ATOM   603  C  CA  . PRO A 1 76  ? -7.518  -20.834 1.026   1.00 74.94  ? 115 PRO A CA  1 
ATOM   604  C  C   . PRO A 1 76  ? -6.273  -21.339 1.770   1.00 74.98  ? 115 PRO A C   1 
ATOM   605  O  O   . PRO A 1 76  ? -6.256  -22.487 2.174   1.00 69.42  ? 115 PRO A O   1 
ATOM   606  C  CB  . PRO A 1 76  ? -8.595  -20.360 2.018   1.00 71.96  ? 115 PRO A CB  1 
ATOM   607  C  CG  . PRO A 1 76  ? -9.513  -21.562 2.163   1.00 76.23  ? 115 PRO A CG  1 
ATOM   608  C  CD  . PRO A 1 76  ? -9.510  -22.214 0.792   1.00 76.08  ? 115 PRO A CD  1 
ATOM   609  N  N   . GLU A 1 77  ? -5.277  -20.464 1.924   1.00 68.42  ? 116 GLU A N   1 
ATOM   610  C  CA  . GLU A 1 77  ? -4.075  -20.699 2.765   1.00 75.55  ? 116 GLU A CA  1 
ATOM   611  C  C   . GLU A 1 77  ? -3.877  -19.490 3.674   1.00 70.48  ? 116 GLU A C   1 
ATOM   612  O  O   . GLU A 1 77  ? -4.151  -18.364 3.275   1.00 73.15  ? 116 GLU A O   1 
ATOM   613  C  CB  . GLU A 1 77  ? -2.846  -20.922 1.883   1.00 78.29  ? 116 GLU A CB  1 
ATOM   614  C  CG  . GLU A 1 77  ? -2.940  -22.151 0.990   1.00 77.73  ? 116 GLU A CG  1 
ATOM   615  C  CD  . GLU A 1 77  ? -1.695  -22.416 0.153   1.00 82.30  ? 116 GLU A CD  1 
ATOM   616  O  OE1 . GLU A 1 77  ? -0.655  -21.769 0.412   1.00 87.72  ? 116 GLU A OE1 1 
ATOM   617  O  OE2 . GLU A 1 77  ? -1.761  -23.260 -0.765  1.00 80.23  ? 116 GLU A OE2 1 
ATOM   618  N  N   . PRO A 1 78  ? -3.388  -19.671 4.918   1.00 70.23  ? 117 PRO A N   1 
ATOM   619  C  CA  . PRO A 1 78  ? -3.034  -18.530 5.762   1.00 72.16  ? 117 PRO A CA  1 
ATOM   620  C  C   . PRO A 1 78  ? -2.075  -17.581 5.019   1.00 70.00  ? 117 PRO A C   1 
ATOM   621  O  O   . PRO A 1 78  ? -1.198  -18.053 4.321   1.00 58.68  ? 117 PRO A O   1 
ATOM   622  C  CB  . PRO A 1 78  ? -2.363  -19.160 6.992   1.00 70.13  ? 117 PRO A CB  1 
ATOM   623  C  CG  . PRO A 1 78  ? -2.881  -20.584 7.014   1.00 75.24  ? 117 PRO A CG  1 
ATOM   624  C  CD  . PRO A 1 78  ? -3.115  -20.963 5.564   1.00 73.23  ? 117 PRO A CD  1 
ATOM   625  N  N   . GLN A 1 79  ? -2.320  -16.289 5.134   1.00 69.95  ? 118 GLN A N   1 
ATOM   626  C  CA  . GLN A 1 79  ? -1.423  -15.352 4.446   1.00 76.43  ? 118 GLN A CA  1 
ATOM   627  C  C   . GLN A 1 79  ? -0.609  -14.650 5.521   1.00 82.69  ? 118 GLN A C   1 
ATOM   628  O  O   . GLN A 1 79  ? -1.185  -13.910 6.316   1.00 76.88  ? 118 GLN A O   1 
ATOM   629  C  CB  . GLN A 1 79  ? -2.266  -14.397 3.618   1.00 76.42  ? 118 GLN A CB  1 
ATOM   630  C  CG  . GLN A 1 79  ? -3.068  -15.103 2.542   1.00 75.82  ? 118 GLN A CG  1 
ATOM   631  C  CD  . GLN A 1 79  ? -2.168  -15.900 1.642   1.00 73.97  ? 118 GLN A CD  1 
ATOM   632  O  OE1 . GLN A 1 79  ? -1.108  -15.442 1.232   1.00 74.70  ? 118 GLN A OE1 1 
ATOM   633  N  NE2 . GLN A 1 79  ? -2.577  -17.116 1.346   1.00 74.55  ? 118 GLN A NE2 1 
ATOM   634  N  N   . ALA A 1 80  ? 0.700   -14.876 5.499   1.00 107.24 ? 119 ALA A N   1 
ATOM   635  C  CA  . ALA A 1 80  ? 1.596   -14.237 6.479   1.00 101.31 ? 119 ALA A CA  1 
ATOM   636  C  C   . ALA A 1 80  ? 1.543   -12.735 6.228   1.00 90.75  ? 119 ALA A C   1 
ATOM   637  O  O   . ALA A 1 80  ? 1.555   -12.322 5.069   1.00 78.27  ? 119 ALA A O   1 
ATOM   638  C  CB  . ALA A 1 80  ? 2.997   -14.767 6.320   1.00 104.26 ? 119 ALA A CB  1 
ATOM   639  N  N   . PRO A 1 81  ? 1.636   -11.888 7.264   1.00 77.82  ? 120 PRO A N   1 
ATOM   640  C  CA  . PRO A 1 81  ? 1.569   -10.451 7.063   1.00 74.96  ? 120 PRO A CA  1 
ATOM   641  C  C   . PRO A 1 81  ? 2.806   -10.020 6.264   1.00 60.60  ? 120 PRO A C   1 
ATOM   642  O  O   . PRO A 1 81  ? 3.869   -10.570 6.447   1.00 64.38  ? 120 PRO A O   1 
ATOM   643  C  CB  . PRO A 1 81  ? 1.737   -9.932  8.492   1.00 30.00  ? 120 PRO A CB  1 
ATOM   644  C  CG  . PRO A 1 81  ? 2.577   -10.998 9.153   1.00 30.00  ? 120 PRO A CG  1 
ATOM   645  C  CD  . PRO A 1 81  ? 1.967   -12.272 8.625   1.00 30.00  ? 120 PRO A CD  1 
ATOM   646  N  N   . SER A 1 82  ? 2.678   -8.970  5.462   1.00 52.40  ? 121 SER A N   1 
ATOM   647  C  CA  . SER A 1 82  ? 3.847   -8.509  4.672   1.00 47.87  ? 121 SER A CA  1 
ATOM   648  C  C   . SER A 1 82  ? 4.882   -7.830  5.564   1.00 45.32  ? 121 SER A C   1 
ATOM   649  O  O   . SER A 1 82  ? 4.573   -7.408  6.664   1.00 46.59  ? 121 SER A O   1 
ATOM   650  C  CB  . SER A 1 82  ? 3.451   -7.603  3.547   1.00 30.00  ? 121 SER A CB  1 
ATOM   651  O  OG  . SER A 1 82  ? 3.639   -6.238  3.881   1.00 30.00  ? 121 SER A OG  1 
ATOM   652  N  N   . CYS A 1 83  ? 6.090   -7.669  5.035   1.00 44.56  ? 122 CYS A N   1 
ATOM   653  C  CA  . CYS A 1 83  ? 7.148   -6.919  5.741   1.00 43.78  ? 122 CYS A CA  1 
ATOM   654  C  C   . CYS A 1 83  ? 6.823   -5.421  5.701   1.00 42.40  ? 122 CYS A C   1 
ATOM   655  O  O   . CYS A 1 83  ? 6.047   -4.971  4.868   1.00 39.81  ? 122 CYS A O   1 
ATOM   656  C  CB  . CYS A 1 83  ? 8.521   -7.248  5.181   1.00 47.51  ? 122 CYS A CB  1 
ATOM   657  S  SG  . CYS A 1 83  ? 8.979   -8.959  5.533   1.00 59.71  ? 122 CYS A SG  1 
ATOM   658  N  N   . VAL A 1 84  ? 7.409   -4.662  6.604   1.00 40.75  ? 123 VAL A N   1 
ATOM   659  C  CA  . VAL A 1 84  ? 7.074   -3.219  6.662   1.00 43.59  ? 123 VAL A CA  1 
ATOM   660  C  C   . VAL A 1 84  ? 8.113   -2.378  5.918   1.00 39.06  ? 123 VAL A C   1 
ATOM   661  O  O   . VAL A 1 84  ? 9.271   -2.703  5.979   1.00 38.01  ? 123 VAL A O   1 
ATOM   662  C  CB  . VAL A 1 84  ? 6.949   -2.778  8.122   1.00 46.80  ? 123 VAL A CB  1 
ATOM   663  C  CG1 . VAL A 1 84  ? 8.252   -3.000  8.856   1.00 53.57  ? 123 VAL A CG1 1 
ATOM   664  C  CG2 . VAL A 1 84  ? 6.541   -1.333  8.221   1.00 53.45  ? 123 VAL A CG2 1 
ATOM   665  N  N   . TYR A 1 85  ? 7.641   -1.369  5.199   1.00 38.90  ? 124 TYR A N   1 
ATOM   666  C  CA  . TYR A 1 85  ? 8.474   -0.368  4.496   1.00 39.19  ? 124 TYR A CA  1 
ATOM   667  C  C   . TYR A 1 85  ? 8.435   0.885   5.355   1.00 38.43  ? 124 TYR A C   1 
ATOM   668  O  O   . TYR A 1 85  ? 7.322   1.333   5.686   1.00 33.97  ? 124 TYR A O   1 
ATOM   669  C  CB  . TYR A 1 85  ? 7.910   -0.063  3.111   1.00 39.35  ? 124 TYR A CB  1 
ATOM   670  C  CG  . TYR A 1 85  ? 8.592   1.076   2.385   1.00 43.62  ? 124 TYR A CG  1 
ATOM   671  C  CD1 . TYR A 1 85  ? 9.777   0.895   1.684   1.00 42.39  ? 124 TYR A CD1 1 
ATOM   672  C  CD2 . TYR A 1 85  ? 8.026   2.339   2.377   1.00 40.08  ? 124 TYR A CD2 1 
ATOM   673  C  CE1 . TYR A 1 85  ? 10.400  1.947   1.029   1.00 42.63  ? 124 TYR A CE1 1 
ATOM   674  C  CE2 . TYR A 1 85  ? 8.619   3.394   1.716   1.00 42.01  ? 124 TYR A CE2 1 
ATOM   675  C  CZ  . TYR A 1 85  ? 9.809   3.202   1.045   1.00 42.04  ? 124 TYR A CZ  1 
ATOM   676  O  OH  . TYR A 1 85  ? 10.342  4.274   0.410   1.00 36.21  ? 124 TYR A OH  1 
ATOM   677  N  N   . ILE A 1 86  ? 9.599   1.410   5.695   1.00 37.87  ? 125 ILE A N   1 
ATOM   678  C  CA  . ILE A 1 86  ? 9.758   2.661   6.480   1.00 37.70  ? 125 ILE A CA  1 
ATOM   679  C  C   . ILE A 1 86  ? 9.851   3.821   5.494   1.00 40.46  ? 125 ILE A C   1 
ATOM   680  O  O   . ILE A 1 86  ? 10.712  3.800   4.612   1.00 38.18  ? 125 ILE A O   1 
ATOM   681  C  CB  . ILE A 1 86  ? 10.960  2.527   7.424   1.00 41.29  ? 125 ILE A CB  1 
ATOM   682  C  CG1 . ILE A 1 86  ? 10.804  1.274   8.289   1.00 42.91  ? 125 ILE A CG1 1 
ATOM   683  C  CG2 . ILE A 1 86  ? 11.124  3.783   8.277   1.00 41.69  ? 125 ILE A CG2 1 
ATOM   684  C  CD1 . ILE A 1 86  ? 11.950  1.047   9.264   1.00 49.38  ? 125 ILE A CD1 1 
ATOM   685  N  N   . HIS A 1 87  ? 8.942   4.779   5.596   1.00 38.41  ? 126 HIS A N   1 
ATOM   686  C  CA  . HIS A 1 87  ? 9.014   6.018   4.797   1.00 40.01  ? 126 HIS A CA  1 
ATOM   687  C  C   . HIS A 1 87  ? 10.397  6.629   5.005   1.00 39.73  ? 126 HIS A C   1 
ATOM   688  O  O   . HIS A 1 87  ? 10.807  6.809   6.145   1.00 34.65  ? 126 HIS A O   1 
ATOM   689  C  CB  . HIS A 1 87  ? 7.901   6.991   5.159   1.00 37.73  ? 126 HIS A CB  1 
ATOM   690  C  CG  . HIS A 1 87  ? 7.776   8.040   4.113   1.00 43.30  ? 126 HIS A CG  1 
ATOM   691  N  ND1 . HIS A 1 87  ? 8.684   9.081   4.004   1.00 42.71  ? 126 HIS A ND1 1 
ATOM   692  C  CD2 . HIS A 1 87  ? 6.929   8.158   3.072   1.00 45.05  ? 126 HIS A CD2 1 
ATOM   693  C  CE1 . HIS A 1 87  ? 8.351   9.833   2.974   1.00 47.41  ? 126 HIS A CE1 1 
ATOM   694  N  NE2 . HIS A 1 87  ? 7.280   9.285   2.381   1.00 48.32  ? 126 HIS A NE2 1 
ATOM   695  N  N   . PRO A 1 88  ? 11.142  6.971   3.928   1.00 44.62  ? 127 PRO A N   1 
ATOM   696  C  CA  . PRO A 1 88  ? 12.528  7.442   4.058   1.00 45.70  ? 127 PRO A CA  1 
ATOM   697  C  C   . PRO A 1 88  ? 12.702  8.779   4.801   1.00 44.85  ? 127 PRO A C   1 
ATOM   698  O  O   . PRO A 1 88  ? 13.748  8.987   5.385   1.00 43.08  ? 127 PRO A O   1 
ATOM   699  C  CB  . PRO A 1 88  ? 13.041  7.518   2.605   1.00 46.75  ? 127 PRO A CB  1 
ATOM   700  C  CG  . PRO A 1 88  ? 11.815  7.567   1.741   1.00 46.02  ? 127 PRO A CG  1 
ATOM   701  C  CD  . PRO A 1 88  ? 10.711  6.889   2.529   1.00 43.92  ? 127 PRO A CD  1 
ATOM   702  N  N   . ASP A 1 89  ? 11.668  9.621   4.870   1.00 44.98  ? 128 ASP A N   1 
ATOM   703  C  CA  . ASP A 1 89  ? 11.700  10.829  5.738   1.00 42.62  ? 128 ASP A CA  1 
ATOM   704  C  C   . ASP A 1 89  ? 11.712  10.448  7.222   1.00 41.55  ? 128 ASP A C   1 
ATOM   705  O  O   . ASP A 1 89  ? 11.883  11.357  8.012   1.00 44.46  ? 128 ASP A O   1 
ATOM   706  C  CB  . ASP A 1 89  ? 10.482  11.738  5.558   1.00 42.97  ? 128 ASP A CB  1 
ATOM   707  C  CG  . ASP A 1 89  ? 10.341  12.352  4.186   1.00 40.57  ? 128 ASP A CG  1 
ATOM   708  O  OD1 . ASP A 1 89  ? 11.146  12.027  3.327   1.00 44.06  ? 128 ASP A OD1 1 
ATOM   709  O  OD2 . ASP A 1 89  ? 9.373   13.135  3.980   1.00 45.90  ? 128 ASP A OD2 1 
ATOM   710  N  N   . SER A 1 90  ? 11.460  9.186   7.603   1.00 38.44  ? 129 SER A N   1 
ATOM   711  C  CA  . SER A 1 90  ? 11.382  8.737   9.025   1.00 38.67  ? 129 SER A CA  1 
ATOM   712  C  C   . SER A 1 90  ? 12.780  8.705   9.626   1.00 39.64  ? 129 SER A C   1 
ATOM   713  O  O   . SER A 1 90  ? 13.732  8.364   8.945   1.00 43.73  ? 129 SER A O   1 
ATOM   714  C  CB  . SER A 1 90  ? 10.758  7.359   9.173   1.00 35.88  ? 129 SER A CB  1 
ATOM   715  O  OG  . SER A 1 90  ? 9.516   7.289   8.493   1.00 35.73  ? 129 SER A OG  1 
ATOM   716  N  N   . PRO A 1 91  ? 12.969  8.967   10.931  1.00 40.11  ? 130 PRO A N   1 
ATOM   717  C  CA  . PRO A 1 91  ? 11.965  9.579   11.795  1.00 40.90  ? 130 PRO A CA  1 
ATOM   718  C  C   . PRO A 1 91  ? 11.875  11.090  11.599  1.00 41.78  ? 130 PRO A C   1 
ATOM   719  O  O   . PRO A 1 91  ? 12.809  11.687  11.124  1.00 42.13  ? 130 PRO A O   1 
ATOM   720  C  CB  . PRO A 1 91  ? 12.480  9.259   13.198  1.00 43.76  ? 130 PRO A CB  1 
ATOM   721  C  CG  . PRO A 1 91  ? 13.961  9.176   13.024  1.00 42.79  ? 130 PRO A CG  1 
ATOM   722  C  CD  . PRO A 1 91  ? 14.166  8.563   11.662  1.00 44.02  ? 130 PRO A CD  1 
ATOM   723  N  N   . ASN A 1 92  ? 10.768  11.701  11.974  1.00 42.64  ? 131 ASN A N   1 
ATOM   724  C  CA  . ASN A 1 92  ? 10.614  13.151  11.712  1.00 46.21  ? 131 ASN A CA  1 
ATOM   725  C  C   . ASN A 1 92  ? 9.535   13.738  12.608  1.00 49.07  ? 131 ASN A C   1 
ATOM   726  O  O   . ASN A 1 92  ? 8.813   12.953  13.266  1.00 43.62  ? 131 ASN A O   1 
ATOM   727  C  CB  . ASN A 1 92  ? 10.396  13.436  10.229  1.00 47.51  ? 131 ASN A CB  1 
ATOM   728  C  CG  . ASN A 1 92  ? 11.253  14.588  9.744   1.00 46.42  ? 131 ASN A CG  1 
ATOM   729  O  OD1 . ASN A 1 92  ? 11.352  15.608  10.418  1.00 47.12  ? 131 ASN A OD1 1 
ATOM   730  N  ND2 . ASN A 1 92  ? 11.816  14.464  8.556   1.00 43.30  ? 131 ASN A ND2 1 
ATOM   731  N  N   . PHE A 1 93  ? 9.528   15.073  12.701  1.00 47.45  ? 132 PHE A N   1 
ATOM   732  C  CA  . PHE A 1 93  ? 8.647   15.848  13.606  1.00 47.61  ? 132 PHE A CA  1 
ATOM   733  C  C   . PHE A 1 93  ? 7.230   15.787  13.048  1.00 47.22  ? 132 PHE A C   1 
ATOM   734  O  O   . PHE A 1 93  ? 7.070   15.779  11.815  1.00 42.90  ? 132 PHE A O   1 
ATOM   735  C  CB  . PHE A 1 93  ? 9.129   17.301  13.740  1.00 49.84  ? 132 PHE A CB  1 
ATOM   736  C  CG  . PHE A 1 93  ? 10.406  17.429  14.526  1.00 47.47  ? 132 PHE A CG  1 
ATOM   737  C  CD1 . PHE A 1 93  ? 10.396  17.310  15.906  1.00 50.36  ? 132 PHE A CD1 1 
ATOM   738  C  CD2 . PHE A 1 93  ? 11.619  17.621  13.888  1.00 49.53  ? 132 PHE A CD2 1 
ATOM   739  C  CE1 . PHE A 1 93  ? 11.570  17.374  16.632  1.00 46.96  ? 132 PHE A CE1 1 
ATOM   740  C  CE2 . PHE A 1 93  ? 12.796  17.688  14.617  1.00 48.18  ? 132 PHE A CE2 1 
ATOM   741  C  CZ  . PHE A 1 93  ? 12.770  17.560  15.986  1.00 54.03  ? 132 PHE A CZ  1 
ATOM   742  N  N   . GLY A 1 94  ? 6.232   15.783  13.929  1.00 48.35  ? 133 GLY A N   1 
ATOM   743  C  CA  . GLY A 1 94  ? 4.825   15.934  13.518  1.00 50.08  ? 133 GLY A CA  1 
ATOM   744  C  C   . GLY A 1 94  ? 4.640   16.973  12.421  1.00 49.70  ? 133 GLY A C   1 
ATOM   745  O  O   . GLY A 1 94  ? 3.854   16.713  11.511  1.00 47.35  ? 133 GLY A O   1 
ATOM   746  N  N   . ALA A 1 95  ? 5.320   18.125  12.499  1.00 55.48  ? 134 ALA A N   1 
ATOM   747  C  CA  . ALA A 1 95  ? 5.148   19.277  11.574  1.00 48.52  ? 134 ALA A CA  1 
ATOM   748  C  C   . ALA A 1 95  ? 5.552   18.878  10.156  1.00 48.33  ? 134 ALA A C   1 
ATOM   749  O  O   . ALA A 1 95  ? 4.977   19.407  9.181   1.00 48.25  ? 134 ALA A O   1 
ATOM   750  C  CB  . ALA A 1 95  ? 5.985   20.451  12.043  1.00 51.35  ? 134 ALA A CB  1 
ATOM   751  N  N   . HIS A 1 96  ? 6.580   18.043  10.036  1.00 46.06  ? 135 HIS A N   1 
ATOM   752  C  CA  . HIS A 1 96  ? 7.118   17.615  8.722   1.00 45.23  ? 135 HIS A CA  1 
ATOM   753  C  C   . HIS A 1 96  ? 6.033   16.813  8.014   1.00 40.43  ? 135 HIS A C   1 
ATOM   754  O  O   . HIS A 1 96  ? 5.716   17.065  6.844   1.00 45.76  ? 135 HIS A O   1 
ATOM   755  C  CB  . HIS A 1 96  ? 8.405   16.785  8.898   1.00 45.96  ? 135 HIS A CB  1 
ATOM   756  C  CG  . HIS A 1 96  ? 8.912   16.217  7.614   1.00 46.51  ? 135 HIS A CG  1 
ATOM   757  N  ND1 . HIS A 1 96  ? 9.825   16.883  6.809   1.00 49.03  ? 135 HIS A ND1 1 
ATOM   758  C  CD2 . HIS A 1 96  ? 8.631   15.056  6.982   1.00 44.41  ? 135 HIS A CD2 1 
ATOM   759  C  CE1 . HIS A 1 96  ? 10.085  16.160  5.740   1.00 51.31  ? 135 HIS A CE1 1 
ATOM   760  N  NE2 . HIS A 1 96  ? 9.357   15.026  5.823   1.00 50.58  ? 135 HIS A NE2 1 
ATOM   761  N  N   . TRP A 1 97  ? 5.447   15.885  8.746   1.00 47.32  ? 136 TRP A N   1 
ATOM   762  C  CA  . TRP A 1 97  ? 4.435   14.955  8.200   1.00 45.33  ? 136 TRP A CA  1 
ATOM   763  C  C   . TRP A 1 97  ? 3.139   15.701  7.851   1.00 51.36  ? 136 TRP A C   1 
ATOM   764  O  O   . TRP A 1 97  ? 2.479   15.315  6.867   1.00 44.08  ? 136 TRP A O   1 
ATOM   765  C  CB  . TRP A 1 97  ? 4.203   13.867  9.227   1.00 44.83  ? 136 TRP A CB  1 
ATOM   766  C  CG  . TRP A 1 97  ? 5.402   13.044  9.556   1.00 39.23  ? 136 TRP A CG  1 
ATOM   767  C  CD1 . TRP A 1 97  ? 5.978   12.901  10.779  1.00 38.50  ? 136 TRP A CD1 1 
ATOM   768  C  CD2 . TRP A 1 97  ? 6.129   12.198  8.660   1.00 38.04  ? 136 TRP A CD2 1 
ATOM   769  N  NE1 . TRP A 1 97  ? 7.017   12.016  10.713  1.00 39.63  ? 136 TRP A NE1 1 
ATOM   770  C  CE2 . TRP A 1 97  ? 7.136   11.574  9.422   1.00 38.97  ? 136 TRP A CE2 1 
ATOM   771  C  CE3 . TRP A 1 97  ? 6.014   11.893  7.302   1.00 42.71  ? 136 TRP A CE3 1 
ATOM   772  C  CZ2 . TRP A 1 97  ? 8.004   10.641  8.872   1.00 39.99  ? 136 TRP A CZ2 1 
ATOM   773  C  CZ3 . TRP A 1 97  ? 6.879   10.976  6.754   1.00 42.01  ? 136 TRP A CZ3 1 
ATOM   774  C  CH2 . TRP A 1 97  ? 7.859   10.364  7.533   1.00 41.98  ? 136 TRP A CH2 1 
ATOM   775  N  N   . MET A 1 98  ? 2.777   16.742  8.607   1.00 52.94  ? 137 MET A N   1 
ATOM   776  C  CA  . MET A 1 98  ? 1.479   17.439  8.398   1.00 53.29  ? 137 MET A CA  1 
ATOM   777  C  C   . MET A 1 98  ? 1.588   18.536  7.338   1.00 51.93  ? 137 MET A C   1 
ATOM   778  O  O   . MET A 1 98  ? 0.534   19.040  6.983   1.00 52.23  ? 137 MET A O   1 
ATOM   779  C  CB  . MET A 1 98  ? 0.955   18.057  9.695   1.00 51.63  ? 137 MET A CB  1 
ATOM   780  C  CG  . MET A 1 98  ? 0.519   17.016  10.668  1.00 52.32  ? 137 MET A CG  1 
ATOM   781  S  SD  . MET A 1 98  ? -0.226  17.695  12.153  1.00 54.96  ? 137 MET A SD  1 
ATOM   782  C  CE  . MET A 1 98  ? 1.215   18.442  12.919  1.00 59.36  ? 137 MET A CE  1 
ATOM   783  N  N   . LYS A 1 99  ? 2.780   18.885  6.839   1.00 56.30  ? 138 LYS A N   1 
ATOM   784  C  CA  . LYS A 1 99  ? 2.947   20.080  5.962   1.00 55.44  ? 138 LYS A CA  1 
ATOM   785  C  C   . LYS A 1 99  ? 2.643   19.740  4.499   1.00 56.99  ? 138 LYS A C   1 
ATOM   786  O  O   . LYS A 1 99  ? 2.278   20.663  3.757   1.00 58.39  ? 138 LYS A O   1 
ATOM   787  C  CB  . LYS A 1 99  ? 4.326   20.730  6.150   1.00 60.26  ? 138 LYS A CB  1 
ATOM   788  C  CG  . LYS A 1 99  ? 5.525   20.011  5.547   1.00 61.76  ? 138 LYS A CG  1 
ATOM   789  C  CD  . LYS A 1 99  ? 6.793   20.846  5.634   1.00 73.02  ? 138 LYS A CD  1 
ATOM   790  C  CE  . LYS A 1 99  ? 7.969   20.280  4.858   1.00 78.71  ? 138 LYS A CE  1 
ATOM   791  N  NZ  . LYS A 1 99  ? 8.927   19.562  5.735   1.00 83.45  ? 138 LYS A NZ  1 
ATOM   792  N  N   . ALA A 1 100 ? 2.769   18.476  4.077   1.00 58.93  ? 139 ALA A N   1 
ATOM   793  C  CA  . ALA A 1 100 ? 2.393   18.033  2.712   1.00 56.49  ? 139 ALA A CA  1 
ATOM   794  C  C   . ALA A 1 100 ? 1.987   16.560  2.747   1.00 56.62  ? 139 ALA A C   1 
ATOM   795  O  O   . ALA A 1 100 ? 2.267   15.868  3.724   1.00 59.30  ? 139 ALA A O   1 
ATOM   796  C  CB  . ALA A 1 100 ? 3.532   18.290  1.760   1.00 57.55  ? 139 ALA A CB  1 
ATOM   797  N  N   . PRO A 1 101 ? 1.267   16.042  1.726   1.00 52.77  ? 140 PRO A N   1 
ATOM   798  C  CA  . PRO A 1 101 ? 0.811   14.652  1.742   1.00 50.82  ? 140 PRO A CA  1 
ATOM   799  C  C   . PRO A 1 101 ? 2.024   13.739  1.912   1.00 43.67  ? 140 PRO A C   1 
ATOM   800  O  O   . PRO A 1 101 ? 3.021   14.018  1.311   1.00 44.71  ? 140 PRO A O   1 
ATOM   801  C  CB  . PRO A 1 101 ? 0.160   14.448  0.368   1.00 50.75  ? 140 PRO A CB  1 
ATOM   802  C  CG  . PRO A 1 101 ? -0.239  15.841  -0.047  1.00 53.20  ? 140 PRO A CG  1 
ATOM   803  C  CD  . PRO A 1 101 ? 0.859   16.733  0.495   1.00 53.24  ? 140 PRO A CD  1 
ATOM   804  N  N   . VAL A 1 102 ? 1.942   12.734  2.772   1.00 42.83  ? 141 VAL A N   1 
ATOM   805  C  CA  . VAL A 1 102 ? 3.044   11.738  2.942   1.00 42.76  ? 141 VAL A CA  1 
ATOM   806  C  C   . VAL A 1 102 ? 2.954   10.765  1.754   1.00 44.29  ? 141 VAL A C   1 
ATOM   807  O  O   . VAL A 1 102 ? 1.942   10.039  1.626   1.00 40.58  ? 141 VAL A O   1 
ATOM   808  C  CB  . VAL A 1 102 ? 2.985   11.016  4.292   1.00 40.83  ? 141 VAL A CB  1 
ATOM   809  C  CG1 . VAL A 1 102 ? 4.162   10.082  4.475   1.00 42.47  ? 141 VAL A CG1 1 
ATOM   810  C  CG2 . VAL A 1 102 ? 2.880   11.984  5.456   1.00 48.20  ? 141 VAL A CG2 1 
ATOM   811  N  N   . SER A 1 103 ? 3.976   10.741  0.904   1.00 41.33  ? 142 SER A N   1 
ATOM   812  C  CA  . SER A 1 103 ? 3.956   9.981   -0.371  1.00 43.92  ? 142 SER A CA  1 
ATOM   813  C  C   . SER A 1 103 ? 4.870   8.752   -0.286  1.00 45.60  ? 142 SER A C   1 
ATOM   814  O  O   . SER A 1 103 ? 6.063   8.929   0.045   1.00 43.30  ? 142 SER A O   1 
ATOM   815  C  CB  . SER A 1 103 ? 4.337   10.892  -1.480  1.00 44.04  ? 142 SER A CB  1 
ATOM   816  O  OG  . SER A 1 103 ? 4.295   10.213  -2.709  1.00 51.98  ? 142 SER A OG  1 
ATOM   817  N  N   . PHE A 1 104 ? 4.340   7.554   -0.580  1.00 41.90  ? 143 PHE A N   1 
ATOM   818  C  CA  . PHE A 1 104 ? 5.129   6.292   -0.600  1.00 40.13  ? 143 PHE A CA  1 
ATOM   819  C  C   . PHE A 1 104 ? 5.566   5.968   -2.033  1.00 40.08  ? 143 PHE A C   1 
ATOM   820  O  O   . PHE A 1 104 ? 5.372   4.843   -2.496  1.00 38.72  ? 143 PHE A O   1 
ATOM   821  C  CB  . PHE A 1 104 ? 4.316   5.169   0.046   1.00 37.89  ? 143 PHE A CB  1 
ATOM   822  C  CG  . PHE A 1 104 ? 4.116   5.373   1.528   1.00 40.37  ? 143 PHE A CG  1 
ATOM   823  C  CD1 . PHE A 1 104 ? 4.995   4.823   2.447   1.00 38.80  ? 143 PHE A CD1 1 
ATOM   824  C  CD2 . PHE A 1 104 ? 3.071   6.156   2.004   1.00 41.72  ? 143 PHE A CD2 1 
ATOM   825  C  CE1 . PHE A 1 104 ? 4.812   5.008   3.806   1.00 40.02  ? 143 PHE A CE1 1 
ATOM   826  C  CE2 . PHE A 1 104 ? 2.889   6.330   3.364   1.00 43.02  ? 143 PHE A CE2 1 
ATOM   827  C  CZ  . PHE A 1 104 ? 3.768   5.773   4.259   1.00 41.24  ? 143 PHE A CZ  1 
ATOM   828  N  N   . SER A 1 105 ? 6.186   6.916   -2.730  1.00 40.01  ? 144 SER A N   1 
ATOM   829  C  CA  . SER A 1 105 ? 6.500   6.766   -4.180  1.00 41.65  ? 144 SER A CA  1 
ATOM   830  C  C   . SER A 1 105 ? 7.672   5.800   -4.385  1.00 37.79  ? 144 SER A C   1 
ATOM   831  O  O   . SER A 1 105 ? 7.767   5.256   -5.475  1.00 42.02  ? 144 SER A O   1 
ATOM   832  C  CB  . SER A 1 105 ? 6.791   8.081   -4.803  1.00 39.58  ? 144 SER A CB  1 
ATOM   833  O  OG  . SER A 1 105 ? 7.777   8.706   -4.026  1.00 44.44  ? 144 SER A OG  1 
ATOM   834  N  N   . LYS A 1 106 ? 8.498   5.542   -3.371  1.00 37.90  ? 145 LYS A N   1 
ATOM   835  C  CA  . LYS A 1 106 ? 9.736   4.744   -3.562  1.00 37.85  ? 145 LYS A CA  1 
ATOM   836  C  C   . LYS A 1 106 ? 9.580   3.285   -3.125  1.00 38.91  ? 145 LYS A C   1 
ATOM   837  O  O   . LYS A 1 106 ? 10.535  2.522   -3.340  1.00 34.78  ? 145 LYS A O   1 
ATOM   838  C  CB  . LYS A 1 106 ? 10.876  5.420   -2.816  1.00 40.55  ? 145 LYS A CB  1 
ATOM   839  C  CG  . LYS A 1 106 ? 11.115  6.850   -3.253  1.00 42.05  ? 145 LYS A CG  1 
ATOM   840  C  CD  . LYS A 1 106 ? 11.344  6.956   -4.725  1.00 44.66  ? 145 LYS A CD  1 
ATOM   841  C  CE  . LYS A 1 106 ? 11.881  8.320   -5.117  1.00 46.13  ? 145 LYS A CE  1 
ATOM   842  N  NZ  . LYS A 1 106 ? 12.142  8.361   -6.574  1.00 48.48  ? 145 LYS A NZ  1 
ATOM   843  N  N   . VAL A 1 107 ? 8.439   2.867   -2.554  1.00 38.80  ? 146 VAL A N   1 
ATOM   844  C  CA  . VAL A 1 107 ? 8.279   1.431   -2.171  1.00 38.14  ? 146 VAL A CA  1 
ATOM   845  C  C   . VAL A 1 107 ? 8.242   0.612   -3.462  1.00 37.21  ? 146 VAL A C   1 
ATOM   846  O  O   . VAL A 1 107 ? 7.620   1.045   -4.418  1.00 35.31  ? 146 VAL A O   1 
ATOM   847  C  CB  . VAL A 1 107 ? 7.067   1.146   -1.254  1.00 38.78  ? 146 VAL A CB  1 
ATOM   848  C  CG1 . VAL A 1 107 ? 5.732   1.412   -1.928  1.00 41.18  ? 146 VAL A CG1 1 
ATOM   849  C  CG2 . VAL A 1 107 ? 7.122   -0.274  -0.697  1.00 39.92  ? 146 VAL A CG2 1 
ATOM   850  N  N   . LYS A 1 108 ? 8.893   -0.548  -3.467  1.00 39.69  ? 147 LYS A N   1 
ATOM   851  C  CA  . LYS A 1 108 ? 8.959   -1.454  -4.637  1.00 39.47  ? 147 LYS A CA  1 
ATOM   852  C  C   . LYS A 1 108 ? 8.374   -2.803  -4.243  1.00 38.79  ? 147 LYS A C   1 
ATOM   853  O  O   . LYS A 1 108 ? 8.774   -3.313  -3.210  1.00 41.63  ? 147 LYS A O   1 
ATOM   854  C  CB  . LYS A 1 108 ? 10.417  -1.631  -5.048  1.00 42.35  ? 147 LYS A CB  1 
ATOM   855  C  CG  . LYS A 1 108 ? 11.089  -0.373  -5.571  1.00 49.31  ? 147 LYS A CG  1 
ATOM   856  C  CD  . LYS A 1 108 ? 12.586  -0.551  -5.825  1.00 54.65  ? 147 LYS A CD  1 
ATOM   857  C  CE  . LYS A 1 108 ? 12.939  -0.509  -7.291  1.00 61.59  ? 147 LYS A CE  1 
ATOM   858  N  NZ  . LYS A 1 108 ? 14.361  -0.152  -7.494  1.00 63.84  ? 147 LYS A NZ  1 
ATOM   859  N  N   . LEU A 1 109 ? 7.448   -3.329  -5.039  1.00 42.11  ? 148 LEU A N   1 
ATOM   860  C  CA  . LEU A 1 109 ? 6.727   -4.603  -4.779  1.00 40.09  ? 148 LEU A CA  1 
ATOM   861  C  C   . LEU A 1 109 ? 7.418   -5.732  -5.550  1.00 42.12  ? 148 LEU A C   1 
ATOM   862  O  O   . LEU A 1 109 ? 7.575   -5.599  -6.766  1.00 43.10  ? 148 LEU A O   1 
ATOM   863  C  CB  . LEU A 1 109 ? 5.275   -4.418  -5.217  1.00 35.03  ? 148 LEU A CB  1 
ATOM   864  C  CG  . LEU A 1 109 ? 4.575   -3.250  -4.521  1.00 39.88  ? 148 LEU A CG  1 
ATOM   865  C  CD1 . LEU A 1 109 ? 3.100   -3.197  -4.886  1.00 37.90  ? 148 LEU A CD1 1 
ATOM   866  C  CD2 . LEU A 1 109 ? 4.782   -3.322  -3.002  1.00 38.15  ? 148 LEU A CD2 1 
ATOM   867  N  N   . THR A 1 110 ? 7.851   -6.781  -4.858  1.00 42.19  ? 149 THR A N   1 
ATOM   868  C  CA  . THR A 1 110 ? 8.559   -7.926  -5.488  1.00 47.33  ? 149 THR A CA  1 
ATOM   869  C  C   . THR A 1 110 ? 7.780   -9.215  -5.224  1.00 49.31  ? 149 THR A C   1 
ATOM   870  O  O   . THR A 1 110 ? 6.943   -9.236  -4.290  1.00 47.49  ? 149 THR A O   1 
ATOM   871  C  CB  . THR A 1 110 ? 10.020  -8.047  -5.020  1.00 46.75  ? 149 THR A CB  1 
ATOM   872  O  OG1 . THR A 1 110 ? 10.552  -9.187  -5.697  1.00 48.67  ? 149 THR A OG1 1 
ATOM   873  C  CG2 . THR A 1 110 ? 10.193  -8.211  -3.524  1.00 44.11  ? 149 THR A CG2 1 
ATOM   874  N  N   . ASN A 1 111 ? 8.097   -10.253 -5.998  1.00 48.19  ? 150 ASN A N   1 
ATOM   875  C  CA  . ASN A 1 111 ? 7.606   -11.638 -5.785  1.00 49.92  ? 150 ASN A CA  1 
ATOM   876  C  C   . ASN A 1 111 ? 8.749   -12.548 -5.312  1.00 54.71  ? 150 ASN A C   1 
ATOM   877  O  O   . ASN A 1 111 ? 8.481   -13.732 -5.106  1.00 59.00  ? 150 ASN A O   1 
ATOM   878  C  CB  . ASN A 1 111 ? 6.897   -12.183 -7.025  1.00 52.64  ? 150 ASN A CB  1 
ATOM   879  C  CG  . ASN A 1 111 ? 7.696   -12.097 -8.311  1.00 47.41  ? 150 ASN A CG  1 
ATOM   880  O  OD1 . ASN A 1 111 ? 7.201   -12.495 -9.353  1.00 64.74  ? 150 ASN A OD1 1 
ATOM   881  N  ND2 . ASN A 1 111 ? 8.893   -11.549 -8.279  1.00 51.80  ? 150 ASN A ND2 1 
ATOM   882  N  N   . LYS A 1 112 ? 9.962   -12.029 -5.096  1.00 62.42  ? 151 LYS A N   1 
ATOM   883  C  CA  . LYS A 1 112 ? 11.114  -12.834 -4.607  1.00 68.40  ? 151 LYS A CA  1 
ATOM   884  C  C   . LYS A 1 112 ? 11.690  -12.195 -3.344  1.00 79.55  ? 151 LYS A C   1 
ATOM   885  O  O   . LYS A 1 112 ? 12.013  -10.999 -3.395  1.00 83.06  ? 151 LYS A O   1 
ATOM   886  C  CB  . LYS A 1 112 ? 12.213  -12.936 -5.670  1.00 72.27  ? 151 LYS A CB  1 
ATOM   887  C  CG  . LYS A 1 112 ? 11.770  -13.506 -7.011  1.00 76.77  ? 151 LYS A CG  1 
ATOM   888  C  CD  . LYS A 1 112 ? 11.327  -14.960 -6.975  1.00 73.50  ? 151 LYS A CD  1 
ATOM   889  C  CE  . LYS A 1 112 ? 10.698  -15.381 -8.288  1.00 74.58  ? 151 LYS A CE  1 
ATOM   890  N  NZ  . LYS A 1 112 ? 10.345  -16.821 -8.305  1.00 74.06  ? 151 LYS A NZ  1 
ATOM   891  N  N   . LEU A 1 113 ? 11.782  -12.964 -2.252  1.00 91.08  ? 152 LEU A N   1 
ATOM   892  C  CA  . LEU A 1 113 ? 12.701  -12.688 -1.114  1.00 94.44  ? 152 LEU A CA  1 
ATOM   893  C  C   . LEU A 1 113 ? 13.963  -12.028 -1.685  1.00 98.94  ? 152 LEU A C   1 
ATOM   894  O  O   . LEU A 1 113 ? 14.641  -12.662 -2.515  1.00 95.33  ? 152 LEU A O   1 
ATOM   895  C  CB  . LEU A 1 113 ? 13.027  -13.971 -0.333  1.00 97.88  ? 152 LEU A CB  1 
ATOM   896  C  CG  . LEU A 1 113 ? 13.011  -15.327 -1.058  1.00 104.68 ? 152 LEU A CG  1 
ATOM   897  C  CD1 . LEU A 1 113 ? 11.622  -15.955 -1.053  1.00 104.75 ? 152 LEU A CD1 1 
ATOM   898  C  CD2 . LEU A 1 113 ? 13.579  -15.273 -2.476  1.00 109.49 ? 152 LEU A CD2 1 
ATOM   899  N  N   . ASN A 1 114 ? 14.221  -10.773 -1.310  1.00 107.26 ? 153 ASN A N   1 
ATOM   900  C  CA  . ASN A 1 114 ? 15.263  -9.927  -1.952  1.00 112.47 ? 153 ASN A CA  1 
ATOM   901  C  C   . ASN A 1 114 ? 16.028  -9.155  -0.874  1.00 115.76 ? 153 ASN A C   1 
ATOM   902  O  O   . ASN A 1 114 ? 15.572  -9.160  0.290   1.00 115.96 ? 153 ASN A O   1 
ATOM   903  C  CB  . ASN A 1 114 ? 14.656  -8.999  -3.011  1.00 113.32 ? 153 ASN A CB  1 
ATOM   904  C  CG  . ASN A 1 114 ? 14.385  -9.691  -4.333  1.00 111.65 ? 153 ASN A CG  1 
ATOM   905  O  OD1 . ASN A 1 114 ? 15.209  -10.465 -4.827  1.00 104.27 ? 153 ASN A OD1 1 
ATOM   906  N  ND2 . ASN A 1 114 ? 13.229  -9.420  -4.920  1.00 98.36  ? 153 ASN A ND2 1 
ATOM   907  N  N   . GLY A 1 115 ? 17.139  -8.524  -1.274  1.00 114.70 ? 154 GLY A N   1 
ATOM   908  C  CA  . GLY A 1 115 ? 18.109  -7.842  -0.394  1.00 114.46 ? 154 GLY A CA  1 
ATOM   909  C  C   . GLY A 1 115 ? 17.449  -6.900  0.599   1.00 103.80 ? 154 GLY A C   1 
ATOM   910  O  O   . GLY A 1 115 ? 17.129  -7.347  1.716   1.00 99.24  ? 154 GLY A O   1 
ATOM   911  N  N   . GLY A 1 116 ? 17.264  -5.638  0.211   1.00 98.59  ? 155 GLY A N   1 
ATOM   912  C  CA  . GLY A 1 116 ? 16.762  -4.572  1.099   1.00 93.97  ? 155 GLY A CA  1 
ATOM   913  C  C   . GLY A 1 116 ? 15.792  -3.655  0.382   1.00 87.24  ? 155 GLY A C   1 
ATOM   914  O  O   . GLY A 1 116 ? 15.851  -3.569  -0.855  1.00 86.17  ? 155 GLY A O   1 
ATOM   915  N  N   . GLY A 1 117 ? 14.945  -2.971  1.143   1.00 77.51  ? 156 GLY A N   1 
ATOM   916  C  CA  . GLY A 1 117 ? 13.891  -2.087  0.620   1.00 78.98  ? 156 GLY A CA  1 
ATOM   917  C  C   . GLY A 1 117 ? 12.668  -2.887  0.212   1.00 68.55  ? 156 GLY A C   1 
ATOM   918  O  O   . GLY A 1 117 ? 11.658  -2.828  0.936   1.00 72.50  ? 156 GLY A O   1 
ATOM   919  N  N   . GLN A 1 118 ? 12.775  -3.635  -0.886  1.00 63.07  ? 157 GLN A N   1 
ATOM   920  C  CA  . GLN A 1 118 ? 11.628  -4.254  -1.602  1.00 59.05  ? 157 GLN A CA  1 
ATOM   921  C  C   . GLN A 1 118 ? 10.711  -4.960  -0.602  1.00 53.13  ? 157 GLN A C   1 
ATOM   922  O  O   . GLN A 1 118 ? 11.221  -5.595  0.330   1.00 56.97  ? 157 GLN A O   1 
ATOM   923  C  CB  . GLN A 1 118 ? 12.105  -5.292  -2.612  1.00 60.75  ? 157 GLN A CB  1 
ATOM   924  C  CG  . GLN A 1 118 ? 13.015  -4.731  -3.685  1.00 71.98  ? 157 GLN A CG  1 
ATOM   925  C  CD  . GLN A 1 118 ? 14.204  -5.638  -3.837  1.00 77.03  ? 157 GLN A CD  1 
ATOM   926  O  OE1 . GLN A 1 118 ? 14.272  -6.437  -4.764  1.00 93.93  ? 157 GLN A OE1 1 
ATOM   927  N  NE2 . GLN A 1 118 ? 15.117  -5.563  -2.881  1.00 79.00  ? 157 GLN A NE2 1 
ATOM   928  N  N   . ILE A 1 119 ? 9.408   -4.890  -0.836  1.00 46.05  ? 158 ILE A N   1 
ATOM   929  C  CA  . ILE A 1 119 ? 8.379   -5.640  -0.064  1.00 40.88  ? 158 ILE A CA  1 
ATOM   930  C  C   . ILE A 1 119 ? 7.917   -6.807  -0.928  1.00 39.12  ? 158 ILE A C   1 
ATOM   931  O  O   . ILE A 1 119 ? 7.403   -6.545  -2.036  1.00 37.12  ? 158 ILE A O   1 
ATOM   932  C  CB  . ILE A 1 119 ? 7.208   -4.708  0.308   1.00 39.36  ? 158 ILE A CB  1 
ATOM   933  C  CG1 . ILE A 1 119 ? 7.665   -3.573  1.231   1.00 39.59  ? 158 ILE A CG1 1 
ATOM   934  C  CG2 . ILE A 1 119 ? 6.040   -5.501  0.874   1.00 41.36  ? 158 ILE A CG2 1 
ATOM   935  C  CD1 . ILE A 1 119 ? 8.487   -4.017  2.426   1.00 41.18  ? 158 ILE A CD1 1 
ATOM   936  N  N   . MET A 1 120 ? 8.070   -8.027  -0.417  1.00 43.37  ? 159 MET A N   1 
ATOM   937  C  CA  . MET A 1 120 ? 7.667   -9.261  -1.132  1.00 47.66  ? 159 MET A CA  1 
ATOM   938  C  C   . MET A 1 120 ? 6.181   -9.508  -0.894  1.00 42.73  ? 159 MET A C   1 
ATOM   939  O  O   . MET A 1 120 ? 5.749   -9.441  0.243   1.00 44.44  ? 159 MET A O   1 
ATOM   940  C  CB  . MET A 1 120 ? 8.444   -10.504 -0.702  1.00 55.41  ? 159 MET A CB  1 
ATOM   941  C  CG  . MET A 1 120 ? 8.173   -11.674 -1.642  1.00 60.09  ? 159 MET A CG  1 
ATOM   942  S  SD  . MET A 1 120 ? 8.942   -13.181 -1.091  1.00 77.95  ? 159 MET A SD  1 
ATOM   943  C  CE  . MET A 1 120 ? 7.723   -13.711 0.115   1.00 75.54  ? 159 MET A CE  1 
ATOM   944  N  N   . LEU A 1 121 ? 5.437   -9.687  -1.978  1.00 39.29  ? 160 LEU A N   1 
ATOM   945  C  CA  . LEU A 1 121 ? 4.015   -10.074 -1.971  1.00 39.38  ? 160 LEU A CA  1 
ATOM   946  C  C   . LEU A 1 121 ? 3.887   -11.376 -2.757  1.00 43.35  ? 160 LEU A C   1 
ATOM   947  O  O   . LEU A 1 121 ? 4.712   -11.600 -3.673  1.00 48.57  ? 160 LEU A O   1 
ATOM   948  C  CB  . LEU A 1 121 ? 3.178   -8.970  -2.615  1.00 39.40  ? 160 LEU A CB  1 
ATOM   949  C  CG  . LEU A 1 121 ? 3.289   -7.565  -2.033  1.00 37.78  ? 160 LEU A CG  1 
ATOM   950  C  CD1 . LEU A 1 121 ? 2.360   -6.630  -2.789  1.00 38.72  ? 160 LEU A CD1 1 
ATOM   951  C  CD2 . LEU A 1 121 ? 2.955   -7.540  -0.554  1.00 41.12  ? 160 LEU A CD2 1 
ATOM   952  N  N   . ASN A 1 122 ? 2.870   -12.174 -2.441  1.00 46.78  ? 161 ASN A N   1 
ATOM   953  C  CA  . ASN A 1 122 ? 2.517   -13.404 -3.195  1.00 47.12  ? 161 ASN A CA  1 
ATOM   954  C  C   . ASN A 1 122 ? 1.696   -12.976 -4.402  1.00 48.20  ? 161 ASN A C   1 
ATOM   955  O  O   . ASN A 1 122 ? 0.635   -12.321 -4.230  1.00 49.07  ? 161 ASN A O   1 
ATOM   956  C  CB  . ASN A 1 122 ? 1.740   -14.431 -2.371  1.00 51.62  ? 161 ASN A CB  1 
ATOM   957  C  CG  . ASN A 1 122 ? 2.501   -14.903 -1.155  1.00 59.17  ? 161 ASN A CG  1 
ATOM   958  O  OD1 . ASN A 1 122 ? 3.692   -15.203 -1.247  1.00 65.57  ? 161 ASN A OD1 1 
ATOM   959  N  ND2 . ASN A 1 122 ? 1.830   -14.949 -0.012  1.00 61.59  ? 161 ASN A ND2 1 
ATOM   960  N  N   . SER A 1 123 ? 2.186   -13.328 -5.584  1.00 45.18  ? 162 SER A N   1 
ATOM   961  C  CA  . SER A 1 123 ? 1.484   -13.105 -6.865  1.00 51.73  ? 162 SER A CA  1 
ATOM   962  C  C   . SER A 1 123 ? 0.059   -13.672 -6.758  1.00 44.28  ? 162 SER A C   1 
ATOM   963  O  O   . SER A 1 123 ? -0.113  -14.748 -6.163  1.00 44.88  ? 162 SER A O   1 
ATOM   964  C  CB  . SER A 1 123 ? 2.272   -13.727 -7.989  1.00 55.44  ? 162 SER A CB  1 
ATOM   965  O  OG  . SER A 1 123 ? 1.868   -13.166 -9.224  1.00 74.15  ? 162 SER A OG  1 
ATOM   966  N  N   . LEU A 1 124 ? -0.929  -12.947 -7.270  1.00 41.52  ? 163 LEU A N   1 
ATOM   967  C  CA  . LEU A 1 124 ? -2.350  -13.380 -7.387  1.00 46.67  ? 163 LEU A CA  1 
ATOM   968  C  C   . LEU A 1 124 ? -3.033  -13.464 -6.012  1.00 46.87  ? 163 LEU A C   1 
ATOM   969  O  O   . LEU A 1 124 ? -4.062  -14.155 -5.892  1.00 48.31  ? 163 LEU A O   1 
ATOM   970  C  CB  . LEU A 1 124 ? -2.405  -14.715 -8.135  1.00 53.85  ? 163 LEU A CB  1 
ATOM   971  C  CG  . LEU A 1 124 ? -1.784  -14.691 -9.533  1.00 54.56  ? 163 LEU A CG  1 
ATOM   972  C  CD1 . LEU A 1 124 ? -1.662  -16.100 -10.089 1.00 56.53  ? 163 LEU A CD1 1 
ATOM   973  C  CD2 . LEU A 1 124 ? -2.603  -13.810 -10.469 1.00 52.85  ? 163 LEU A CD2 1 
ATOM   974  N  N   . HIS A 1 125 ? -2.519  -12.743 -5.023  1.00 45.05  ? 164 HIS A N   1 
ATOM   975  C  CA  . HIS A 1 125 ? -3.199  -12.505 -3.726  1.00 45.43  ? 164 HIS A CA  1 
ATOM   976  C  C   . HIS A 1 125 ? -3.653  -11.055 -3.720  1.00 41.62  ? 164 HIS A C   1 
ATOM   977  O  O   . HIS A 1 125 ? -2.983  -10.201 -4.363  1.00 42.54  ? 164 HIS A O   1 
ATOM   978  C  CB  . HIS A 1 125 ? -2.314  -12.924 -2.547  1.00 47.14  ? 164 HIS A CB  1 
ATOM   979  C  CG  . HIS A 1 125 ? -2.232  -14.408 -2.439  1.00 57.49  ? 164 HIS A CG  1 
ATOM   980  N  ND1 . HIS A 1 125 ? -1.534  -15.178 -3.358  1.00 64.87  ? 164 HIS A ND1 1 
ATOM   981  C  CD2 . HIS A 1 125 ? -2.806  -15.280 -1.581  1.00 60.73  ? 164 HIS A CD2 1 
ATOM   982  C  CE1 . HIS A 1 125 ? -1.664  -16.461 -3.054  1.00 58.61  ? 164 HIS A CE1 1 
ATOM   983  N  NE2 . HIS A 1 125 ? -2.435  -16.549 -1.968  1.00 58.84  ? 164 HIS A NE2 1 
ATOM   984  N  N   . LYS A 1 126 ? -4.799  -10.817 -3.103  1.00 37.25  ? 165 LYS A N   1 
ATOM   985  C  CA  . LYS A 1 126 ? -5.413  -9.481  -3.016  1.00 40.51  ? 165 LYS A CA  1 
ATOM   986  C  C   . LYS A 1 126 ? -4.897  -8.818  -1.729  1.00 42.25  ? 165 LYS A C   1 
ATOM   987  O  O   . LYS A 1 126 ? -4.807  -9.495  -0.689  1.00 36.16  ? 165 LYS A O   1 
ATOM   988  C  CB  . LYS A 1 126 ? -6.924  -9.628  -3.107  1.00 40.65  ? 165 LYS A CB  1 
ATOM   989  C  CG  . LYS A 1 126 ? -7.685  -8.330  -2.950  1.00 47.13  ? 165 LYS A CG  1 
ATOM   990  C  CD  . LYS A 1 126 ? -9.149  -8.516  -3.119  1.00 47.83  ? 165 LYS A CD  1 
ATOM   991  C  CE  . LYS A 1 126 ? -9.514  -8.734  -4.569  1.00 56.13  ? 165 LYS A CE  1 
ATOM   992  N  NZ  . LYS A 1 126 ? -10.878 -8.232  -4.856  1.00 57.18  ? 165 LYS A NZ  1 
ATOM   993  N  N   . TYR A 1 127 ? -4.531  -7.541  -1.798  1.00 36.46  ? 166 TYR A N   1 
ATOM   994  C  CA  . TYR A 1 127 ? -3.821  -6.868  -0.679  1.00 34.83  ? 166 TYR A CA  1 
ATOM   995  C  C   . TYR A 1 127 ? -4.491  -5.541  -0.388  1.00 34.17  ? 166 TYR A C   1 
ATOM   996  O  O   . TYR A 1 127 ? -4.989  -4.895  -1.316  1.00 34.86  ? 166 TYR A O   1 
ATOM   997  C  CB  . TYR A 1 127 ? -2.344  -6.634  -0.974  1.00 31.88  ? 166 TYR A CB  1 
ATOM   998  C  CG  . TYR A 1 127 ? -1.535  -7.887  -0.937  1.00 34.32  ? 166 TYR A CG  1 
ATOM   999  C  CD1 . TYR A 1 127 ? -1.071  -8.426  0.250   1.00 33.02  ? 166 TYR A CD1 1 
ATOM   1000 C  CD2 . TYR A 1 127 ? -1.270  -8.562  -2.112  1.00 35.48  ? 166 TYR A CD2 1 
ATOM   1001 C  CE1 . TYR A 1 127 ? -0.340  -9.599  0.263   1.00 34.41  ? 166 TYR A CE1 1 
ATOM   1002 C  CE2 . TYR A 1 127 ? -0.541  -9.727  -2.113  1.00 36.52  ? 166 TYR A CE2 1 
ATOM   1003 C  CZ  . TYR A 1 127 ? -0.087  -10.258 -0.927  1.00 39.26  ? 166 TYR A CZ  1 
ATOM   1004 O  OH  . TYR A 1 127 ? 0.637   -11.413 -1.003  1.00 45.26  ? 166 TYR A OH  1 
ATOM   1005 N  N   . GLU A 1 128 ? -4.447  -5.153  0.885   1.00 34.97  ? 167 GLU A N   1 
ATOM   1006 C  CA  . GLU A 1 128 ? -4.978  -3.859  1.361   1.00 37.05  ? 167 GLU A CA  1 
ATOM   1007 C  C   . GLU A 1 128 ? -3.838  -3.092  2.006   1.00 34.47  ? 167 GLU A C   1 
ATOM   1008 O  O   . GLU A 1 128 ? -3.352  -3.516  3.058   1.00 34.99  ? 167 GLU A O   1 
ATOM   1009 C  CB  . GLU A 1 128 ? -6.098  -4.071  2.384   1.00 36.87  ? 167 GLU A CB  1 
ATOM   1010 C  CG  . GLU A 1 128 ? -6.722  -2.772  2.808   1.00 37.06  ? 167 GLU A CG  1 
ATOM   1011 C  CD  . GLU A 1 128 ? -8.051  -2.970  3.508   1.00 37.48  ? 167 GLU A CD  1 
ATOM   1012 O  OE1 . GLU A 1 128 ? -8.015  -3.277  4.689   1.00 35.14  ? 167 GLU A OE1 1 
ATOM   1013 O  OE2 . GLU A 1 128 ? -9.077  -2.884  2.833   1.00 36.96  ? 167 GLU A OE2 1 
ATOM   1014 N  N   . PRO A 1 129 ? -3.331  -2.019  1.359   1.00 31.86  ? 168 PRO A N   1 
ATOM   1015 C  CA  . PRO A 1 129 ? -2.346  -1.146  1.983   1.00 33.68  ? 168 PRO A CA  1 
ATOM   1016 C  C   . PRO A 1 129 ? -2.796  -0.631  3.360   1.00 34.15  ? 168 PRO A C   1 
ATOM   1017 O  O   . PRO A 1 129 ? -3.966  -0.343  3.558   1.00 32.20  ? 168 PRO A O   1 
ATOM   1018 C  CB  . PRO A 1 129 ? -2.178  0.012   0.997   1.00 34.66  ? 168 PRO A CB  1 
ATOM   1019 C  CG  . PRO A 1 129 ? -2.502  -0.656  -0.359  1.00 35.71  ? 168 PRO A CG  1 
ATOM   1020 C  CD  . PRO A 1 129 ? -3.615  -1.641  -0.039  1.00 34.75  ? 168 PRO A CD  1 
ATOM   1021 N  N   . ARG A 1 130 ? -1.836  -0.558  4.269   1.00 34.01  ? 169 ARG A N   1 
ATOM   1022 C  CA  . ARG A 1 130 ? -2.041  -0.147  5.682   1.00 31.37  ? 169 ARG A CA  1 
ATOM   1023 C  C   . ARG A 1 130 ? -0.794  0.616   6.135   1.00 31.88  ? 169 ARG A C   1 
ATOM   1024 O  O   . ARG A 1 130 ? 0.349   0.152   5.877   1.00 34.99  ? 169 ARG A O   1 
ATOM   1025 C  CB  . ARG A 1 130 ? -2.303  -1.385  6.553   1.00 34.88  ? 169 ARG A CB  1 
ATOM   1026 C  CG  . ARG A 1 130 ? -2.622  -1.082  8.013   1.00 35.09  ? 169 ARG A CG  1 
ATOM   1027 C  CD  . ARG A 1 130 ? -2.937  -2.351  8.788   1.00 35.93  ? 169 ARG A CD  1 
ATOM   1028 N  NE  . ARG A 1 130 ? -1.771  -3.228  8.824   1.00 33.30  ? 169 ARG A NE  1 
ATOM   1029 C  CZ  . ARG A 1 130 ? -1.691  -4.375  9.456   1.00 35.45  ? 169 ARG A CZ  1 
ATOM   1030 N  NH1 . ARG A 1 130 ? -2.733  -4.863  10.123  1.00 35.61  ? 169 ARG A NH1 1 
ATOM   1031 N  NH2 . ARG A 1 130 ? -0.538  -5.022  9.436   1.00 34.03  ? 169 ARG A NH2 1 
ATOM   1032 N  N   . ILE A 1 131 ? -0.984  1.723   6.825   1.00 33.13  ? 170 ILE A N   1 
ATOM   1033 C  CA  . ILE A 1 131 ? 0.147   2.441   7.479   1.00 36.75  ? 170 ILE A CA  1 
ATOM   1034 C  C   . ILE A 1 131 ? 0.017   2.320   8.998   1.00 40.25  ? 170 ILE A C   1 
ATOM   1035 O  O   . ILE A 1 131 ? -1.134  2.129   9.504   1.00 35.83  ? 170 ILE A O   1 
ATOM   1036 C  CB  . ILE A 1 131 ? 0.212   3.908   7.013   1.00 38.66  ? 170 ILE A CB  1 
ATOM   1037 C  CG1 . ILE A 1 131 ? -1.046  4.670   7.421   1.00 40.43  ? 170 ILE A CG1 1 
ATOM   1038 C  CG2 . ILE A 1 131 ? 0.430   3.983   5.504   1.00 39.58  ? 170 ILE A CG2 1 
ATOM   1039 C  CD1 . ILE A 1 131 ? -0.912  6.170   7.342   1.00 42.41  ? 170 ILE A CD1 1 
ATOM   1040 N  N   . HIS A 1 132 ? 1.183   2.381   9.654   1.00 38.44  ? 171 HIS A N   1 
ATOM   1041 C  CA  . HIS A 1 132 ? 1.410   2.590   11.093  1.00 38.19  ? 171 HIS A CA  1 
ATOM   1042 C  C   . HIS A 1 132 ? 2.125   3.929   11.263  1.00 40.30  ? 171 HIS A C   1 
ATOM   1043 O  O   . HIS A 1 132 ? 3.160   4.184   10.548  1.00 38.71  ? 171 HIS A O   1 
ATOM   1044 C  CB  . HIS A 1 132 ? 2.179   1.410   11.679  1.00 39.09  ? 171 HIS A CB  1 
ATOM   1045 C  CG  . HIS A 1 132 ? 1.673   0.104   11.187  1.00 44.77  ? 171 HIS A CG  1 
ATOM   1046 N  ND1 . HIS A 1 132 ? 0.578   -0.511  11.747  1.00 43.02  ? 171 HIS A ND1 1 
ATOM   1047 C  CD2 . HIS A 1 132 ? 2.087   -0.687  10.176  1.00 44.64  ? 171 HIS A CD2 1 
ATOM   1048 C  CE1 . HIS A 1 132 ? 0.339   -1.627  11.109  1.00 43.44  ? 171 HIS A CE1 1 
ATOM   1049 N  NE2 . HIS A 1 132 ? 1.243   -1.751  10.128  1.00 45.88  ? 171 HIS A NE2 1 
ATOM   1050 N  N   . ILE A 1 133 ? 1.566   4.781   12.122  1.00 39.30  ? 172 ILE A N   1 
ATOM   1051 C  CA  . ILE A 1 133 ? 2.224   6.030   12.605  1.00 39.61  ? 172 ILE A CA  1 
ATOM   1052 C  C   . ILE A 1 133 ? 2.741   5.713   14.002  1.00 43.01  ? 172 ILE A C   1 
ATOM   1053 O  O   . ILE A 1 133 ? 1.901   5.454   14.926  1.00 36.51  ? 172 ILE A O   1 
ATOM   1054 C  CB  . ILE A 1 133 ? 1.266   7.226   12.576  1.00 45.95  ? 172 ILE A CB  1 
ATOM   1055 C  CG1 . ILE A 1 133 ? 0.740   7.454   11.158  1.00 44.84  ? 172 ILE A CG1 1 
ATOM   1056 C  CG2 . ILE A 1 133 ? 1.936   8.468   13.146  1.00 45.33  ? 172 ILE A CG2 1 
ATOM   1057 C  CD1 . ILE A 1 133 ? -0.366  8.476   11.085  1.00 47.72  ? 172 ILE A CD1 1 
ATOM   1058 N  N   . VAL A 1 134 ? 4.066   5.585   14.106  1.00 40.81  ? 173 VAL A N   1 
ATOM   1059 C  CA  . VAL A 1 134 ? 4.763   5.186   15.355  1.00 40.92  ? 173 VAL A CA  1 
ATOM   1060 C  C   . VAL A 1 134 ? 5.397   6.440   15.962  1.00 45.97  ? 173 VAL A C   1 
ATOM   1061 O  O   . VAL A 1 134 ? 6.324   7.014   15.348  1.00 44.77  ? 173 VAL A O   1 
ATOM   1062 C  CB  . VAL A 1 134 ? 5.809   4.089   15.108  1.00 38.13  ? 173 VAL A CB  1 
ATOM   1063 C  CG1 . VAL A 1 134 ? 6.412   3.616   16.423  1.00 37.22  ? 173 VAL A CG1 1 
ATOM   1064 C  CG2 . VAL A 1 134 ? 5.217   2.913   14.328  1.00 41.61  ? 173 VAL A CG2 1 
ATOM   1065 N  N   . ARG A 1 135 ? 4.895   6.857   17.127  0.74 48.89  ? 174 ARG A N   1 
ATOM   1066 C  CA  . ARG A 1 135 ? 5.517   7.906   17.981  0.74 51.68  ? 174 ARG A CA  1 
ATOM   1067 C  C   . ARG A 1 135 ? 6.813   7.346   18.569  0.74 49.25  ? 174 ARG A C   1 
ATOM   1068 O  O   . ARG A 1 135 ? 6.729   6.357   19.324  0.74 49.19  ? 174 ARG A O   1 
ATOM   1069 C  CB  . ARG A 1 135 ? 4.570   8.349   19.102  0.74 56.28  ? 174 ARG A CB  1 
ATOM   1070 C  CG  . ARG A 1 135 ? 5.213   9.288   20.113  0.74 61.64  ? 174 ARG A CG  1 
ATOM   1071 C  CD  . ARG A 1 135 ? 4.211   9.961   21.031  0.74 65.75  ? 174 ARG A CD  1 
ATOM   1072 N  NE  . ARG A 1 135 ? 4.638   11.313  21.378  0.74 69.68  ? 174 ARG A NE  1 
ATOM   1073 C  CZ  . ARG A 1 135 ? 3.833   12.290  21.795  0.74 72.38  ? 174 ARG A CZ  1 
ATOM   1074 N  NH1 . ARG A 1 135 ? 2.533   12.087  21.930  0.74 74.41  ? 174 ARG A NH1 1 
ATOM   1075 N  NH2 . ARG A 1 135 ? 4.334   13.485  22.066  0.74 72.54  ? 174 ARG A NH2 1 
ATOM   1076 N  N   . VAL A 1 136 ? 7.953   7.969   18.248  0.74 49.80  ? 175 VAL A N   1 
ATOM   1077 C  CA  . VAL A 1 136 ? 9.317   7.499   18.642  0.74 53.60  ? 175 VAL A CA  1 
ATOM   1078 C  C   . VAL A 1 136 ? 10.001  8.552   19.525  0.74 57.91  ? 175 VAL A C   1 
ATOM   1079 O  O   . VAL A 1 136 ? 9.607   9.737   19.475  0.74 56.20  ? 175 VAL A O   1 
ATOM   1080 C  CB  . VAL A 1 136 ? 10.185  7.180   17.409  0.74 54.77  ? 175 VAL A CB  1 
ATOM   1081 C  CG1 . VAL A 1 136 ? 9.890   5.795   16.850  0.74 56.66  ? 175 VAL A CG1 1 
ATOM   1082 C  CG2 . VAL A 1 136 ? 10.060  8.239   16.322  0.74 53.10  ? 175 VAL A CG2 1 
ATOM   1083 N  N   . GLY A 1 137 ? 11.018  8.127   20.280  1.00 61.81  ? 176 GLY A N   1 
ATOM   1084 C  CA  . GLY A 1 137 ? 11.853  9.034   21.096  1.00 74.16  ? 176 GLY A CA  1 
ATOM   1085 C  C   . GLY A 1 137 ? 11.197  9.393   22.419  1.00 89.40  ? 176 GLY A C   1 
ATOM   1086 O  O   . GLY A 1 137 ? 11.828  9.141   23.474  1.00 100.05 ? 176 GLY A O   1 
ATOM   1087 N  N   . GLY A 1 138 ? 10.001  9.997   22.360  1.00 88.11  ? 177 GLY A N   1 
ATOM   1088 C  CA  . GLY A 1 138 ? 9.112   10.241  23.510  1.00 87.31  ? 177 GLY A CA  1 
ATOM   1089 C  C   . GLY A 1 138 ? 9.151   9.083   24.501  1.00 87.00  ? 177 GLY A C   1 
ATOM   1090 O  O   . GLY A 1 138 ? 9.546   7.970   24.159  1.00 78.80  ? 177 GLY A O   1 
ATOM   1091 N  N   . PRO A 1 139 ? 8.739   9.319   25.762  1.00 93.93  ? 178 PRO A N   1 
ATOM   1092 C  CA  . PRO A 1 139 ? 8.802   8.285   26.791  1.00 93.87  ? 178 PRO A CA  1 
ATOM   1093 C  C   . PRO A 1 139 ? 7.761   7.205   26.464  1.00 99.48  ? 178 PRO A C   1 
ATOM   1094 O  O   . PRO A 1 139 ? 8.122   6.033   26.446  1.00 93.22  ? 178 PRO A O   1 
ATOM   1095 C  CB  . PRO A 1 139 ? 8.489   9.030   28.098  1.00 96.38  ? 178 PRO A CB  1 
ATOM   1096 C  CG  . PRO A 1 139 ? 7.727   10.283  27.671  1.00 95.62  ? 178 PRO A CG  1 
ATOM   1097 C  CD  . PRO A 1 139 ? 8.140   10.575  26.242  1.00 95.65  ? 178 PRO A CD  1 
ATOM   1098 N  N   . GLN A 1 140 ? 6.524   7.648   26.194  1.00 96.21  ? 179 GLN A N   1 
ATOM   1099 C  CA  . GLN A 1 140 ? 5.374   6.811   25.760  1.00 96.36  ? 179 GLN A CA  1 
ATOM   1100 C  C   . GLN A 1 140 ? 5.471   6.611   24.239  1.00 84.82  ? 179 GLN A C   1 
ATOM   1101 O  O   . GLN A 1 140 ? 5.103   7.529   23.471  1.00 78.22  ? 179 GLN A O   1 
ATOM   1102 C  CB  . GLN A 1 140 ? 4.047   7.433   26.216  1.00 100.90 ? 179 GLN A CB  1 
ATOM   1103 C  CG  . GLN A 1 140 ? 3.685   8.744   25.518  1.00 111.53 ? 179 GLN A CG  1 
ATOM   1104 C  CD  . GLN A 1 140 ? 3.113   9.797   26.441  1.00 117.10 ? 179 GLN A CD  1 
ATOM   1105 O  OE1 . GLN A 1 140 ? 1.990   10.268  26.265  1.00 117.99 ? 179 GLN A OE1 1 
ATOM   1106 N  NE2 . GLN A 1 140 ? 3.901   10.200  27.425  1.00 117.50 ? 179 GLN A NE2 1 
ATOM   1107 N  N   . ARG A 1 141 ? 6.008   5.461   23.832  1.00 74.51  ? 180 ARG A N   1 
ATOM   1108 C  CA  . ARG A 1 141 ? 5.803   4.867   22.485  1.00 71.04  ? 180 ARG A CA  1 
ATOM   1109 C  C   . ARG A 1 141 ? 4.293   4.764   22.218  1.00 64.12  ? 180 ARG A C   1 
ATOM   1110 O  O   . ARG A 1 141 ? 3.537   4.500   23.175  1.00 52.04  ? 180 ARG A O   1 
ATOM   1111 C  CB  . ARG A 1 141 ? 6.477   3.495   22.435  1.00 75.88  ? 180 ARG A CB  1 
ATOM   1112 C  CG  . ARG A 1 141 ? 5.989   2.599   21.308  1.00 89.52  ? 180 ARG A CG  1 
ATOM   1113 C  CD  . ARG A 1 141 ? 7.106   1.724   20.789  1.00 93.24  ? 180 ARG A CD  1 
ATOM   1114 N  NE  . ARG A 1 141 ? 8.027   2.521   19.996  1.00 100.25 ? 180 ARG A NE  1 
ATOM   1115 C  CZ  . ARG A 1 141 ? 9.218   2.108   19.581  1.00 106.03 ? 180 ARG A CZ  1 
ATOM   1116 N  NH1 . ARG A 1 141 ? 9.979   2.907   18.853  1.00 96.28  ? 180 ARG A NH1 1 
ATOM   1117 N  NH2 . ARG A 1 141 ? 9.647   0.898   19.897  1.00 115.67 ? 180 ARG A NH2 1 
ATOM   1118 N  N   . MET A 1 142 ? 3.859   4.971   20.972  1.00 53.23  ? 181 MET A N   1 
ATOM   1119 C  CA  . MET A 1 142 ? 2.438   4.829   20.571  1.00 51.87  ? 181 MET A CA  1 
ATOM   1120 C  C   . MET A 1 142 ? 2.368   4.490   19.078  1.00 49.74  ? 181 MET A C   1 
ATOM   1121 O  O   . MET A 1 142 ? 3.206   5.012   18.315  1.00 41.33  ? 181 MET A O   1 
ATOM   1122 C  CB  . MET A 1 142 ? 1.645   6.111   20.844  1.00 51.62  ? 181 MET A CB  1 
ATOM   1123 C  CG  . MET A 1 142 ? 0.155   5.983   20.544  1.00 54.54  ? 181 MET A CG  1 
ATOM   1124 S  SD  . MET A 1 142 ? -0.668  4.558   21.327  1.00 54.49  ? 181 MET A SD  1 
ATOM   1125 C  CE  . MET A 1 142 ? -2.357  4.926   20.847  1.00 56.02  ? 181 MET A CE  1 
ATOM   1126 N  N   . ILE A 1 143 ? 1.400   3.656   18.690  1.00 41.88  ? 182 ILE A N   1 
ATOM   1127 C  CA  . ILE A 1 143 ? 1.129   3.302   17.266  1.00 41.82  ? 182 ILE A CA  1 
ATOM   1128 C  C   . ILE A 1 143 ? -0.327  3.628   16.950  1.00 44.91  ? 182 ILE A C   1 
ATOM   1129 O  O   . ILE A 1 143 ? -1.207  3.250   17.760  1.00 39.03  ? 182 ILE A O   1 
ATOM   1130 C  CB  . ILE A 1 143 ? 1.437   1.824   16.995  1.00 41.29  ? 182 ILE A CB  1 
ATOM   1131 C  CG1 . ILE A 1 143 ? 2.897   1.510   17.310  1.00 40.60  ? 182 ILE A CG1 1 
ATOM   1132 C  CG2 . ILE A 1 143 ? 1.044   1.430   15.574  1.00 43.22  ? 182 ILE A CG2 1 
ATOM   1133 C  CD1 . ILE A 1 143 ? 3.199   0.052   17.361  1.00 47.15  ? 182 ILE A CD1 1 
ATOM   1134 N  N   . THR A 1 144 ? -0.569  4.278   15.810  1.00 40.74  ? 183 THR A N   1 
ATOM   1135 C  CA  . THR A 1 144 ? -1.920  4.382   15.204  1.00 47.09  ? 183 THR A CA  1 
ATOM   1136 C  C   . THR A 1 144 ? -1.846  3.771   13.800  1.00 45.08  ? 183 THR A C   1 
ATOM   1137 O  O   . THR A 1 144 ? -0.885  4.107   13.030  1.00 37.89  ? 183 THR A O   1 
ATOM   1138 C  CB  . THR A 1 144 ? -2.478  5.811   15.240  1.00 44.87  ? 183 THR A CB  1 
ATOM   1139 O  OG1 . THR A 1 144 ? -1.921  6.476   14.116  1.00 68.19  ? 183 THR A OG1 1 
ATOM   1140 C  CG2 . THR A 1 144 ? -2.153  6.584   16.497  1.00 48.06  ? 183 THR A CG2 1 
ATOM   1141 N  N   . SER A 1 145 ? -2.800  2.882   13.497  1.00 43.04  ? 184 SER A N   1 
ATOM   1142 C  CA  . SER A 1 145 ? -2.871  2.144   12.214  1.00 39.06  ? 184 SER A CA  1 
ATOM   1143 C  C   . SER A 1 145 ? -4.070  2.613   11.419  1.00 42.03  ? 184 SER A C   1 
ATOM   1144 O  O   . SER A 1 145 ? -5.098  2.970   11.990  1.00 44.48  ? 184 SER A O   1 
ATOM   1145 C  CB  . SER A 1 145 ? -2.844  0.685   12.422  1.00 39.67  ? 184 SER A CB  1 
ATOM   1146 O  OG  . SER A 1 145 ? -1.652  0.360   13.133  1.00 41.27  ? 184 SER A OG  1 
ATOM   1147 N  N   . HIS A 1 146 ? -3.912  2.656   10.113  1.00 38.56  ? 185 HIS A N   1 
ATOM   1148 C  CA  . HIS A 1 146 ? -4.987  3.054   9.192   1.00 36.25  ? 185 HIS A CA  1 
ATOM   1149 C  C   . HIS A 1 146 ? -4.888  2.192   7.936   1.00 38.00  ? 185 HIS A C   1 
ATOM   1150 O  O   . HIS A 1 146 ? -3.765  2.059   7.365   1.00 40.15  ? 185 HIS A O   1 
ATOM   1151 C  CB  . HIS A 1 146 ? -4.916  4.543   8.866   1.00 39.54  ? 185 HIS A CB  1 
ATOM   1152 C  CG  . HIS A 1 146 ? -6.239  5.052   8.402   1.00 43.14  ? 185 HIS A CG  1 
ATOM   1153 N  ND1 . HIS A 1 146 ? -6.621  5.015   7.075   1.00 49.24  ? 185 HIS A ND1 1 
ATOM   1154 C  CD2 . HIS A 1 146 ? -7.306  5.509   9.089   1.00 46.52  ? 185 HIS A CD2 1 
ATOM   1155 C  CE1 . HIS A 1 146 ? -7.852  5.453   6.958   1.00 46.85  ? 185 HIS A CE1 1 
ATOM   1156 N  NE2 . HIS A 1 146 ? -8.290  5.766   8.172   1.00 48.35  ? 185 HIS A NE2 1 
ATOM   1157 N  N   A CYS A 1 147 ? -6.040  1.663   7.512   0.25 37.02  ? 186 CYS A N   1 
ATOM   1158 N  N   B CYS A 1 147 ? -5.992  1.576   7.501   0.25 35.41  ? 186 CYS A N   1 
ATOM   1159 C  CA  A CYS A 1 147 ? -6.223  0.866   6.274   0.25 36.81  ? 186 CYS A CA  1 
ATOM   1160 C  CA  B CYS A 1 147 ? -6.023  0.809   6.224   0.25 33.86  ? 186 CYS A CA  1 
ATOM   1161 C  C   A CYS A 1 147 ? -6.782  1.748   5.171   0.25 36.23  ? 186 CYS A C   1 
ATOM   1162 C  C   B CYS A 1 147 ? -6.855  1.582   5.195   0.25 34.61  ? 186 CYS A C   1 
ATOM   1163 O  O   A CYS A 1 147 ? -7.444  2.750   5.496   0.25 34.75  ? 186 CYS A O   1 
ATOM   1164 O  O   B CYS A 1 147 ? -7.735  2.364   5.594   0.25 33.58  ? 186 CYS A O   1 
ATOM   1165 C  CB  A CYS A 1 147 ? -7.193  -0.276  6.517   0.25 37.23  ? 186 CYS A CB  1 
ATOM   1166 C  CB  B CYS A 1 147 ? -6.478  -0.635  6.430   0.25 32.45  ? 186 CYS A CB  1 
ATOM   1167 S  SG  A CYS A 1 147 ? -6.419  -1.588  7.480   0.25 37.40  ? 186 CYS A SG  1 
ATOM   1168 S  SG  B CYS A 1 147 ? -8.125  -0.832  7.154   0.25 29.03  ? 186 CYS A SG  1 
ATOM   1169 N  N   . PHE A 1 148 ? -6.548  1.371   3.912   1.00 38.85  ? 187 PHE A N   1 
ATOM   1170 C  CA  . PHE A 1 148 ? -7.071  2.151   2.773   1.00 35.56  ? 187 PHE A CA  1 
ATOM   1171 C  C   . PHE A 1 148 ? -7.783  1.187   1.837   1.00 40.28  ? 187 PHE A C   1 
ATOM   1172 O  O   . PHE A 1 148 ? -7.172  0.720   0.875   1.00 38.92  ? 187 PHE A O   1 
ATOM   1173 C  CB  . PHE A 1 148 ? -5.897  2.888   2.134   1.00 39.17  ? 187 PHE A CB  1 
ATOM   1174 C  CG  . PHE A 1 148 ? -5.218  3.863   3.054   1.00 38.79  ? 187 PHE A CG  1 
ATOM   1175 C  CD1 . PHE A 1 148 ? -5.714  5.154   3.193   1.00 39.83  ? 187 PHE A CD1 1 
ATOM   1176 C  CD2 . PHE A 1 148 ? -4.078  3.500   3.759   1.00 36.78  ? 187 PHE A CD2 1 
ATOM   1177 C  CE1 . PHE A 1 148 ? -5.085  6.066   4.030   1.00 44.94  ? 187 PHE A CE1 1 
ATOM   1178 C  CE2 . PHE A 1 148 ? -3.437  4.425   4.567   1.00 44.33  ? 187 PHE A CE2 1 
ATOM   1179 C  CZ  . PHE A 1 148 ? -3.949  5.700   4.716   1.00 41.40  ? 187 PHE A CZ  1 
ATOM   1180 N  N   . PRO A 1 149 ? -9.066  0.851   2.122   1.00 39.76  ? 188 PRO A N   1 
ATOM   1181 C  CA  . PRO A 1 149 ? -9.830  -0.069  1.289   1.00 40.22  ? 188 PRO A CA  1 
ATOM   1182 C  C   . PRO A 1 149 ? -9.813  0.333   -0.193  1.00 37.50  ? 188 PRO A C   1 
ATOM   1183 O  O   . PRO A 1 149 ? -9.828  -0.524  -1.015  1.00 37.46  ? 188 PRO A O   1 
ATOM   1184 C  CB  . PRO A 1 149 ? -11.256 0.044   1.842   1.00 38.50  ? 188 PRO A CB  1 
ATOM   1185 C  CG  . PRO A 1 149 ? -11.087 0.466   3.270   1.00 43.37  ? 188 PRO A CG  1 
ATOM   1186 C  CD  . PRO A 1 149 ? -9.822  1.289   3.306   1.00 41.23  ? 188 PRO A CD  1 
ATOM   1187 N  N   . GLU A 1 150 ? -9.800  1.640   -0.453  1.00 40.22  ? 189 GLU A N   1 
ATOM   1188 C  CA  . GLU A 1 150 ? -9.897  2.252   -1.803  1.00 44.19  ? 189 GLU A CA  1 
ATOM   1189 C  C   . GLU A 1 150 ? -8.668  1.824   -2.619  1.00 40.43  ? 189 GLU A C   1 
ATOM   1190 O  O   . GLU A 1 150 ? -8.727  1.859   -3.849  1.00 37.31  ? 189 GLU A O   1 
ATOM   1191 C  CB  . GLU A 1 150 ? -10.000 3.774   -1.644  1.00 47.96  ? 189 GLU A CB  1 
ATOM   1192 C  CG  . GLU A 1 150 ? -10.906 4.235   -0.493  1.00 53.49  ? 189 GLU A CG  1 
ATOM   1193 C  CD  . GLU A 1 150 ? -10.280 4.760   0.813   1.00 53.69  ? 189 GLU A CD  1 
ATOM   1194 O  OE1 . GLU A 1 150 ? -10.782 5.795   1.292   1.00 66.37  ? 189 GLU A OE1 1 
ATOM   1195 O  OE2 . GLU A 1 150 ? -9.332  4.144   1.396   1.00 34.26  ? 189 GLU A OE2 1 
ATOM   1196 N  N   . THR A 1 151 ? -7.582  1.417   -1.949  1.00 40.06  ? 190 THR A N   1 
ATOM   1197 C  CA  . THR A 1 151 ? -6.275  1.170   -2.603  1.00 38.86  ? 190 THR A CA  1 
ATOM   1198 C  C   . THR A 1 151 ? -6.018  -0.329  -2.748  1.00 36.97  ? 190 THR A C   1 
ATOM   1199 O  O   . THR A 1 151 ? -4.880  -0.666  -3.082  1.00 37.35  ? 190 THR A O   1 
ATOM   1200 C  CB  . THR A 1 151 ? -5.113  1.850   -1.863  1.00 36.98  ? 190 THR A CB  1 
ATOM   1201 O  OG1 . THR A 1 151 ? -4.887  1.224   -0.604  1.00 36.36  ? 190 THR A OG1 1 
ATOM   1202 C  CG2 . THR A 1 151 ? -5.349  3.325   -1.671  1.00 38.43  ? 190 THR A CG2 1 
ATOM   1203 N  N   . GLN A 1 152 ? -7.020  -1.179  -2.514  1.00 32.58  ? 191 GLN A N   1 
ATOM   1204 C  CA  . GLN A 1 152 ? -6.854  -2.647  -2.640  1.00 35.27  ? 191 GLN A CA  1 
ATOM   1205 C  C   . GLN A 1 152 ? -6.422  -3.002  -4.067  1.00 36.84  ? 191 GLN A C   1 
ATOM   1206 O  O   . GLN A 1 152 ? -6.848  -2.327  -5.008  1.00 35.99  ? 191 GLN A O   1 
ATOM   1207 C  CB  . GLN A 1 152 ? -8.147  -3.383  -2.314  1.00 39.58  ? 191 GLN A CB  1 
ATOM   1208 C  CG  . GLN A 1 152 ? -8.343  -3.618  -0.822  1.00 45.83  ? 191 GLN A CG  1 
ATOM   1209 C  CD  . GLN A 1 152 ? -9.638  -4.326  -0.534  1.00 50.72  ? 191 GLN A CD  1 
ATOM   1210 O  OE1 . GLN A 1 152 ? -10.393 -4.625  -1.455  1.00 55.40  ? 191 GLN A OE1 1 
ATOM   1211 N  NE2 . GLN A 1 152 ? -9.904  -4.578  0.745   1.00 56.37  ? 191 GLN A NE2 1 
ATOM   1212 N  N   . PHE A 1 153 ? -5.630  -4.062  -4.207  1.00 34.90  ? 192 PHE A N   1 
ATOM   1213 C  CA  . PHE A 1 153 ? -5.173  -4.532  -5.529  1.00 34.92  ? 192 PHE A CA  1 
ATOM   1214 C  C   . PHE A 1 153 ? -4.818  -6.005  -5.434  1.00 36.04  ? 192 PHE A C   1 
ATOM   1215 O  O   . PHE A 1 153 ? -4.475  -6.490  -4.349  1.00 33.39  ? 192 PHE A O   1 
ATOM   1216 C  CB  . PHE A 1 153 ? -3.945  -3.731  -6.010  1.00 33.38  ? 192 PHE A CB  1 
ATOM   1217 C  CG  . PHE A 1 153 ? -2.738  -3.833  -5.122  1.00 30.28  ? 192 PHE A CG  1 
ATOM   1218 C  CD1 . PHE A 1 153 ? -1.867  -4.899  -5.226  1.00 34.39  ? 192 PHE A CD1 1 
ATOM   1219 C  CD2 . PHE A 1 153 ? -2.506  -2.894  -4.138  1.00 33.24  ? 192 PHE A CD2 1 
ATOM   1220 C  CE1 . PHE A 1 153 ? -0.764  -5.000  -4.390  1.00 34.30  ? 192 PHE A CE1 1 
ATOM   1221 C  CE2 . PHE A 1 153 ? -1.409  -3.001  -3.306  1.00 31.78  ? 192 PHE A CE2 1 
ATOM   1222 C  CZ  . PHE A 1 153 ? -0.540  -4.050  -3.430  1.00 33.82  ? 192 PHE A CZ  1 
ATOM   1223 N  N   . ILE A 1 154 ? -4.776  -6.645  -6.596  1.00 36.06  ? 193 ILE A N   1 
ATOM   1224 C  CA  . ILE A 1 154 ? -4.173  -7.993  -6.756  1.00 36.65  ? 193 ILE A CA  1 
ATOM   1225 C  C   . ILE A 1 154 ? -2.755  -7.797  -7.272  1.00 37.34  ? 193 ILE A C   1 
ATOM   1226 O  O   . ILE A 1 154 ? -2.581  -7.016  -8.218  1.00 44.03  ? 193 ILE A O   1 
ATOM   1227 C  CB  . ILE A 1 154 ? -5.046  -8.831  -7.705  1.00 39.96  ? 193 ILE A CB  1 
ATOM   1228 C  CG1 . ILE A 1 154 ? -6.485  -8.880  -7.180  1.00 45.59  ? 193 ILE A CG1 1 
ATOM   1229 C  CG2 . ILE A 1 154 ? -4.427  -10.206 -7.908  1.00 38.36  ? 193 ILE A CG2 1 
ATOM   1230 C  CD1 . ILE A 1 154 ? -7.448  -9.609  -8.081  1.00 49.82  ? 193 ILE A CD1 1 
ATOM   1231 N  N   . ALA A 1 155 ? -1.784  -8.433  -6.629  1.00 33.28  ? 194 ALA A N   1 
ATOM   1232 C  CA  . ALA A 1 155 ? -0.384  -8.501  -7.086  1.00 37.16  ? 194 ALA A CA  1 
ATOM   1233 C  C   . ALA A 1 155 ? -0.329  -9.416  -8.323  1.00 42.38  ? 194 ALA A C   1 
ATOM   1234 O  O   . ALA A 1 155 ? -0.881  -10.544 -8.257  1.00 43.43  ? 194 ALA A O   1 
ATOM   1235 C  CB  . ALA A 1 155 ? 0.486   -8.990  -5.953  1.00 37.41  ? 194 ALA A CB  1 
ATOM   1236 N  N   . VAL A 1 156 ? 0.219   -8.920  -9.433  1.00 39.64  ? 195 VAL A N   1 
ATOM   1237 C  CA  . VAL A 1 156 ? 0.269   -9.648  -10.741 1.00 44.64  ? 195 VAL A CA  1 
ATOM   1238 C  C   . VAL A 1 156 ? 1.663   -9.481  -11.367 1.00 43.94  ? 195 VAL A C   1 
ATOM   1239 O  O   . VAL A 1 156 ? 2.331   -8.479  -11.094 1.00 42.10  ? 195 VAL A O   1 
ATOM   1240 C  CB  . VAL A 1 156 ? -0.840  -9.184  -11.702 1.00 42.54  ? 195 VAL A CB  1 
ATOM   1241 C  CG1 . VAL A 1 156 ? -2.225  -9.298  -11.074 1.00 42.17  ? 195 VAL A CG1 1 
ATOM   1242 C  CG2 . VAL A 1 156 ? -0.595  -7.779  -12.238 1.00 42.45  ? 195 VAL A CG2 1 
ATOM   1243 N  N   . THR A 1 157 ? 2.128   -10.455 -12.147 1.00 44.67  ? 196 THR A N   1 
ATOM   1244 C  CA  . THR A 1 157 ? 3.409   -10.306 -12.890 1.00 46.57  ? 196 THR A CA  1 
ATOM   1245 C  C   . THR A 1 157 ? 3.174   -9.558  -14.206 1.00 40.21  ? 196 THR A C   1 
ATOM   1246 O  O   . THR A 1 157 ? 4.146   -9.061  -14.712 1.00 43.01  ? 196 THR A O   1 
ATOM   1247 C  CB  . THR A 1 157 ? 4.097   -11.643 -13.164 1.00 47.57  ? 196 THR A CB  1 
ATOM   1248 O  OG1 . THR A 1 157 ? 3.225   -12.299 -14.077 1.00 50.49  ? 196 THR A OG1 1 
ATOM   1249 C  CG2 . THR A 1 157 ? 4.333   -12.452 -11.909 1.00 44.67  ? 196 THR A CG2 1 
ATOM   1250 N  N   . ALA A 1 158 ? 1.937   -9.445  -14.696 1.00 44.09  ? 197 ALA A N   1 
ATOM   1251 C  CA  . ALA A 1 158 ? 1.537   -8.580  -15.839 1.00 45.19  ? 197 ALA A CA  1 
ATOM   1252 C  C   . ALA A 1 158 ? 0.049   -8.268  -15.743 1.00 41.83  ? 197 ALA A C   1 
ATOM   1253 O  O   . ALA A 1 158 ? -0.660  -9.069  -15.134 1.00 43.43  ? 197 ALA A O   1 
ATOM   1254 C  CB  . ALA A 1 158 ? 1.837   -9.262  -17.152 1.00 48.00  ? 197 ALA A CB  1 
ATOM   1255 N  N   . TYR A 1 159 ? -0.405  -7.165  -16.343 1.00 40.69  ? 198 TYR A N   1 
ATOM   1256 C  CA  . TYR A 1 159 ? -1.817  -6.747  -16.301 1.00 40.85  ? 198 TYR A CA  1 
ATOM   1257 C  C   . TYR A 1 159 ? -2.676  -7.762  -17.063 1.00 47.51  ? 198 TYR A C   1 
ATOM   1258 O  O   . TYR A 1 159 ? -2.268  -8.283  -18.100 1.00 47.61  ? 198 TYR A O   1 
ATOM   1259 C  CB  . TYR A 1 159 ? -1.971  -5.313  -16.799 1.00 46.00  ? 198 TYR A CB  1 
ATOM   1260 C  CG  . TYR A 1 159 ? -1.248  -4.298  -15.951 1.00 45.18  ? 198 TYR A CG  1 
ATOM   1261 C  CD1 . TYR A 1 159 ? -1.409  -4.284  -14.573 1.00 47.03  ? 198 TYR A CD1 1 
ATOM   1262 C  CD2 . TYR A 1 159 ? -0.392  -3.369  -16.519 1.00 43.23  ? 198 TYR A CD2 1 
ATOM   1263 C  CE1 . TYR A 1 159 ? -0.754  -3.359  -13.780 1.00 46.25  ? 198 TYR A CE1 1 
ATOM   1264 C  CE2 . TYR A 1 159 ? 0.291   -2.449  -15.741 1.00 46.77  ? 198 TYR A CE2 1 
ATOM   1265 C  CZ  . TYR A 1 159 ? 0.091   -2.438  -14.370 1.00 45.21  ? 198 TYR A CZ  1 
ATOM   1266 O  OH  . TYR A 1 159 ? 0.743   -1.556  -13.583 1.00 42.63  ? 198 TYR A OH  1 
ATOM   1267 N  N   . GLN A 1 160 ? -3.846  -8.067  -16.504 1.00 44.54  ? 199 GLN A N   1 
ATOM   1268 C  CA  . GLN A 1 160 ? -4.830  -9.019  -17.065 1.00 45.38  ? 199 GLN A CA  1 
ATOM   1269 C  C   . GLN A 1 160 ? -5.951  -8.218  -17.698 1.00 43.80  ? 199 GLN A C   1 
ATOM   1270 O  O   . GLN A 1 160 ? -6.351  -8.509  -18.801 1.00 45.32  ? 199 GLN A O   1 
ATOM   1271 C  CB  . GLN A 1 160 ? -5.380  -9.886  -15.936 1.00 49.54  ? 199 GLN A CB  1 
ATOM   1272 C  CG  . GLN A 1 160 ? -4.302  -10.720 -15.269 1.00 52.37  ? 199 GLN A CG  1 
ATOM   1273 C  CD  . GLN A 1 160 ? -3.718  -11.673 -16.275 1.00 54.49  ? 199 GLN A CD  1 
ATOM   1274 O  OE1 . GLN A 1 160 ? -4.423  -12.493 -16.849 1.00 58.71  ? 199 GLN A OE1 1 
ATOM   1275 N  NE2 . GLN A 1 160 ? -2.426  -11.547 -16.515 1.00 60.12  ? 199 GLN A NE2 1 
ATOM   1276 N  N   . ASN A 1 161 ? -6.426  -7.223  -16.966 1.00 43.29  ? 200 ASN A N   1 
ATOM   1277 C  CA  . ASN A 1 161 ? -7.539  -6.361  -17.386 1.00 45.62  ? 200 ASN A CA  1 
ATOM   1278 C  C   . ASN A 1 161 ? -6.919  -5.151  -18.093 1.00 46.55  ? 200 ASN A C   1 
ATOM   1279 O  O   . ASN A 1 161 ? -6.283  -4.332  -17.419 1.00 42.50  ? 200 ASN A O   1 
ATOM   1280 C  CB  . ASN A 1 161 ? -8.395  -6.015  -16.178 1.00 43.18  ? 200 ASN A CB  1 
ATOM   1281 C  CG  . ASN A 1 161 ? -9.562  -5.140  -16.537 1.00 40.78  ? 200 ASN A CG  1 
ATOM   1282 O  OD1 . ASN A 1 161 ? -9.822  -4.907  -17.710 1.00 45.23  ? 200 ASN A OD1 1 
ATOM   1283 N  ND2 . ASN A 1 161 ? -10.226 -4.603  -15.532 1.00 45.12  ? 200 ASN A ND2 1 
ATOM   1284 N  N   . GLU A 1 162 ? -7.127  -5.050  -19.406 1.00 48.63  ? 201 GLU A N   1 
ATOM   1285 C  CA  . GLU A 1 162 ? -6.606  -3.942  -20.256 1.00 46.75  ? 201 GLU A CA  1 
ATOM   1286 C  C   . GLU A 1 162 ? -7.218  -2.615  -19.775 1.00 38.99  ? 201 GLU A C   1 
ATOM   1287 O  O   . GLU A 1 162 ? -6.593  -1.579  -19.929 1.00 43.19  ? 201 GLU A O   1 
ATOM   1288 C  CB  . GLU A 1 162 ? -6.920  -4.244  -21.722 1.00 49.58  ? 201 GLU A CB  1 
ATOM   1289 C  CG  . GLU A 1 162 ? -8.128  -3.494  -22.245 1.00 60.81  ? 201 GLU A CG  1 
ATOM   1290 C  CD  . GLU A 1 162 ? -9.054  -4.221  -23.207 1.00 71.45  ? 201 GLU A CD  1 
ATOM   1291 O  OE1 . GLU A 1 162 ? -9.154  -3.784  -24.379 1.00 63.34  ? 201 GLU A OE1 1 
ATOM   1292 O  OE2 . GLU A 1 162 ? -9.720  -5.182  -22.758 1.00 89.14  ? 201 GLU A OE2 1 
ATOM   1293 N  N   . GLU A 1 163 ? -8.414  -2.640  -19.207 1.00 41.68  ? 202 GLU A N   1 
ATOM   1294 C  CA  . GLU A 1 163 ? -9.033  -1.418  -18.643 1.00 45.42  ? 202 GLU A CA  1 
ATOM   1295 C  C   . GLU A 1 163 ? -8.092  -0.825  -17.584 1.00 38.64  ? 202 GLU A C   1 
ATOM   1296 O  O   . GLU A 1 163 ? -8.030  0.392   -17.481 1.00 40.89  ? 202 GLU A O   1 
ATOM   1297 C  CB  . GLU A 1 163 ? -10.409 -1.734  -18.064 1.00 49.08  ? 202 GLU A CB  1 
ATOM   1298 C  CG  . GLU A 1 163 ? -11.503 -1.857  -19.101 1.00 54.60  ? 202 GLU A CG  1 
ATOM   1299 C  CD  . GLU A 1 163 ? -12.851 -2.085  -18.440 1.00 65.33  ? 202 GLU A CD  1 
ATOM   1300 O  OE1 . GLU A 1 163 ? -13.782 -1.269  -18.667 1.00 71.60  ? 202 GLU A OE1 1 
ATOM   1301 O  OE2 . GLU A 1 163 ? -12.946 -3.044  -17.652 1.00 74.73  ? 202 GLU A OE2 1 
ATOM   1302 N  N   . ILE A 1 164 ? -7.339  -1.664  -16.871 1.00 40.48  ? 203 ILE A N   1 
ATOM   1303 C  CA  . ILE A 1 164 ? -6.368  -1.211  -15.829 1.00 41.32  ? 203 ILE A CA  1 
ATOM   1304 C  C   . ILE A 1 164 ? -5.139  -0.646  -16.551 1.00 39.56  ? 203 ILE A C   1 
ATOM   1305 O  O   . ILE A 1 164 ? -4.704  0.468   -16.225 1.00 38.66  ? 203 ILE A O   1 
ATOM   1306 C  CB  . ILE A 1 164 ? -6.032  -2.371  -14.867 1.00 39.47  ? 203 ILE A CB  1 
ATOM   1307 C  CG1 . ILE A 1 164 ? -7.245  -2.721  -14.003 1.00 41.64  ? 203 ILE A CG1 1 
ATOM   1308 C  CG2 . ILE A 1 164 ? -4.804  -2.084  -14.008 1.00 41.55  ? 203 ILE A CG2 1 
ATOM   1309 C  CD1 . ILE A 1 164 ? -7.555  -1.682  -12.932 1.00 45.13  ? 203 ILE A CD1 1 
ATOM   1310 N  N   . THR A 1 165 ? -4.575  -1.415  -17.476 1.00 43.01  ? 204 THR A N   1 
ATOM   1311 C  CA  . THR A 1 165 ? -3.464  -0.955  -18.343 1.00 42.07  ? 204 THR A CA  1 
ATOM   1312 C  C   . THR A 1 165 ? -3.814  0.453   -18.836 1.00 39.47  ? 204 THR A C   1 
ATOM   1313 O  O   . THR A 1 165 ? -3.006  1.359   -18.610 1.00 44.97  ? 204 THR A O   1 
ATOM   1314 C  CB  . THR A 1 165 ? -3.209  -1.961  -19.464 1.00 43.39  ? 204 THR A CB  1 
ATOM   1315 O  OG1 . THR A 1 165 ? -3.232  -3.254  -18.863 1.00 40.01  ? 204 THR A OG1 1 
ATOM   1316 C  CG2 . THR A 1 165 ? -1.897  -1.728  -20.178 1.00 46.30  ? 204 THR A CG2 1 
ATOM   1317 N  N   . ALA A 1 166 ? -5.007  0.656   -19.401 1.00 40.93  ? 205 ALA A N   1 
ATOM   1318 C  CA  . ALA A 1 166 ? -5.403  1.972   -19.980 1.00 43.74  ? 205 ALA A CA  1 
ATOM   1319 C  C   . ALA A 1 166 ? -5.406  3.063   -18.903 1.00 44.31  ? 205 ALA A C   1 
ATOM   1320 O  O   . ALA A 1 166 ? -4.946  4.187   -19.181 1.00 38.03  ? 205 ALA A O   1 
ATOM   1321 C  CB  . ALA A 1 166 ? -6.744  1.874   -20.658 1.00 45.11  ? 205 ALA A CB  1 
ATOM   1322 N  N   . LEU A 1 167 ? -5.964  2.786   -17.717 1.00 46.04  ? 206 LEU A N   1 
ATOM   1323 C  CA  . LEU A 1 167 ? -6.075  3.816   -16.656 1.00 44.06  ? 206 LEU A CA  1 
ATOM   1324 C  C   . LEU A 1 167 ? -4.675  4.211   -16.209 1.00 36.94  ? 206 LEU A C   1 
ATOM   1325 O  O   . LEU A 1 167 ? -4.457  5.413   -16.021 1.00 42.73  ? 206 LEU A O   1 
ATOM   1326 C  CB  . LEU A 1 167 ? -6.868  3.286   -15.456 1.00 48.10  ? 206 LEU A CB  1 
ATOM   1327 C  CG  . LEU A 1 167 ? -8.323  3.732   -15.302 1.00 52.75  ? 206 LEU A CG  1 
ATOM   1328 C  CD1 . LEU A 1 167 ? -8.695  3.778   -13.825 1.00 54.14  ? 206 LEU A CD1 1 
ATOM   1329 C  CD2 . LEU A 1 167 ? -8.621  5.082   -15.941 1.00 55.17  ? 206 LEU A CD2 1 
ATOM   1330 N  N   . LYS A 1 168 ? -3.800  3.220   -16.014 1.00 36.55  ? 207 LYS A N   1 
ATOM   1331 C  CA  . LYS A 1 168 ? -2.407  3.403   -15.542 1.00 40.27  ? 207 LYS A CA  1 
ATOM   1332 C  C   . LYS A 1 168 ? -1.707  4.377   -16.497 1.00 45.50  ? 207 LYS A C   1 
ATOM   1333 O  O   . LYS A 1 168 ? -1.126  5.382   -16.034 1.00 47.72  ? 207 LYS A O   1 
ATOM   1334 C  CB  . LYS A 1 168 ? -1.617  2.091   -15.517 1.00 37.56  ? 207 LYS A CB  1 
ATOM   1335 C  CG  . LYS A 1 168 ? -2.156  1.004   -14.606 1.00 42.45  ? 207 LYS A CG  1 
ATOM   1336 C  CD  . LYS A 1 168 ? -1.611  1.026   -13.201 1.00 43.24  ? 207 LYS A CD  1 
ATOM   1337 C  CE  . LYS A 1 168 ? -2.243  -0.033  -12.326 1.00 40.62  ? 207 LYS A CE  1 
ATOM   1338 N  NZ  . LYS A 1 168 ? -1.369  -0.400  -11.200 1.00 45.16  ? 207 LYS A NZ  1 
ATOM   1339 N  N   . ILE A 1 169 ? -1.805  4.116   -17.800 1.00 42.31  ? 208 ILE A N   1 
ATOM   1340 C  CA  . ILE A 1 169 ? -1.129  4.969   -18.818 1.00 40.42  ? 208 ILE A CA  1 
ATOM   1341 C  C   . ILE A 1 169 ? -1.821  6.337   -18.815 1.00 43.43  ? 208 ILE A C   1 
ATOM   1342 O  O   . ILE A 1 169 ? -1.126  7.366   -18.816 1.00 42.45  ? 208 ILE A O   1 
ATOM   1343 C  CB  . ILE A 1 169 ? -1.145  4.265   -20.188 1.00 39.37  ? 208 ILE A CB  1 
ATOM   1344 C  CG1 . ILE A 1 169 ? -0.237  3.034   -20.160 1.00 36.50  ? 208 ILE A CG1 1 
ATOM   1345 C  CG2 . ILE A 1 169 ? -0.767  5.258   -21.280 1.00 41.79  ? 208 ILE A CG2 1 
ATOM   1346 C  CD1 . ILE A 1 169 ? -0.560  2.020   -21.214 1.00 40.35  ? 208 ILE A CD1 1 
ATOM   1347 N  N   . LYS A 1 170 ? -3.149  6.368   -18.769 1.00 41.64  ? 209 LYS A N   1 
ATOM   1348 C  CA  . LYS A 1 170 ? -3.878  7.653   -18.912 1.00 47.90  ? 209 LYS A CA  1 
ATOM   1349 C  C   . LYS A 1 170 ? -3.462  8.628   -17.806 1.00 45.90  ? 209 LYS A C   1 
ATOM   1350 O  O   . LYS A 1 170 ? -3.417  9.827   -18.098 1.00 47.23  ? 209 LYS A O   1 
ATOM   1351 C  CB  . LYS A 1 170 ? -5.394  7.452   -18.916 1.00 48.27  ? 209 LYS A CB  1 
ATOM   1352 C  CG  . LYS A 1 170 ? -6.210  8.698   -19.249 1.00 52.66  ? 209 LYS A CG  1 
ATOM   1353 C  CD  . LYS A 1 170 ? -7.696  8.393   -19.402 1.00 58.13  ? 209 LYS A CD  1 
ATOM   1354 C  CE  . LYS A 1 170 ? -8.468  9.393   -20.244 1.00 63.71  ? 209 LYS A CE  1 
ATOM   1355 N  NZ  . LYS A 1 170 ? -9.089  10.453  -19.417 1.00 67.17  ? 209 LYS A NZ  1 
ATOM   1356 N  N   . TYR A 1 171 ? -3.227  8.149   -16.580 1.00 49.35  ? 210 TYR A N   1 
ATOM   1357 C  CA  . TYR A 1 171 ? -3.042  9.014   -15.384 1.00 47.07  ? 210 TYR A CA  1 
ATOM   1358 C  C   . TYR A 1 171 ? -1.582  9.013   -14.916 1.00 48.94  ? 210 TYR A C   1 
ATOM   1359 O  O   . TYR A 1 171 ? -1.301  9.722   -13.951 1.00 47.67  ? 210 TYR A O   1 
ATOM   1360 C  CB  . TYR A 1 171 ? -4.068  8.645   -14.302 1.00 48.73  ? 210 TYR A CB  1 
ATOM   1361 C  CG  . TYR A 1 171 ? -5.470  9.043   -14.701 1.00 48.54  ? 210 TYR A CG  1 
ATOM   1362 C  CD1 . TYR A 1 171 ? -5.842  10.374  -14.707 1.00 54.97  ? 210 TYR A CD1 1 
ATOM   1363 C  CD2 . TYR A 1 171 ? -6.397  8.114   -15.154 1.00 50.06  ? 210 TYR A CD2 1 
ATOM   1364 C  CE1 . TYR A 1 171 ? -7.103  10.772  -15.125 1.00 56.92  ? 210 TYR A CE1 1 
ATOM   1365 C  CE2 . TYR A 1 171 ? -7.656  8.495   -15.593 1.00 51.87  ? 210 TYR A CE2 1 
ATOM   1366 C  CZ  . TYR A 1 171 ? -8.010  9.831   -15.577 1.00 56.54  ? 210 TYR A CZ  1 
ATOM   1367 O  OH  . TYR A 1 171 ? -9.242  10.238  -15.997 1.00 61.42  ? 210 TYR A OH  1 
ATOM   1368 N  N   . ASN A 1 172 ? -0.652  8.313   -15.574 1.00 52.29  ? 211 ASN A N   1 
ATOM   1369 C  CA  . ASN A 1 172 ? 0.784   8.429   -15.202 1.00 57.95  ? 211 ASN A CA  1 
ATOM   1370 C  C   . ASN A 1 172 ? 1.354   9.694   -15.857 1.00 75.36  ? 211 ASN A C   1 
ATOM   1371 O  O   . ASN A 1 172 ? 0.766   10.214  -16.809 1.00 73.58  ? 211 ASN A O   1 
ATOM   1372 C  CB  . ASN A 1 172 ? 1.565   7.135   -15.455 1.00 65.19  ? 211 ASN A CB  1 
ATOM   1373 C  CG  . ASN A 1 172 ? 1.825   6.793   -16.912 1.00 65.08  ? 211 ASN A CG  1 
ATOM   1374 O  OD1 . ASN A 1 172 ? 2.245   5.673   -17.207 1.00 61.33  ? 211 ASN A OD1 1 
ATOM   1375 N  ND2 . ASN A 1 172 ? 1.574   7.718   -17.828 1.00 54.49  ? 211 ASN A ND2 1 
HETATM 1376 CD CD  . CD  B 2 .   ? -8.346  -3.288  7.200   0.50 34.77  ? 301 CD  A CD  1 
HETATM 1377 CD CD  . CD  C 2 .   ? -10.623 -3.732  4.403   1.00 37.21  ? 302 CD  A CD  1 
HETATM 1378 CD CD  . CD  D 2 .   ? 11.419  -8.612  4.133   1.00 81.36  ? 303 CD  A CD  1 
HETATM 1379 CD CD  . CD  E 2 .   ? -12.332 -18.031 2.266   1.00 46.25  ? 304 CD  A CD  1 
HETATM 1380 CD CD  . CD  F 2 .   ? 10.368  -8.521  7.736   1.00 78.28  ? 305 CD  A CD  1 
HETATM 1381 N  N1  . NZ7 G 3 .   ? 13.814  3.701   11.361  0.74 59.20  ? 306 NZ7 A N1  1 
HETATM 1382 C  C4  . NZ7 G 3 .   ? 14.492  2.585   14.006  0.74 66.88  ? 306 NZ7 A C4  1 
HETATM 1383 C  C5  . NZ7 G 3 .   ? 14.874  1.126   13.939  0.74 68.69  ? 306 NZ7 A C5  1 
HETATM 1384 C  C6  . NZ7 G 3 .   ? 12.621  0.743   14.622  0.74 65.83  ? 306 NZ7 A C6  1 
HETATM 1385 C  C7  . NZ7 G 3 .   ? 12.062  2.045   14.061  0.74 63.61  ? 306 NZ7 A C7  1 
HETATM 1386 C  C8  . NZ7 G 3 .   ? 10.877  1.772   13.096  0.74 61.55  ? 306 NZ7 A C8  1 
HETATM 1387 C  C10 . NZ7 G 3 .   ? 11.420  2.891   15.176  0.74 63.40  ? 306 NZ7 A C10 1 
HETATM 1388 C  C1  . NZ7 G 3 .   ? 14.651  2.559   10.978  0.74 61.85  ? 306 NZ7 A C1  1 
HETATM 1389 C  C2  . NZ7 G 3 .   ? 13.990  4.886   10.512  0.74 56.16  ? 306 NZ7 A C2  1 
HETATM 1390 C  C3  . NZ7 G 3 .   ? 12.949  3.678   12.367  0.74 63.32  ? 306 NZ7 A C3  1 
HETATM 1391 C  C9  . NZ7 G 3 .   ? 9.768   2.643   13.626  0.74 60.82  ? 306 NZ7 A C9  1 
HETATM 1392 N  N2  . NZ7 G 3 .   ? 13.161  2.810   13.409  0.74 64.50  ? 306 NZ7 A N2  1 
HETATM 1393 O  O1  . NZ7 G 3 .   ? 12.004  4.484   12.398  0.74 56.50  ? 306 NZ7 A O1  1 
HETATM 1394 O  O2  . NZ7 G 3 .   ? 13.735  0.277   13.850  0.74 67.93  ? 306 NZ7 A O2  1 
HETATM 1395 O  O3  . NZ7 G 3 .   ? 10.010  2.731   15.020  0.74 59.53  ? 306 NZ7 A O3  1 
HETATM 1396 O  O   . HOH H 4 .   ? -1.548  17.913  7.454   1.00 60.96  ? 401 HOH A O   1 
HETATM 1397 O  O   . HOH H 4 .   ? 0.673   11.944  18.964  1.00 47.33  ? 402 HOH A O   1 
HETATM 1398 O  O   . HOH H 4 .   ? 12.757  4.015   -0.091  1.00 45.71  ? 403 HOH A O   1 
HETATM 1399 O  O   . HOH H 4 .   ? -8.689  -5.905  -13.073 1.00 40.01  ? 404 HOH A O   1 
HETATM 1400 O  O   . HOH H 4 .   ? 4.022   -2.319  -8.260  1.00 41.13  ? 405 HOH A O   1 
HETATM 1401 O  O   . HOH H 4 .   ? 4.251   -14.901 -5.815  1.00 69.65  ? 406 HOH A O   1 
HETATM 1402 O  O   . HOH H 4 .   ? -9.756  1.888   -18.737 1.00 47.07  ? 407 HOH A O   1 
HETATM 1403 O  O   . HOH H 4 .   ? 0.088   15.358  5.805   1.00 48.16  ? 408 HOH A O   1 
HETATM 1404 O  O   . HOH H 4 .   ? 12.031  18.141  10.509  1.00 47.81  ? 409 HOH A O   1 
HETATM 1405 O  O   . HOH H 4 .   ? -11.112 -10.051 -0.497  1.00 39.85  ? 410 HOH A O   1 
HETATM 1406 O  O   . HOH H 4 .   ? 14.770  11.830  9.373   0.50 61.65  ? 411 HOH A O   1 
HETATM 1407 O  O   . HOH H 4 .   ? 5.929   2.995   -5.021  1.00 36.67  ? 412 HOH A O   1 
HETATM 1408 O  O   . HOH H 4 .   ? -2.880  8.712   -2.948  1.00 42.59  ? 413 HOH A O   1 
HETATM 1409 O  O   . HOH H 4 .   ? 6.727   13.044  3.716   1.00 52.16  ? 414 HOH A O   1 
HETATM 1410 O  O   . HOH H 4 .   ? 11.159  18.929  7.885   1.00 48.00  ? 415 HOH A O   1 
HETATM 1411 O  O   . HOH H 4 .   ? 3.225   -6.148  8.811   1.00 45.00  ? 416 HOH A O   1 
HETATM 1412 O  O   . HOH H 4 .   ? -5.753  -13.012 -1.606  1.00 39.70  ? 417 HOH A O   1 
HETATM 1413 O  O   . HOH H 4 .   ? 8.509   6.055   -0.490  1.00 35.15  ? 418 HOH A O   1 
HETATM 1414 O  O   . HOH H 4 .   ? -9.107  -3.115  -6.316  1.00 42.04  ? 419 HOH A O   1 
HETATM 1415 O  O   . HOH H 4 .   ? 9.608   14.913  1.922   1.00 69.53  ? 420 HOH A O   1 
HETATM 1416 O  O   . HOH H 4 .   ? 15.393  10.130  7.244   1.00 50.62  ? 421 HOH A O   1 
HETATM 1417 O  O   . HOH H 4 .   ? -3.103  1.347   17.226  1.00 49.53  ? 422 HOH A O   1 
HETATM 1418 O  O   . HOH H 4 .   ? 6.987   -8.970  2.662   1.00 48.09  ? 423 HOH A O   1 
HETATM 1419 O  O   . HOH H 4 .   ? -1.893  9.400   -5.517  1.00 50.91  ? 424 HOH A O   1 
HETATM 1420 O  O   . HOH H 4 .   ? 1.608   -5.937  -17.813 1.00 46.90  ? 425 HOH A O   1 
HETATM 1421 O  O   . HOH H 4 .   ? -7.307  0.330   -5.728  1.00 38.47  ? 426 HOH A O   1 
HETATM 1422 O  O   . HOH H 4 .   ? 4.951   15.330  4.412   1.00 48.02  ? 427 HOH A O   1 
HETATM 1423 O  O   . HOH H 4 .   ? -8.868  12.382  -1.903  1.00 59.08  ? 428 HOH A O   1 
HETATM 1424 O  O   . HOH H 4 .   ? 6.332   12.261  1.326   1.00 44.91  ? 429 HOH A O   1 
HETATM 1425 O  O   . HOH H 4 .   ? 2.806   3.682   -2.869  1.00 38.25  ? 430 HOH A O   1 
HETATM 1426 O  O   . HOH H 4 .   ? 10.827  -10.153 -12.769 1.00 55.60  ? 431 HOH A O   1 
HETATM 1427 O  O   . HOH H 4 .   ? -7.834  2.966   12.844  1.00 58.33  ? 432 HOH A O   1 
HETATM 1428 O  O   . HOH H 4 .   ? -10.565 -7.644  -20.149 1.00 63.14  ? 433 HOH A O   1 
HETATM 1429 O  O   . HOH H 4 .   ? 0.757   7.008   17.069  1.00 54.94  ? 434 HOH A O   1 
HETATM 1430 O  O   . HOH H 4 .   ? -8.369  -7.305  -20.753 1.00 47.42  ? 435 HOH A O   1 
HETATM 1431 O  O   . HOH H 4 .   ? -5.504  -3.970  10.278  1.00 36.34  ? 436 HOH A O   1 
HETATM 1432 O  O   . HOH H 4 .   ? -4.939  2.564   15.461  1.00 46.41  ? 437 HOH A O   1 
HETATM 1433 O  O   . HOH H 4 .   ? -4.329  11.969  -19.866 1.00 55.68  ? 438 HOH A O   1 
HETATM 1434 O  O   . HOH H 4 .   ? 10.967  -0.956  -1.234  1.00 41.13  ? 439 HOH A O   1 
HETATM 1435 O  O   . HOH H 4 .   ? -13.155 -8.839  -12.389 1.00 48.38  ? 440 HOH A O   1 
HETATM 1436 O  O   . HOH H 4 .   ? 10.962  12.088  0.355   1.00 62.70  ? 441 HOH A O   1 
HETATM 1437 O  O   . HOH H 4 .   ? 9.940   0.642   -10.568 1.00 40.23  ? 442 HOH A O   1 
HETATM 1438 O  O   . HOH H 4 .   ? 9.545   -6.031  8.379   1.00 43.41  ? 443 HOH A O   1 
HETATM 1439 O  O   . HOH H 4 .   ? -7.715  -20.176 -3.455  1.00 45.40  ? 444 HOH A O   1 
HETATM 1440 O  O   . HOH H 4 .   ? -10.527 1.442   6.595   1.00 71.19  ? 445 HOH A O   1 
HETATM 1441 O  O   . HOH H 4 .   ? 0.203   -12.849 -12.670 1.00 44.26  ? 446 HOH A O   1 
HETATM 1442 O  O   . HOH H 4 .   ? 10.132  -8.572  1.855   1.00 41.65  ? 447 HOH A O   1 
HETATM 1443 O  O   . HOH H 4 .   ? 11.610  -5.680  3.451   1.00 57.61  ? 448 HOH A O   1 
HETATM 1444 O  O   . HOH H 4 .   ? -8.484  8.831   10.858  1.00 53.22  ? 449 HOH A O   1 
HETATM 1445 O  O   . HOH H 4 .   ? -10.340 13.005  -4.948  1.00 59.11  ? 450 HOH A O   1 
HETATM 1446 O  O   . HOH H 4 .   ? 4.335   -7.070  -17.174 1.00 68.54  ? 451 HOH A O   1 
HETATM 1447 O  O   . HOH H 4 .   ? 14.633  6.431   -7.146  1.00 53.24  ? 452 HOH A O   1 
HETATM 1448 O  O   . HOH H 4 .   ? -8.431  1.370   9.650   1.00 25.31  ? 453 HOH A O   1 
HETATM 1449 O  O   . HOH H 4 .   ? 9.208   8.908   -0.692  1.00 49.78  ? 454 HOH A O   1 
HETATM 1450 O  O   . HOH H 4 .   ? -0.341  8.865   -7.926  1.00 48.53  ? 455 HOH A O   1 
HETATM 1451 O  O   . HOH H 4 .   ? -10.798 -5.959  3.744   1.00 24.61  ? 456 HOH A O   1 
HETATM 1452 O  O   . HOH H 4 .   ? 8.566   11.245  -0.240  1.00 62.28  ? 457 HOH A O   1 
HETATM 1453 O  O   . HOH H 4 .   ? -13.020 -15.978 2.245   1.00 31.82  ? 458 HOH A O   1 
HETATM 1454 O  O   . HOH H 4 .   ? -6.359  -4.419  7.558   0.50 34.26  ? 459 HOH A O   1 
HETATM 1455 O  O   . HOH H 4 .   ? -11.033 -18.545 3.900   1.00 38.28  ? 460 HOH A O   1 
HETATM 1456 O  O   . HOH H 4 .   ? 7.947   -0.158  14.773  1.00 35.11  ? 461 HOH A O   1 
HETATM 1457 O  O   . HOH H 4 .   ? -13.414 1.068   -21.369 1.00 51.87  ? 462 HOH A O   1 
HETATM 1458 O  O   . HOH H 4 .   ? -8.904  4.422   -19.433 1.00 56.70  ? 463 HOH A O   1 
HETATM 1459 O  O   . HOH H 4 .   ? -3.232  7.985   -22.292 1.00 54.67  ? 464 HOH A O   1 
HETATM 1460 O  O   . HOH H 4 .   ? 9.982   19.792  10.918  1.00 57.90  ? 465 HOH A O   1 
HETATM 1461 O  O   . HOH H 4 .   ? -13.636 1.550   -1.307  1.00 66.63  ? 466 HOH A O   1 
HETATM 1462 O  O   . HOH H 4 .   ? 14.110  6.105   -0.975  1.00 47.26  ? 467 HOH A O   1 
HETATM 1463 O  O   . HOH H 4 .   ? 0.740   9.078   18.819  1.00 41.13  ? 468 HOH A O   1 
HETATM 1464 O  O   . HOH H 4 .   ? -1.578  -4.428  -23.669 1.00 59.92  ? 469 HOH A O   1 
HETATM 1465 O  O   . HOH H 4 .   ? 12.896  -8.056  6.617   1.00 48.00  ? 470 HOH A O   1 
HETATM 1466 O  O   . HOH H 4 .   ? 11.236  -11.250 7.095   1.00 65.14  ? 471 HOH A O   1 
# 
